data_4PF9
#
_entry.id   4PF9
#
_cell.length_a   79.254
_cell.length_b   116.419
_cell.length_c   124.470
_cell.angle_alpha   90.00
_cell.angle_beta   97.60
_cell.angle_gamma   90.00
#
_symmetry.space_group_name_H-M   'P 1 21 1'
#
loop_
_entity.id
_entity.type
_entity.pdbx_description
1 polymer 'Insulin-degrading enzyme'
2 non-polymer 'methyl [(2S)-2-[4-({5-[4-({(2S)-2-[(3S)-3-amino-2-oxopiperidin-1-yl]-2-cyclohexylacetyl}amino)phenyl]pentyl}oxy)phenyl]-3-(quinolin-3-yl)propyl]carbamate'
3 non-polymer 'ZINC ION'
4 water water
#
_entity_poly.entity_id   1
_entity_poly.type   'polypeptide(L)'
_entity_poly.pdbx_seq_one_letter_code
;MGHHHHHHGRAMNNPAIKRIGNHITKSPEDKREYRGLELANGIKVLLISDPTTDKSSAALDVHIGSLSDPPNIAGLSHFL
QHMLFLGTKKYPKENEYSQFLSEHAGSSNAFTSGEHTNYYFDVSHEHLEGALDRFAQFFLSPLFDESAKDREVNAVDSEH
EKNVMNDAWRLFQLEKATGNPKHPFSKFGTGNKYTLETRPNQEGIDVRQELLKFHSAYYSSNLMAVVVLGRESLDDLTNL
VVKLFSEVENKNVPLPEFPEHPFQEEHLKQLYKIVPIKDIRNLYVTFPIPDLQKYYKSNPGHYLGHLIGHEGPGSLLSEL
KSKGWVNTLVGGQKEGARGFMFFIINVDLTEEGLLHVEDIILHMFQYIQKLRAEGPQEWVFQELKDLNAVAFRFKDKERP
RGYTSKIAGILHYYPLEEVLTAEYLLEEFRPDLIEMVLDKLRPENVRVAIVSKSFEGKTDRTEEWYGTQYKQEAIPDEVI
KKWQNADLNGKFKLPTKNEFIPTNFEILPLEKEATPYPALIKDTAMSKLWFKQDDKFFLPKANLNFEFFSPFAYVDPLHS
NMAYLYLELLKDSLNEYAYAAELAGLSYDLQNTIYGMYLSVKGYNDKQPILLKKIIEKMATFEIDEKRFEIIKEAYMRSL
NNFRAEQPHQHAMYYLRLLMTEVAWTKDELKEALDDVTLPRLKAFIPQLLSRLHIEALLHGNITKQAALGIMQMVEDTLI
EHAHTKPLLPSQLVRYREVQLPDRGWFVYQQRNEVHNNSGIEIYYQTDMQSTSENMFLELFAQIISEPAFNTLRTKEQLG
YIVFSGPRRANGIQGLRFIIQSEKPPHYLESRVEAFLITMEKSIEDMTEEAFQKHIQALAIRRLDKPKKLSAESAKYWGE
IISQQYNFDRDNTEVAYLKTLTKEDIIKFYKEMLAVDAPRRHKVSVHVLAREMDSNPVVGEFPAQNDINLSQAPALPQPE
VIQNMTEFKRGLPLFPLVKPHINFMAAKL
;
_entity_poly.pdbx_strand_id   A,B
#
# COMPACT_ATOMS: atom_id res chain seq x y z
N ASN A 13 -26.55 53.72 47.36
CA ASN A 13 -26.42 54.99 46.65
C ASN A 13 -27.34 55.09 45.42
N ASN A 14 -27.44 54.01 44.62
CA ASN A 14 -28.29 53.96 43.42
C ASN A 14 -29.66 53.33 43.72
N PRO A 15 -30.79 54.05 43.43
CA PRO A 15 -32.13 53.47 43.72
C PRO A 15 -32.51 52.27 42.84
N ALA A 16 -31.92 52.19 41.62
CA ALA A 16 -32.14 51.11 40.64
C ALA A 16 -31.53 49.77 41.09
N ILE A 17 -30.67 49.80 42.13
CA ILE A 17 -30.02 48.62 42.69
C ILE A 17 -30.61 48.34 44.08
N LYS A 18 -31.23 47.15 44.23
CA LYS A 18 -31.84 46.66 45.46
C LYS A 18 -30.74 46.31 46.50
N ARG A 19 -29.76 45.48 46.09
CA ARG A 19 -28.65 45.03 46.94
C ARG A 19 -27.45 44.58 46.12
N ILE A 20 -26.24 44.99 46.53
CA ILE A 20 -24.97 44.57 45.91
C ILE A 20 -24.49 43.42 46.77
N GLY A 21 -24.42 42.22 46.18
CA GLY A 21 -24.00 41.00 46.86
C GLY A 21 -22.64 41.10 47.51
N ASN A 22 -22.39 40.25 48.52
CA ASN A 22 -21.12 40.20 49.25
C ASN A 22 -20.00 39.57 48.38
N HIS A 23 -18.88 39.13 48.98
CA HIS A 23 -17.80 38.53 48.18
C HIS A 23 -18.30 37.27 47.46
N ILE A 24 -18.13 37.24 46.11
CA ILE A 24 -18.50 36.10 45.27
C ILE A 24 -17.33 35.13 45.37
N THR A 25 -17.57 33.98 46.03
CA THR A 25 -16.57 32.94 46.27
C THR A 25 -16.07 32.36 44.93
N LYS A 26 -14.74 32.34 44.76
CA LYS A 26 -14.14 31.85 43.53
C LYS A 26 -12.89 31.03 43.81
N SER A 27 -12.30 30.44 42.75
CA SER A 27 -11.07 29.67 42.88
C SER A 27 -9.87 30.65 43.03
N PRO A 28 -8.88 30.33 43.90
CA PRO A 28 -7.71 31.22 44.05
C PRO A 28 -6.93 31.41 42.74
N GLU A 29 -7.04 30.44 41.83
CA GLU A 29 -6.42 30.43 40.52
C GLU A 29 -7.19 31.32 39.54
N ASP A 30 -8.43 31.72 39.89
CA ASP A 30 -9.27 32.56 39.04
C ASP A 30 -8.87 34.04 39.16
N LYS A 31 -8.43 34.63 38.04
CA LYS A 31 -7.97 36.04 37.97
C LYS A 31 -9.10 37.01 37.52
N ARG A 32 -10.24 36.44 37.10
CA ARG A 32 -11.43 37.16 36.69
C ARG A 32 -12.09 37.76 37.93
N GLU A 33 -12.66 38.98 37.82
CA GLU A 33 -13.28 39.63 38.96
C GLU A 33 -14.81 39.57 38.89
N TYR A 34 -15.43 39.33 40.04
CA TYR A 34 -16.88 39.13 40.10
C TYR A 34 -17.65 40.07 41.01
N ARG A 35 -18.81 40.55 40.52
CA ARG A 35 -19.74 41.37 41.27
C ARG A 35 -21.15 40.88 41.00
N GLY A 36 -21.85 40.54 42.07
CA GLY A 36 -23.24 40.12 42.04
C GLY A 36 -24.12 41.22 42.59
N LEU A 37 -25.34 41.34 42.03
CA LEU A 37 -26.33 42.34 42.46
C LEU A 37 -27.73 42.04 41.97
N GLU A 38 -28.72 42.54 42.72
CA GLU A 38 -30.13 42.46 42.36
C GLU A 38 -30.60 43.86 42.02
N LEU A 39 -31.28 44.00 40.89
CA LEU A 39 -31.84 45.27 40.44
C LEU A 39 -33.20 45.48 41.13
N ALA A 40 -33.73 46.72 41.11
CA ALA A 40 -35.00 47.10 41.74
C ALA A 40 -36.22 46.37 41.11
N ASN A 41 -36.12 45.99 39.82
CA ASN A 41 -37.18 45.23 39.14
C ASN A 41 -37.13 43.69 39.44
N GLY A 42 -36.18 43.27 40.28
CA GLY A 42 -36.03 41.88 40.67
C GLY A 42 -35.06 41.02 39.87
N ILE A 43 -34.35 41.62 38.88
CA ILE A 43 -33.36 40.91 38.06
C ILE A 43 -32.12 40.59 38.87
N LYS A 44 -31.73 39.30 38.85
CA LYS A 44 -30.51 38.83 39.50
C LYS A 44 -29.37 38.97 38.47
N VAL A 45 -28.27 39.61 38.87
CA VAL A 45 -27.15 39.88 37.96
C VAL A 45 -25.82 39.42 38.53
N LEU A 46 -24.94 38.99 37.61
CA LEU A 46 -23.53 38.71 37.83
C LEU A 46 -22.74 39.37 36.72
N LEU A 47 -21.79 40.20 37.14
CA LEU A 47 -20.88 40.93 36.25
C LEU A 47 -19.50 40.27 36.36
N ILE A 48 -18.93 39.92 35.18
CA ILE A 48 -17.62 39.28 35.09
C ILE A 48 -16.64 40.21 34.38
N SER A 49 -15.58 40.63 35.09
CA SER A 49 -14.56 41.54 34.56
C SER A 49 -13.29 40.76 34.21
N ASP A 50 -13.03 40.61 32.90
CA ASP A 50 -11.83 39.94 32.43
C ASP A 50 -11.07 40.83 31.43
N PRO A 51 -10.15 41.69 31.93
CA PRO A 51 -9.37 42.56 30.99
C PRO A 51 -8.51 41.79 29.96
N THR A 52 -8.45 40.47 30.11
CA THR A 52 -7.74 39.47 29.32
C THR A 52 -8.56 38.96 28.10
N THR A 53 -9.90 38.89 28.25
CA THR A 53 -10.84 38.29 27.28
C THR A 53 -10.75 38.87 25.86
N ASP A 54 -10.89 37.98 24.86
CA ASP A 54 -10.93 38.34 23.45
C ASP A 54 -12.37 38.53 23.02
N LYS A 55 -13.30 37.77 23.65
CA LYS A 55 -14.74 37.88 23.36
C LYS A 55 -15.53 38.22 24.62
N SER A 56 -16.38 39.24 24.51
CA SER A 56 -17.25 39.69 25.60
C SER A 56 -18.62 39.06 25.40
N SER A 57 -19.25 38.68 26.49
CA SER A 57 -20.51 37.97 26.39
C SER A 57 -21.55 38.44 27.37
N ALA A 58 -22.81 38.11 27.09
CA ALA A 58 -23.96 38.36 27.94
C ALA A 58 -25.05 37.33 27.73
N ALA A 59 -25.83 37.09 28.76
CA ALA A 59 -26.93 36.13 28.74
C ALA A 59 -28.08 36.56 29.62
N LEU A 60 -29.29 36.25 29.16
CA LEU A 60 -30.52 36.47 29.92
C LEU A 60 -31.28 35.15 29.95
N ASP A 61 -31.70 34.78 31.14
CA ASP A 61 -32.48 33.57 31.36
C ASP A 61 -33.80 33.90 32.05
N VAL A 62 -34.91 33.62 31.36
CA VAL A 62 -36.27 33.79 31.88
C VAL A 62 -36.67 32.47 32.53
N HIS A 63 -37.10 32.51 33.82
CA HIS A 63 -37.51 31.32 34.55
C HIS A 63 -38.92 30.82 34.12
N ILE A 64 -39.19 30.84 32.80
CA ILE A 64 -40.42 30.38 32.15
C ILE A 64 -40.02 29.56 30.91
N GLY A 65 -40.71 28.44 30.74
CA GLY A 65 -40.47 27.55 29.61
C GLY A 65 -41.69 26.77 29.17
N SER A 66 -41.48 25.71 28.39
CA SER A 66 -42.48 24.85 27.76
C SER A 66 -43.46 24.12 28.72
N LEU A 67 -43.21 24.12 30.04
CA LEU A 67 -44.16 23.51 30.96
C LEU A 67 -45.33 24.44 31.22
N SER A 68 -45.17 25.73 30.85
CA SER A 68 -46.17 26.78 31.02
C SER A 68 -46.98 27.01 29.72
N ASP A 69 -46.61 26.30 28.63
CA ASP A 69 -47.28 26.35 27.32
C ASP A 69 -48.80 26.20 27.42
N PRO A 70 -49.59 26.94 26.60
CA PRO A 70 -51.06 26.78 26.69
C PRO A 70 -51.55 25.50 25.99
N PRO A 71 -52.69 24.92 26.42
CA PRO A 71 -53.17 23.68 25.78
C PRO A 71 -53.36 23.74 24.25
N ASN A 72 -53.79 24.92 23.75
CA ASN A 72 -54.05 25.25 22.35
C ASN A 72 -52.80 25.24 21.48
N ILE A 73 -51.68 25.79 21.98
CA ILE A 73 -50.43 25.83 21.21
C ILE A 73 -49.28 25.16 21.98
N ALA A 74 -48.88 23.98 21.48
CA ALA A 74 -47.74 23.22 21.98
C ALA A 74 -46.50 23.75 21.25
N GLY A 75 -45.54 24.24 22.03
CA GLY A 75 -44.30 24.82 21.54
C GLY A 75 -44.27 26.34 21.55
N LEU A 76 -45.25 26.98 22.22
CA LEU A 76 -45.39 28.43 22.30
C LEU A 76 -44.21 29.17 22.96
N SER A 77 -43.65 28.64 24.08
CA SER A 77 -42.49 29.28 24.73
C SER A 77 -41.32 29.26 23.75
N HIS A 78 -41.18 28.14 23.02
CA HIS A 78 -40.14 27.92 22.04
C HIS A 78 -40.35 28.78 20.80
N PHE A 79 -41.62 28.99 20.38
CA PHE A 79 -41.93 29.85 19.25
C PHE A 79 -41.63 31.31 19.63
N LEU A 80 -41.98 31.70 20.88
CA LEU A 80 -41.68 33.02 21.43
C LEU A 80 -40.17 33.25 21.40
N GLN A 81 -39.35 32.19 21.74
CA GLN A 81 -37.88 32.18 21.72
C GLN A 81 -37.35 32.70 20.38
N HIS A 82 -38.03 32.37 19.28
CA HIS A 82 -37.70 32.78 17.92
C HIS A 82 -38.26 34.18 17.60
N MET A 83 -39.57 34.38 17.83
CA MET A 83 -40.31 35.62 17.53
C MET A 83 -39.87 36.86 18.33
N LEU A 84 -39.25 36.67 19.53
CA LEU A 84 -38.80 37.77 20.38
C LEU A 84 -37.58 38.51 19.82
N PHE A 85 -36.66 37.77 19.17
CA PHE A 85 -35.43 38.36 18.67
C PHE A 85 -35.53 38.78 17.19
N LEU A 86 -36.73 39.26 16.80
CA LEU A 86 -37.06 39.75 15.46
C LEU A 86 -37.65 41.16 15.57
N GLY A 87 -36.77 42.16 15.43
CA GLY A 87 -37.12 43.58 15.47
C GLY A 87 -37.46 44.12 16.84
N THR A 88 -37.13 45.40 17.03
CA THR A 88 -37.38 46.18 18.26
C THR A 88 -37.74 47.61 17.88
N LYS A 89 -38.30 48.42 18.81
CA LYS A 89 -38.69 49.79 18.50
C LYS A 89 -37.45 50.65 18.16
N LYS A 90 -36.33 50.46 18.89
CA LYS A 90 -35.05 51.15 18.68
C LYS A 90 -34.36 50.66 17.40
N TYR A 91 -34.36 49.34 17.17
CA TYR A 91 -33.76 48.75 15.96
C TYR A 91 -34.87 47.98 15.19
N PRO A 92 -35.65 48.70 14.34
CA PRO A 92 -36.77 48.06 13.63
C PRO A 92 -36.38 46.93 12.68
N LYS A 93 -35.14 46.99 12.14
CA LYS A 93 -34.61 45.98 11.25
C LYS A 93 -34.55 44.64 11.98
N GLU A 94 -35.23 43.62 11.41
CA GLU A 94 -35.37 42.25 11.92
C GLU A 94 -34.00 41.57 12.14
N ASN A 95 -33.08 41.70 11.16
CA ASN A 95 -31.76 41.09 11.22
C ASN A 95 -30.63 42.00 11.76
N GLU A 96 -30.96 43.05 12.56
CA GLU A 96 -29.99 44.00 13.13
C GLU A 96 -28.97 43.36 14.07
N TYR A 97 -29.47 42.65 15.10
CA TYR A 97 -28.72 41.92 16.13
C TYR A 97 -27.78 40.91 15.47
N SER A 98 -28.31 40.11 14.53
CA SER A 98 -27.59 39.11 13.76
C SER A 98 -26.45 39.74 12.93
N GLN A 99 -26.76 40.88 12.25
CA GLN A 99 -25.82 41.64 11.43
C GLN A 99 -24.71 42.26 12.27
N PHE A 100 -25.08 42.98 13.38
CA PHE A 100 -24.13 43.63 14.29
C PHE A 100 -23.09 42.65 14.83
N LEU A 101 -23.54 41.48 15.35
CA LEU A 101 -22.67 40.44 15.87
C LEU A 101 -21.82 39.83 14.76
N SER A 102 -22.40 39.59 13.57
CA SER A 102 -21.65 39.06 12.42
C SER A 102 -20.53 40.04 11.98
N GLU A 103 -20.82 41.37 12.00
CA GLU A 103 -19.93 42.49 11.64
C GLU A 103 -18.82 42.71 12.67
N HIS A 104 -19.00 42.22 13.92
CA HIS A 104 -18.05 42.40 15.01
C HIS A 104 -17.57 41.09 15.66
N ALA A 105 -17.35 40.04 14.82
CA ALA A 105 -16.85 38.70 15.19
C ALA A 105 -17.58 38.04 16.40
N GLY A 106 -18.90 38.18 16.40
CA GLY A 106 -19.77 37.64 17.43
C GLY A 106 -20.60 36.45 16.97
N SER A 107 -21.48 36.00 17.86
CA SER A 107 -22.38 34.86 17.65
C SER A 107 -23.46 34.95 18.71
N SER A 108 -24.61 34.36 18.42
CA SER A 108 -25.76 34.34 19.33
C SER A 108 -26.55 33.06 19.20
N ASN A 109 -27.22 32.67 20.30
CA ASN A 109 -28.11 31.51 20.34
C ASN A 109 -29.04 31.58 21.55
N ALA A 110 -29.98 30.63 21.59
CA ALA A 110 -30.95 30.49 22.65
C ALA A 110 -31.43 29.04 22.72
N PHE A 111 -32.07 28.69 23.85
CA PHE A 111 -32.71 27.40 24.07
C PHE A 111 -33.91 27.58 24.97
N THR A 112 -34.89 26.67 24.81
CA THR A 112 -36.09 26.59 25.63
C THR A 112 -36.08 25.20 26.27
N SER A 113 -36.22 25.18 27.58
CA SER A 113 -36.34 23.99 28.39
C SER A 113 -37.74 24.13 29.00
N GLY A 114 -38.12 23.24 29.91
CA GLY A 114 -39.42 23.29 30.55
C GLY A 114 -39.63 24.46 31.48
N GLU A 115 -38.55 24.94 32.13
CA GLU A 115 -38.64 26.03 33.12
C GLU A 115 -37.79 27.25 32.79
N HIS A 116 -37.09 27.26 31.65
CA HIS A 116 -36.19 28.34 31.27
C HIS A 116 -36.14 28.59 29.78
N THR A 117 -36.02 29.87 29.42
CA THR A 117 -35.77 30.34 28.06
C THR A 117 -34.53 31.24 28.18
N ASN A 118 -33.38 30.68 27.80
CA ASN A 118 -32.06 31.29 27.89
C ASN A 118 -31.68 31.88 26.54
N TYR A 119 -31.19 33.14 26.55
CA TYR A 119 -30.76 33.96 25.40
C TYR A 119 -29.31 34.44 25.65
N TYR A 120 -28.41 34.25 24.66
CA TYR A 120 -26.99 34.60 24.82
C TYR A 120 -26.26 34.98 23.52
N PHE A 121 -25.11 35.66 23.67
CA PHE A 121 -24.25 36.07 22.56
C PHE A 121 -22.83 36.26 23.05
N ASP A 122 -21.91 36.33 22.11
CA ASP A 122 -20.51 36.74 22.30
C ASP A 122 -20.20 37.75 21.18
N VAL A 123 -19.19 38.59 21.39
CA VAL A 123 -18.79 39.63 20.42
C VAL A 123 -17.34 40.00 20.72
N SER A 124 -16.68 40.74 19.80
CA SER A 124 -15.32 41.23 20.04
C SER A 124 -15.41 42.18 21.26
N HIS A 125 -14.42 42.11 22.19
CA HIS A 125 -14.38 42.90 23.44
C HIS A 125 -14.63 44.40 23.27
N GLU A 126 -14.29 44.97 22.11
CA GLU A 126 -14.46 46.39 21.79
C GLU A 126 -15.92 46.81 21.51
N HIS A 127 -16.87 45.85 21.45
CA HIS A 127 -18.27 46.12 21.06
C HIS A 127 -19.36 45.56 22.00
N LEU A 128 -19.06 45.52 23.31
CA LEU A 128 -20.01 45.03 24.29
C LEU A 128 -21.25 45.91 24.38
N GLU A 129 -21.08 47.24 24.57
CA GLU A 129 -22.18 48.23 24.69
C GLU A 129 -23.16 48.18 23.52
N GLY A 130 -22.64 48.10 22.29
CA GLY A 130 -23.43 48.05 21.07
C GLY A 130 -24.28 46.82 20.91
N ALA A 131 -23.68 45.66 21.23
CA ALA A 131 -24.33 44.33 21.17
C ALA A 131 -25.34 44.15 22.29
N LEU A 132 -24.98 44.61 23.51
CA LEU A 132 -25.84 44.53 24.70
C LEU A 132 -27.03 45.45 24.61
N ASP A 133 -26.85 46.63 23.97
CA ASP A 133 -27.92 47.59 23.75
C ASP A 133 -28.99 46.97 22.84
N ARG A 134 -28.55 46.31 21.75
CA ARG A 134 -29.40 45.62 20.78
C ARG A 134 -30.13 44.44 21.43
N PHE A 135 -29.43 43.69 22.30
CA PHE A 135 -29.93 42.55 23.07
C PHE A 135 -31.01 42.99 24.07
N ALA A 136 -30.72 44.04 24.88
CA ALA A 136 -31.62 44.59 25.91
C ALA A 136 -32.94 45.13 25.36
N GLN A 137 -32.93 45.68 24.13
CA GLN A 137 -34.13 46.24 23.51
C GLN A 137 -35.26 45.18 23.31
N PHE A 138 -34.94 43.86 23.22
CA PHE A 138 -35.95 42.79 23.05
C PHE A 138 -36.67 42.52 24.37
N PHE A 139 -36.09 43.00 25.48
CA PHE A 139 -36.67 42.80 26.80
C PHE A 139 -37.31 44.09 27.28
N LEU A 140 -37.36 45.08 26.36
CA LEU A 140 -37.96 46.39 26.60
C LEU A 140 -39.10 46.65 25.59
N SER A 141 -38.80 46.64 24.28
CA SER A 141 -39.76 46.97 23.24
C SER A 141 -39.82 46.01 22.01
N PRO A 142 -40.08 44.69 22.19
CA PRO A 142 -40.17 43.80 21.01
C PRO A 142 -41.36 44.08 20.06
N LEU A 143 -41.21 43.73 18.76
CA LEU A 143 -42.22 43.95 17.71
C LEU A 143 -42.86 42.66 17.14
N PHE A 144 -42.10 41.54 17.15
CA PHE A 144 -42.51 40.20 16.68
C PHE A 144 -42.97 40.19 15.21
N ASP A 145 -42.27 40.98 14.34
CA ASP A 145 -42.49 41.18 12.90
C ASP A 145 -43.31 40.08 12.22
N GLU A 146 -44.54 40.42 11.80
CA GLU A 146 -45.49 39.49 11.16
C GLU A 146 -44.98 38.83 9.89
N SER A 147 -43.92 39.39 9.28
CA SER A 147 -43.28 38.90 8.06
C SER A 147 -42.47 37.61 8.26
N ALA A 148 -41.94 37.40 9.48
CA ALA A 148 -41.11 36.21 9.81
C ALA A 148 -41.88 35.06 10.50
N LYS A 149 -43.21 35.21 10.70
CA LYS A 149 -44.12 34.25 11.30
C LYS A 149 -44.05 32.86 10.64
N ASP A 150 -44.12 32.80 9.30
CA ASP A 150 -44.10 31.54 8.56
C ASP A 150 -42.72 30.87 8.47
N ARG A 151 -41.62 31.66 8.42
CA ARG A 151 -40.28 31.08 8.37
C ARG A 151 -39.87 30.48 9.72
N GLU A 152 -40.25 31.14 10.84
CA GLU A 152 -39.97 30.68 12.20
C GLU A 152 -40.69 29.36 12.52
N VAL A 153 -41.94 29.20 12.01
CA VAL A 153 -42.75 27.98 12.08
C VAL A 153 -41.94 26.85 11.39
N ASN A 154 -41.35 27.14 10.21
CA ASN A 154 -40.55 26.19 9.44
C ASN A 154 -39.20 25.86 10.10
N ALA A 155 -38.63 26.81 10.86
CA ALA A 155 -37.38 26.66 11.60
C ALA A 155 -37.62 25.71 12.79
N VAL A 156 -38.72 25.93 13.51
CA VAL A 156 -39.18 25.10 14.62
C VAL A 156 -39.59 23.68 14.11
N ASP A 157 -40.24 23.62 12.92
CA ASP A 157 -40.66 22.36 12.29
C ASP A 157 -39.45 21.56 11.80
N SER A 158 -38.40 22.25 11.33
CA SER A 158 -37.13 21.65 10.86
C SER A 158 -36.36 21.05 12.03
N GLU A 159 -36.46 21.69 13.22
CA GLU A 159 -35.81 21.26 14.45
C GLU A 159 -36.40 19.94 14.92
N HIS A 160 -37.74 19.87 14.97
CA HIS A 160 -38.48 18.69 15.38
C HIS A 160 -38.30 17.55 14.40
N GLU A 161 -38.38 17.82 13.08
CA GLU A 161 -38.25 16.79 12.05
C GLU A 161 -36.90 16.07 12.09
N LYS A 162 -35.85 16.79 12.55
CA LYS A 162 -34.48 16.30 12.74
C LYS A 162 -34.47 15.39 13.99
N ASN A 163 -35.22 15.79 15.05
CA ASN A 163 -35.36 15.07 16.32
C ASN A 163 -36.17 13.76 16.18
N VAL A 164 -37.20 13.77 15.30
CA VAL A 164 -38.11 12.63 15.02
C VAL A 164 -37.35 11.35 14.75
N MET A 165 -36.28 11.42 13.94
CA MET A 165 -35.48 10.25 13.60
C MET A 165 -34.30 10.00 14.58
N ASN A 166 -34.35 10.62 15.79
CA ASN A 166 -33.35 10.45 16.85
C ASN A 166 -33.94 9.64 17.99
N ASP A 167 -33.29 8.52 18.31
CA ASP A 167 -33.71 7.59 19.36
C ASP A 167 -33.81 8.21 20.76
N ALA A 168 -32.89 9.14 21.13
CA ALA A 168 -32.87 9.77 22.46
C ALA A 168 -34.02 10.72 22.67
N TRP A 169 -34.39 11.52 21.63
CA TRP A 169 -35.49 12.48 21.66
C TRP A 169 -36.83 11.73 21.75
N ARG A 170 -36.92 10.59 21.03
CA ARG A 170 -38.09 9.71 20.98
C ARG A 170 -38.40 9.18 22.38
N LEU A 171 -37.36 8.66 23.05
CA LEU A 171 -37.40 8.12 24.40
C LEU A 171 -37.78 9.17 25.43
N PHE A 172 -37.13 10.34 25.35
CA PHE A 172 -37.38 11.50 26.19
C PHE A 172 -38.88 11.82 26.23
N GLN A 173 -39.53 11.91 25.02
CA GLN A 173 -40.95 12.21 24.86
C GLN A 173 -41.85 11.03 25.21
N LEU A 174 -41.42 9.79 24.88
CA LEU A 174 -42.21 8.60 25.21
C LEU A 174 -42.35 8.44 26.72
N GLU A 175 -41.29 8.78 27.49
CA GLU A 175 -41.28 8.78 28.96
C GLU A 175 -42.29 9.79 29.49
N LYS A 176 -42.37 10.98 28.87
CA LYS A 176 -43.30 12.07 29.23
C LYS A 176 -44.78 11.68 29.02
N ALA A 177 -45.04 10.88 27.96
CA ALA A 177 -46.35 10.38 27.54
C ALA A 177 -46.87 9.20 28.39
N THR A 178 -45.96 8.47 29.05
CA THR A 178 -46.28 7.31 29.89
C THR A 178 -46.42 7.69 31.38
N GLY A 179 -46.43 8.98 31.67
CA GLY A 179 -46.68 9.51 33.02
C GLY A 179 -48.11 10.01 33.12
N ASN A 180 -48.40 10.88 34.11
CA ASN A 180 -49.72 11.47 34.33
C ASN A 180 -50.01 12.49 33.23
N PRO A 181 -51.01 12.22 32.33
CA PRO A 181 -51.31 13.16 31.24
C PRO A 181 -51.81 14.51 31.72
N LYS A 182 -52.41 14.55 32.92
CA LYS A 182 -52.90 15.79 33.54
C LYS A 182 -51.77 16.66 34.06
N HIS A 183 -50.53 16.11 34.13
CA HIS A 183 -49.34 16.83 34.62
C HIS A 183 -48.56 17.57 33.50
N PRO A 184 -48.16 18.86 33.74
CA PRO A 184 -47.36 19.62 32.75
C PRO A 184 -46.17 18.89 32.14
N PHE A 185 -45.54 17.94 32.89
CA PHE A 185 -44.42 17.09 32.42
C PHE A 185 -44.75 16.31 31.13
N SER A 186 -46.06 16.09 30.81
CA SER A 186 -46.46 15.34 29.60
C SER A 186 -46.50 16.18 28.31
N LYS A 187 -46.50 17.54 28.45
CA LYS A 187 -46.49 18.50 27.32
C LYS A 187 -45.37 18.24 26.31
N PHE A 188 -45.65 18.56 25.04
CA PHE A 188 -44.70 18.49 23.94
C PHE A 188 -44.22 19.92 23.74
N GLY A 189 -42.95 20.17 24.08
CA GLY A 189 -42.32 21.48 24.08
C GLY A 189 -41.76 22.03 22.78
N THR A 190 -41.29 21.17 21.87
CA THR A 190 -40.66 21.57 20.63
C THR A 190 -41.56 22.37 19.70
N GLY A 191 -42.74 21.84 19.40
CA GLY A 191 -43.67 22.43 18.43
C GLY A 191 -43.34 21.92 17.04
N ASN A 192 -44.22 22.20 16.07
CA ASN A 192 -44.07 21.81 14.66
C ASN A 192 -45.00 22.61 13.75
N LYS A 193 -45.08 22.23 12.46
CA LYS A 193 -45.97 22.86 11.48
C LYS A 193 -47.40 22.65 11.92
N TYR A 194 -47.75 21.45 12.42
CA TYR A 194 -49.09 21.14 12.90
C TYR A 194 -49.52 22.06 14.05
N THR A 195 -48.75 22.08 15.15
CA THR A 195 -49.05 22.83 16.37
C THR A 195 -49.01 24.36 16.21
N LEU A 196 -48.20 24.85 15.26
CA LEU A 196 -48.05 26.29 15.08
C LEU A 196 -48.83 26.84 13.86
N GLU A 197 -49.20 25.96 12.92
CA GLU A 197 -49.94 26.41 11.73
C GLU A 197 -51.27 25.66 11.51
N THR A 198 -51.21 24.37 11.09
CA THR A 198 -52.33 23.52 10.73
C THR A 198 -53.46 23.55 11.75
N ARG A 199 -53.16 23.19 13.03
CA ARG A 199 -54.16 23.14 14.11
C ARG A 199 -54.72 24.53 14.44
N PRO A 200 -53.93 25.60 14.73
CA PRO A 200 -54.55 26.91 15.03
C PRO A 200 -55.43 27.49 13.91
N ASN A 201 -55.14 27.15 12.63
CA ASN A 201 -55.92 27.61 11.47
C ASN A 201 -57.33 27.00 11.49
N GLN A 202 -57.43 25.67 11.70
CA GLN A 202 -58.68 24.92 11.78
C GLN A 202 -59.61 25.39 12.92
N GLU A 203 -59.02 25.81 14.05
CA GLU A 203 -59.76 26.23 15.25
C GLU A 203 -60.00 27.77 15.35
N GLY A 204 -59.60 28.52 14.31
CA GLY A 204 -59.73 29.97 14.27
C GLY A 204 -58.93 30.67 15.36
N ILE A 205 -57.69 30.17 15.58
CA ILE A 205 -56.78 30.68 16.60
C ILE A 205 -55.79 31.68 16.01
N ASP A 206 -55.72 32.83 16.66
CA ASP A 206 -54.83 33.96 16.38
C ASP A 206 -53.49 33.61 17.05
N VAL A 207 -52.52 33.08 16.26
CA VAL A 207 -51.19 32.66 16.72
C VAL A 207 -50.42 33.81 17.37
N ARG A 208 -50.37 34.97 16.68
CA ARG A 208 -49.68 36.18 17.14
C ARG A 208 -50.32 36.71 18.44
N GLN A 209 -51.67 36.73 18.53
CA GLN A 209 -52.35 37.22 19.75
C GLN A 209 -52.13 36.29 20.93
N GLU A 210 -52.06 34.96 20.67
CA GLU A 210 -51.82 33.95 21.71
C GLU A 210 -50.37 34.01 22.21
N LEU A 211 -49.43 34.39 21.29
CA LEU A 211 -48.00 34.61 21.54
C LEU A 211 -47.82 35.84 22.42
N LEU A 212 -48.51 36.95 22.06
CA LEU A 212 -48.43 38.21 22.79
C LEU A 212 -49.03 38.06 24.19
N LYS A 213 -50.10 37.26 24.32
CA LYS A 213 -50.80 36.94 25.56
C LYS A 213 -49.76 36.28 26.50
N PHE A 214 -49.02 35.30 25.96
CA PHE A 214 -47.97 34.54 26.65
C PHE A 214 -46.83 35.44 27.08
N HIS A 215 -46.33 36.29 26.14
CA HIS A 215 -45.23 37.21 26.39
C HIS A 215 -45.58 38.20 27.49
N SER A 216 -46.73 38.84 27.39
CA SER A 216 -47.23 39.82 28.34
C SER A 216 -47.58 39.24 29.71
N ALA A 217 -47.88 37.93 29.80
CA ALA A 217 -48.26 37.28 31.07
C ALA A 217 -47.09 36.66 31.85
N TYR A 218 -46.01 36.22 31.15
CA TYR A 218 -44.88 35.53 31.79
C TYR A 218 -43.56 36.30 31.81
N TYR A 219 -43.19 37.00 30.72
CA TYR A 219 -41.91 37.71 30.59
C TYR A 219 -41.81 38.94 31.47
N SER A 220 -41.54 38.72 32.76
CA SER A 220 -41.41 39.74 33.79
C SER A 220 -40.02 39.64 34.40
N SER A 221 -39.47 40.80 34.79
CA SER A 221 -38.12 40.97 35.35
C SER A 221 -37.84 40.18 36.61
N ASN A 222 -38.85 40.07 37.50
CA ASN A 222 -38.73 39.30 38.76
C ASN A 222 -38.33 37.81 38.51
N LEU A 223 -38.62 37.28 37.31
CA LEU A 223 -38.33 35.91 36.87
C LEU A 223 -37.11 35.85 35.95
N MET A 224 -36.39 36.99 35.79
CA MET A 224 -35.21 37.11 34.93
C MET A 224 -33.87 37.21 35.68
N ALA A 225 -32.80 36.81 34.97
CA ALA A 225 -31.42 36.80 35.45
C ALA A 225 -30.48 37.13 34.32
N VAL A 226 -29.57 38.08 34.57
CA VAL A 226 -28.62 38.56 33.57
C VAL A 226 -27.17 38.31 33.99
N VAL A 227 -26.32 37.94 33.02
CA VAL A 227 -24.89 37.76 33.22
C VAL A 227 -24.20 38.51 32.11
N VAL A 228 -23.27 39.41 32.48
CA VAL A 228 -22.49 40.24 31.54
C VAL A 228 -20.99 40.08 31.85
N LEU A 229 -20.22 39.66 30.85
CA LEU A 229 -18.77 39.47 30.93
C LEU A 229 -18.09 40.38 29.92
N GLY A 230 -17.10 41.14 30.39
CA GLY A 230 -16.34 42.05 29.54
C GLY A 230 -15.02 42.52 30.13
N ARG A 231 -14.20 43.21 29.31
CA ARG A 231 -12.89 43.78 29.72
C ARG A 231 -13.05 44.94 30.69
N GLU A 232 -14.18 45.67 30.59
CA GLU A 232 -14.57 46.84 31.41
C GLU A 232 -14.62 46.45 32.88
N SER A 233 -14.24 47.40 33.77
CA SER A 233 -14.22 47.23 35.24
C SER A 233 -15.58 46.82 35.81
N LEU A 234 -15.59 46.34 37.06
CA LEU A 234 -16.83 45.92 37.72
C LEU A 234 -17.86 47.04 37.76
N ASP A 235 -17.39 48.28 38.04
CA ASP A 235 -18.21 49.50 38.13
C ASP A 235 -18.77 49.96 36.79
N ASP A 236 -17.97 49.85 35.71
CA ASP A 236 -18.40 50.24 34.36
C ASP A 236 -19.54 49.33 33.89
N LEU A 237 -19.43 48.02 34.19
CA LEU A 237 -20.45 47.01 33.86
C LEU A 237 -21.71 47.22 34.74
N THR A 238 -21.52 47.65 36.02
CA THR A 238 -22.62 47.96 36.94
C THR A 238 -23.49 49.08 36.33
N ASN A 239 -22.84 50.14 35.79
CA ASN A 239 -23.49 51.27 35.12
C ASN A 239 -24.22 50.86 33.83
N LEU A 240 -23.55 50.01 33.02
CA LEU A 240 -24.03 49.49 31.74
C LEU A 240 -25.32 48.67 31.93
N VAL A 241 -25.30 47.75 32.89
CA VAL A 241 -26.43 46.87 33.16
C VAL A 241 -27.58 47.65 33.80
N VAL A 242 -27.28 48.61 34.68
CA VAL A 242 -28.32 49.45 35.30
C VAL A 242 -29.04 50.25 34.22
N LYS A 243 -28.28 50.94 33.36
CA LYS A 243 -28.81 51.70 32.23
C LYS A 243 -29.76 50.83 31.38
N LEU A 244 -29.29 49.65 30.95
CA LEU A 244 -29.97 48.74 30.04
C LEU A 244 -31.02 47.78 30.62
N PHE A 245 -30.99 47.46 31.93
CA PHE A 245 -31.92 46.45 32.46
C PHE A 245 -32.77 46.91 33.68
N SER A 246 -32.68 48.17 34.12
CA SER A 246 -33.52 48.64 35.23
C SER A 246 -34.93 49.06 34.71
N GLU A 247 -35.04 49.27 33.39
CA GLU A 247 -36.28 49.69 32.73
C GLU A 247 -37.22 48.56 32.37
N VAL A 248 -36.73 47.30 32.37
CA VAL A 248 -37.49 46.08 32.05
C VAL A 248 -38.70 45.95 33.02
N GLU A 249 -39.92 45.72 32.45
CA GLU A 249 -41.19 45.61 33.19
C GLU A 249 -41.23 44.49 34.23
N ASN A 250 -41.74 44.82 35.44
CA ASN A 250 -41.92 43.92 36.59
C ASN A 250 -43.41 43.69 36.84
N LYS A 251 -43.96 42.65 36.22
CA LYS A 251 -45.36 42.26 36.35
C LYS A 251 -45.59 41.31 37.55
N ASN A 252 -44.55 41.11 38.40
CA ASN A 252 -44.54 40.29 39.62
C ASN A 252 -45.09 38.87 39.44
N VAL A 253 -44.78 38.25 38.28
CA VAL A 253 -45.25 36.92 37.90
C VAL A 253 -44.81 35.86 38.95
N PRO A 254 -45.76 35.05 39.50
CA PRO A 254 -45.38 34.02 40.48
C PRO A 254 -44.64 32.87 39.81
N LEU A 255 -43.68 32.25 40.53
CA LEU A 255 -42.91 31.14 39.96
C LEU A 255 -43.73 29.86 39.82
N PRO A 256 -43.83 29.30 38.58
CA PRO A 256 -44.57 28.04 38.41
C PRO A 256 -43.86 26.85 39.07
N GLU A 257 -44.56 26.23 40.02
CA GLU A 257 -44.07 25.06 40.73
C GLU A 257 -44.94 23.84 40.43
N PHE A 258 -44.34 22.65 40.51
CA PHE A 258 -44.99 21.36 40.22
C PHE A 258 -44.63 20.33 41.32
N PRO A 259 -45.11 20.51 42.59
CA PRO A 259 -44.74 19.57 43.66
C PRO A 259 -45.20 18.13 43.45
N GLU A 260 -46.41 17.97 42.86
CA GLU A 260 -46.96 16.66 42.59
C GLU A 260 -46.14 15.96 41.52
N HIS A 261 -45.86 14.67 41.73
CA HIS A 261 -45.08 13.87 40.80
C HIS A 261 -45.91 13.45 39.60
N PRO A 262 -45.37 13.56 38.37
CA PRO A 262 -46.12 13.09 37.20
C PRO A 262 -46.28 11.57 37.18
N PHE A 263 -45.66 10.88 38.14
CA PHE A 263 -45.73 9.45 38.23
C PHE A 263 -46.46 9.06 39.50
N GLN A 264 -47.76 8.75 39.34
CA GLN A 264 -48.65 8.30 40.41
C GLN A 264 -48.71 6.77 40.37
N GLU A 265 -49.41 6.15 41.35
CA GLU A 265 -49.50 4.69 41.51
C GLU A 265 -49.63 3.89 40.18
N GLU A 266 -50.65 4.20 39.37
CA GLU A 266 -50.91 3.52 38.08
C GLU A 266 -49.74 3.59 37.08
N HIS A 267 -48.83 4.56 37.29
CA HIS A 267 -47.64 4.74 36.47
C HIS A 267 -46.41 4.04 37.05
N LEU A 268 -46.56 3.46 38.26
CA LEU A 268 -45.51 2.68 38.96
C LEU A 268 -45.75 1.19 38.81
N LYS A 269 -44.67 0.39 38.96
CA LYS A 269 -44.65 -1.07 38.76
C LYS A 269 -45.09 -1.41 37.32
N GLN A 270 -44.64 -0.55 36.36
CA GLN A 270 -44.95 -0.64 34.94
C GLN A 270 -43.76 -1.06 34.08
N LEU A 271 -44.04 -1.77 32.97
CA LEU A 271 -43.05 -2.27 32.03
C LEU A 271 -43.36 -1.78 30.61
N TYR A 272 -42.35 -1.21 29.94
CA TYR A 272 -42.46 -0.65 28.60
C TYR A 272 -41.49 -1.32 27.63
N LYS A 273 -42.00 -1.78 26.48
CA LYS A 273 -41.22 -2.45 25.43
C LYS A 273 -41.26 -1.55 24.19
N ILE A 274 -40.09 -0.99 23.81
CA ILE A 274 -39.98 0.02 22.76
C ILE A 274 -39.16 -0.41 21.56
N VAL A 275 -39.62 -0.02 20.35
CA VAL A 275 -38.93 -0.29 19.09
C VAL A 275 -37.99 0.91 18.75
N PRO A 276 -36.67 0.66 18.64
CA PRO A 276 -35.76 1.74 18.24
C PRO A 276 -35.59 1.81 16.70
N ILE A 277 -34.84 2.82 16.23
CA ILE A 277 -34.48 3.05 14.84
C ILE A 277 -33.15 2.31 14.60
N LYS A 278 -32.18 2.54 15.51
CA LYS A 278 -30.88 1.89 15.48
C LYS A 278 -31.04 0.52 16.13
N ASP A 279 -30.15 -0.44 15.81
CA ASP A 279 -30.19 -1.77 16.41
C ASP A 279 -29.48 -1.66 17.75
N ILE A 280 -30.19 -1.13 18.75
CA ILE A 280 -29.65 -0.94 20.08
C ILE A 280 -30.53 -1.60 21.10
N ARG A 281 -29.91 -2.31 22.04
CA ARG A 281 -30.59 -2.99 23.13
C ARG A 281 -30.26 -2.25 24.42
N ASN A 282 -31.25 -1.64 25.06
CA ASN A 282 -31.01 -0.91 26.31
C ASN A 282 -32.07 -1.12 27.36
N LEU A 283 -31.66 -1.08 28.63
CA LEU A 283 -32.53 -1.16 29.80
C LEU A 283 -32.39 0.11 30.63
N TYR A 284 -33.55 0.75 30.84
CA TYR A 284 -33.78 1.99 31.58
C TYR A 284 -34.64 1.68 32.81
N VAL A 285 -34.11 1.99 34.00
CA VAL A 285 -34.75 1.77 35.30
C VAL A 285 -34.83 3.16 35.97
N THR A 286 -36.05 3.56 36.35
CA THR A 286 -36.37 4.86 36.92
C THR A 286 -37.20 4.75 38.20
N PHE A 287 -36.84 5.60 39.18
CA PHE A 287 -37.55 5.75 40.45
C PHE A 287 -37.93 7.22 40.58
N PRO A 288 -39.23 7.54 40.73
CA PRO A 288 -39.62 8.92 41.04
C PRO A 288 -39.14 9.28 42.46
N ILE A 289 -38.54 10.46 42.65
CA ILE A 289 -38.02 10.90 43.96
C ILE A 289 -38.43 12.37 44.20
N PRO A 290 -38.44 12.91 45.44
CA PRO A 290 -38.77 14.33 45.59
C PRO A 290 -37.66 15.21 45.01
N ASP A 291 -37.90 16.52 44.95
CA ASP A 291 -36.94 17.48 44.45
C ASP A 291 -35.81 17.70 45.50
N LEU A 292 -34.59 17.25 45.14
CA LEU A 292 -33.38 17.31 45.99
C LEU A 292 -32.57 18.58 45.90
N GLN A 293 -32.93 19.51 44.99
CA GLN A 293 -32.22 20.79 44.77
C GLN A 293 -31.85 21.52 46.06
N LYS A 294 -32.83 21.75 46.96
CA LYS A 294 -32.63 22.45 48.24
C LYS A 294 -31.52 21.84 49.11
N TYR A 295 -31.13 20.57 48.84
CA TYR A 295 -30.08 19.88 49.57
C TYR A 295 -28.74 19.89 48.80
N TYR A 296 -28.45 20.97 48.09
CA TYR A 296 -27.27 21.10 47.25
C TYR A 296 -25.94 21.14 48.02
N LYS A 297 -25.96 21.50 49.32
CA LYS A 297 -24.75 21.60 50.14
C LYS A 297 -24.27 20.21 50.65
N SER A 298 -25.15 19.19 50.58
CA SER A 298 -24.87 17.80 50.98
C SER A 298 -24.91 16.86 49.75
N ASN A 299 -25.85 17.14 48.83
CA ASN A 299 -26.11 16.44 47.58
C ASN A 299 -26.18 14.90 47.74
N PRO A 300 -27.28 14.39 48.36
CA PRO A 300 -27.39 12.94 48.56
C PRO A 300 -27.47 12.10 47.28
N GLY A 301 -28.08 12.66 46.25
CA GLY A 301 -28.22 12.02 44.94
C GLY A 301 -26.88 11.79 44.27
N HIS A 302 -25.92 12.74 44.48
CA HIS A 302 -24.56 12.66 43.95
C HIS A 302 -23.81 11.53 44.67
N TYR A 303 -23.99 11.42 46.00
CA TYR A 303 -23.36 10.37 46.79
C TYR A 303 -23.80 9.02 46.26
N LEU A 304 -25.13 8.83 46.14
CA LEU A 304 -25.74 7.60 45.67
C LEU A 304 -25.47 7.29 44.22
N GLY A 305 -25.36 8.32 43.37
CA GLY A 305 -25.05 8.20 41.95
C GLY A 305 -23.61 7.75 41.75
N HIS A 306 -22.72 8.22 42.64
CA HIS A 306 -21.30 7.82 42.67
C HIS A 306 -21.13 6.35 42.97
N LEU A 307 -21.90 5.83 43.93
CA LEU A 307 -21.83 4.44 44.35
C LEU A 307 -22.57 3.50 43.43
N ILE A 308 -23.82 3.82 43.07
CA ILE A 308 -24.61 2.98 42.19
C ILE A 308 -23.96 2.90 40.80
N GLY A 309 -23.46 4.05 40.32
CA GLY A 309 -22.80 4.17 39.03
C GLY A 309 -21.32 3.88 39.05
N HIS A 310 -20.81 3.30 40.16
CA HIS A 310 -19.40 2.94 40.26
C HIS A 310 -19.05 1.84 39.27
N GLU A 311 -17.83 1.90 38.70
CA GLU A 311 -17.33 0.92 37.71
C GLU A 311 -16.07 0.15 38.19
N GLY A 312 -15.63 0.41 39.43
CA GLY A 312 -14.46 -0.23 40.02
C GLY A 312 -14.75 -1.61 40.56
N PRO A 313 -13.77 -2.28 41.20
CA PRO A 313 -14.03 -3.63 41.75
C PRO A 313 -15.12 -3.65 42.83
N GLY A 314 -16.05 -4.60 42.70
CA GLY A 314 -17.17 -4.80 43.61
C GLY A 314 -18.42 -4.02 43.24
N SER A 315 -18.36 -3.34 42.08
CA SER A 315 -19.47 -2.55 41.59
C SER A 315 -20.57 -3.44 41.00
N LEU A 316 -21.73 -2.82 40.80
CA LEU A 316 -22.90 -3.44 40.21
C LEU A 316 -22.56 -3.74 38.72
N LEU A 317 -21.96 -2.75 38.00
CA LEU A 317 -21.56 -2.92 36.61
C LEU A 317 -20.63 -4.13 36.44
N SER A 318 -19.59 -4.23 37.29
CA SER A 318 -18.61 -5.32 37.25
C SER A 318 -19.24 -6.71 37.20
N GLU A 319 -20.22 -6.97 38.09
CA GLU A 319 -20.96 -8.22 38.21
C GLU A 319 -21.84 -8.45 37.00
N LEU A 320 -22.55 -7.40 36.57
CA LEU A 320 -23.43 -7.45 35.41
C LEU A 320 -22.67 -7.74 34.12
N LYS A 321 -21.41 -7.28 34.06
CA LYS A 321 -20.47 -7.51 32.97
C LYS A 321 -19.99 -8.97 33.07
N SER A 322 -19.55 -9.43 34.27
CA SER A 322 -19.08 -10.81 34.53
C SER A 322 -20.14 -11.84 34.14
N LYS A 323 -21.42 -11.53 34.43
CA LYS A 323 -22.57 -12.35 34.09
C LYS A 323 -22.83 -12.36 32.58
N GLY A 324 -22.19 -11.42 31.86
CA GLY A 324 -22.29 -11.23 30.41
C GLY A 324 -23.60 -10.63 29.98
N TRP A 325 -24.13 -9.71 30.81
CA TRP A 325 -25.46 -9.12 30.58
C TRP A 325 -25.47 -7.69 30.06
N VAL A 326 -24.49 -6.86 30.51
CA VAL A 326 -24.36 -5.43 30.17
C VAL A 326 -22.88 -5.10 29.97
N ASN A 327 -22.59 -3.99 29.26
CA ASN A 327 -21.21 -3.52 29.05
C ASN A 327 -21.02 -2.18 29.77
N THR A 328 -22.04 -1.31 29.68
CA THR A 328 -22.06 0.03 30.25
C THR A 328 -23.24 0.24 31.17
N LEU A 329 -23.06 1.18 32.11
CA LEU A 329 -24.05 1.58 33.10
C LEU A 329 -23.92 3.07 33.36
N VAL A 330 -25.06 3.73 33.67
CA VAL A 330 -25.19 5.12 34.10
C VAL A 330 -26.22 5.14 35.25
N GLY A 331 -25.81 5.74 36.36
CA GLY A 331 -26.67 5.86 37.53
C GLY A 331 -26.60 7.23 38.17
N GLY A 332 -27.71 7.66 38.73
CA GLY A 332 -27.78 8.93 39.42
C GLY A 332 -29.09 9.69 39.33
N GLN A 333 -29.04 10.93 39.85
CA GLN A 333 -30.15 11.85 39.86
C GLN A 333 -30.30 12.55 38.51
N LYS A 334 -31.54 12.70 38.09
CA LYS A 334 -31.90 13.33 36.84
C LYS A 334 -32.95 14.39 37.23
N GLU A 335 -32.75 15.64 36.80
CA GLU A 335 -33.70 16.72 37.08
C GLU A 335 -35.07 16.46 36.42
N GLY A 336 -36.13 16.88 37.10
CA GLY A 336 -37.50 16.77 36.62
C GLY A 336 -37.98 18.18 36.34
N ALA A 337 -38.56 18.80 37.36
CA ALA A 337 -39.01 20.19 37.39
C ALA A 337 -39.14 20.55 38.86
N ARG A 338 -39.32 21.86 39.17
CA ARG A 338 -39.48 22.32 40.56
C ARG A 338 -40.61 21.53 41.22
N GLY A 339 -40.24 20.63 42.13
CA GLY A 339 -41.16 19.78 42.86
C GLY A 339 -40.97 18.28 42.70
N PHE A 340 -40.14 17.86 41.73
CA PHE A 340 -39.87 16.44 41.48
C PHE A 340 -38.55 16.18 40.74
N MET A 341 -37.99 14.98 40.93
CA MET A 341 -36.79 14.49 40.26
C MET A 341 -36.91 12.99 39.96
N PHE A 342 -35.86 12.37 39.40
CA PHE A 342 -35.87 10.93 39.13
C PHE A 342 -34.53 10.34 39.46
N PHE A 343 -34.54 9.04 39.82
CA PHE A 343 -33.32 8.30 40.01
C PHE A 343 -33.29 7.20 38.97
N ILE A 344 -32.22 7.21 38.17
CA ILE A 344 -32.06 6.30 37.05
C ILE A 344 -30.91 5.31 37.21
N ILE A 345 -31.07 4.12 36.59
CA ILE A 345 -30.05 3.07 36.45
C ILE A 345 -30.21 2.58 35.03
N ASN A 346 -29.34 3.10 34.13
CA ASN A 346 -29.35 2.83 32.70
C ASN A 346 -28.19 1.95 32.24
N VAL A 347 -28.51 0.85 31.57
CA VAL A 347 -27.55 -0.15 31.10
C VAL A 347 -27.82 -0.55 29.63
N ASP A 348 -26.80 -0.97 28.91
CA ASP A 348 -27.00 -1.48 27.56
C ASP A 348 -27.23 -2.99 27.70
N LEU A 349 -27.63 -3.67 26.64
CA LEU A 349 -27.86 -5.10 26.81
C LEU A 349 -27.18 -5.92 25.78
N THR A 350 -26.51 -7.00 26.23
CA THR A 350 -25.94 -8.03 25.36
C THR A 350 -27.17 -8.86 24.96
N GLU A 351 -27.02 -9.76 23.96
CA GLU A 351 -28.06 -10.68 23.49
C GLU A 351 -28.65 -11.51 24.66
N GLU A 352 -27.80 -11.88 25.65
CA GLU A 352 -28.21 -12.64 26.85
C GLU A 352 -28.78 -11.72 27.92
N GLY A 353 -28.37 -10.46 27.91
CA GLY A 353 -28.84 -9.46 28.86
C GLY A 353 -30.31 -9.19 28.65
N LEU A 354 -30.71 -9.13 27.37
CA LEU A 354 -32.07 -8.94 26.89
C LEU A 354 -32.97 -10.07 27.39
N LEU A 355 -32.40 -11.27 27.56
CA LEU A 355 -33.10 -12.45 28.04
C LEU A 355 -33.18 -12.51 29.57
N HIS A 356 -32.29 -11.79 30.28
CA HIS A 356 -32.22 -11.78 31.74
C HIS A 356 -32.51 -10.41 32.36
N VAL A 357 -33.54 -9.73 31.87
CA VAL A 357 -33.93 -8.40 32.36
C VAL A 357 -34.28 -8.46 33.86
N GLU A 358 -35.18 -9.38 34.24
CA GLU A 358 -35.64 -9.63 35.61
C GLU A 358 -34.44 -9.89 36.56
N ASP A 359 -33.45 -10.68 36.09
CA ASP A 359 -32.23 -11.07 36.81
C ASP A 359 -31.34 -9.87 37.05
N ILE A 360 -31.09 -9.03 36.00
CA ILE A 360 -30.30 -7.78 36.06
C ILE A 360 -30.86 -6.89 37.17
N ILE A 361 -32.18 -6.65 37.13
CA ILE A 361 -32.93 -5.78 38.05
C ILE A 361 -32.80 -6.30 39.48
N LEU A 362 -32.87 -7.64 39.67
CA LEU A 362 -32.67 -8.31 40.96
C LEU A 362 -31.30 -7.88 41.51
N HIS A 363 -30.23 -7.95 40.68
CA HIS A 363 -28.86 -7.55 41.03
C HIS A 363 -28.75 -6.08 41.37
N MET A 364 -29.52 -5.23 40.66
CA MET A 364 -29.59 -3.79 40.90
C MET A 364 -30.13 -3.56 42.30
N PHE A 365 -31.24 -4.24 42.65
CA PHE A 365 -31.85 -4.19 43.97
C PHE A 365 -30.95 -4.73 45.08
N GLN A 366 -30.12 -5.76 44.78
CA GLN A 366 -29.15 -6.36 45.73
C GLN A 366 -28.08 -5.36 46.10
N TYR A 367 -27.63 -4.53 45.14
CA TYR A 367 -26.62 -3.50 45.35
C TYR A 367 -27.22 -2.36 46.16
N ILE A 368 -28.48 -1.98 45.84
CA ILE A 368 -29.23 -0.92 46.54
C ILE A 368 -29.40 -1.38 48.00
N GLN A 369 -29.73 -2.67 48.22
CA GLN A 369 -29.90 -3.27 49.55
C GLN A 369 -28.57 -3.33 50.35
N LYS A 370 -27.44 -3.60 49.66
CA LYS A 370 -26.10 -3.60 50.28
C LYS A 370 -25.80 -2.22 50.91
N LEU A 371 -26.13 -1.11 50.19
CA LEU A 371 -25.94 0.26 50.66
C LEU A 371 -26.77 0.55 51.92
N ARG A 372 -27.98 -0.04 51.99
CA ARG A 372 -28.88 0.08 53.13
C ARG A 372 -28.29 -0.66 54.31
N ALA A 373 -27.93 -1.94 54.12
CA ALA A 373 -27.27 -2.76 55.15
C ALA A 373 -26.00 -2.05 55.68
N GLU A 374 -25.06 -1.68 54.79
CA GLU A 374 -23.82 -0.98 55.11
C GLU A 374 -24.03 0.41 55.76
N GLY A 375 -25.06 1.13 55.31
CA GLY A 375 -25.37 2.48 55.77
C GLY A 375 -24.48 3.52 55.10
N PRO A 376 -24.78 4.85 55.21
CA PRO A 376 -23.90 5.86 54.57
C PRO A 376 -22.48 5.86 55.11
N GLN A 377 -21.52 6.30 54.26
CA GLN A 377 -20.08 6.34 54.56
C GLN A 377 -19.53 7.73 54.48
N GLU A 378 -18.92 8.22 55.58
CA GLU A 378 -18.33 9.56 55.61
C GLU A 378 -17.06 9.64 54.74
N TRP A 379 -16.30 8.53 54.66
CA TRP A 379 -15.05 8.51 53.91
C TRP A 379 -15.27 8.69 52.41
N VAL A 380 -16.36 8.06 51.87
CA VAL A 380 -16.81 8.14 50.47
C VAL A 380 -17.15 9.62 50.21
N PHE A 381 -17.87 10.25 51.14
CA PHE A 381 -18.26 11.66 51.07
C PHE A 381 -17.03 12.56 51.09
N GLN A 382 -16.04 12.24 51.96
CA GLN A 382 -14.82 13.03 52.12
C GLN A 382 -14.03 13.13 50.84
N GLU A 383 -13.90 12.00 50.12
CA GLU A 383 -13.26 11.86 48.82
C GLU A 383 -13.99 12.76 47.80
N LEU A 384 -15.34 12.58 47.67
CA LEU A 384 -16.19 13.36 46.77
C LEU A 384 -16.02 14.87 46.99
N LYS A 385 -16.10 15.31 48.26
CA LYS A 385 -15.95 16.71 48.66
C LYS A 385 -14.54 17.22 48.33
N ASP A 386 -13.50 16.42 48.67
CA ASP A 386 -12.10 16.75 48.42
C ASP A 386 -11.73 16.82 46.93
N LEU A 387 -12.23 15.88 46.11
CA LEU A 387 -12.03 15.87 44.67
C LEU A 387 -12.62 17.09 43.98
N ASN A 388 -13.90 17.44 44.29
CA ASN A 388 -14.60 18.62 43.76
C ASN A 388 -13.86 19.90 44.17
N ALA A 389 -13.24 19.89 45.37
CA ALA A 389 -12.45 21.01 45.85
C ALA A 389 -11.23 21.21 44.92
N VAL A 390 -10.53 20.10 44.55
CA VAL A 390 -9.38 20.15 43.64
C VAL A 390 -9.86 20.54 42.23
N ALA A 391 -11.02 19.98 41.81
CA ALA A 391 -11.64 20.24 40.52
C ALA A 391 -11.90 21.75 40.35
N PHE A 392 -12.61 22.38 41.32
CA PHE A 392 -12.94 23.80 41.33
C PHE A 392 -11.69 24.68 41.36
N ARG A 393 -10.70 24.28 42.19
CA ARG A 393 -9.43 24.97 42.31
C ARG A 393 -8.66 25.04 40.97
N PHE A 394 -8.39 23.89 40.35
CA PHE A 394 -7.56 23.85 39.14
C PHE A 394 -8.34 23.73 37.82
N LYS A 395 -9.65 24.06 37.83
CA LYS A 395 -10.58 24.06 36.69
C LYS A 395 -10.11 24.97 35.53
N ASP A 396 -10.29 24.51 34.27
CA ASP A 396 -9.92 25.26 33.07
C ASP A 396 -10.81 26.49 32.89
N LYS A 397 -10.26 27.59 32.32
CA LYS A 397 -10.97 28.83 32.00
C LYS A 397 -11.98 28.54 30.87
N GLU A 398 -13.25 28.91 31.12
CA GLU A 398 -14.43 28.68 30.28
C GLU A 398 -14.58 29.63 29.09
N ARG A 399 -15.25 29.16 28.01
CA ARG A 399 -15.57 29.96 26.83
C ARG A 399 -16.62 30.95 27.33
N PRO A 400 -16.41 32.29 27.19
CA PRO A 400 -17.37 33.25 27.78
C PRO A 400 -18.84 33.03 27.44
N ARG A 401 -19.17 32.72 26.15
CA ARG A 401 -20.54 32.48 25.70
C ARG A 401 -21.26 31.40 26.53
N GLY A 402 -20.60 30.27 26.73
CA GLY A 402 -21.15 29.17 27.53
C GLY A 402 -21.15 29.48 29.02
N TYR A 403 -20.16 30.28 29.48
CA TYR A 403 -19.97 30.68 30.87
C TYR A 403 -21.14 31.53 31.39
N THR A 404 -21.52 32.55 30.63
CA THR A 404 -22.63 33.48 30.92
C THR A 404 -23.97 32.74 30.90
N SER A 405 -24.27 32.01 29.79
CA SER A 405 -25.48 31.19 29.62
C SER A 405 -25.70 30.28 30.81
N LYS A 406 -24.62 29.60 31.27
CA LYS A 406 -24.64 28.70 32.41
C LYS A 406 -25.02 29.43 33.70
N ILE A 407 -24.28 30.51 34.04
CA ILE A 407 -24.49 31.32 35.26
C ILE A 407 -25.92 31.93 35.29
N ALA A 408 -26.42 32.45 34.14
CA ALA A 408 -27.77 33.03 33.97
C ALA A 408 -28.89 32.11 34.54
N GLY A 409 -28.79 30.81 34.27
CA GLY A 409 -29.72 29.81 34.78
C GLY A 409 -29.48 29.50 36.24
N ILE A 410 -28.21 29.42 36.64
CA ILE A 410 -27.77 29.12 38.01
C ILE A 410 -28.23 30.21 38.99
N LEU A 411 -28.21 31.50 38.58
CA LEU A 411 -28.64 32.65 39.39
C LEU A 411 -30.02 32.50 40.03
N HIS A 412 -30.95 31.78 39.39
CA HIS A 412 -32.30 31.52 39.86
C HIS A 412 -32.37 30.60 41.11
N TYR A 413 -31.40 29.68 41.24
CA TYR A 413 -31.34 28.65 42.29
C TYR A 413 -30.39 28.92 43.46
N TYR A 414 -29.44 29.84 43.30
CA TYR A 414 -28.45 30.04 44.37
C TYR A 414 -28.26 31.49 44.79
N PRO A 415 -27.84 31.75 46.06
CA PRO A 415 -27.52 33.13 46.47
C PRO A 415 -26.38 33.65 45.59
N LEU A 416 -26.35 34.96 45.30
CA LEU A 416 -25.35 35.61 44.43
C LEU A 416 -23.89 35.16 44.64
N GLU A 417 -23.48 35.00 45.92
CA GLU A 417 -22.13 34.64 46.36
C GLU A 417 -21.75 33.17 46.09
N GLU A 418 -22.74 32.29 45.83
CA GLU A 418 -22.55 30.85 45.59
C GLU A 418 -22.75 30.39 44.13
N VAL A 419 -22.92 31.32 43.16
CA VAL A 419 -23.20 30.92 41.77
C VAL A 419 -21.99 30.29 41.03
N LEU A 420 -20.76 30.47 41.55
CA LEU A 420 -19.54 29.90 40.98
C LEU A 420 -19.24 28.53 41.65
N THR A 421 -19.45 28.47 42.97
CA THR A 421 -19.24 27.31 43.85
C THR A 421 -20.41 26.30 43.85
N ALA A 422 -21.59 26.72 43.35
CA ALA A 422 -22.88 26.01 43.27
C ALA A 422 -22.79 24.52 43.01
N GLU A 423 -22.36 24.16 41.81
CA GLU A 423 -22.30 22.78 41.35
C GLU A 423 -20.97 22.13 41.66
N TYR A 424 -20.09 22.80 42.41
CA TYR A 424 -18.78 22.23 42.73
C TYR A 424 -18.61 21.80 44.18
N LEU A 425 -18.81 22.73 45.11
CA LEU A 425 -18.53 22.44 46.50
C LEU A 425 -19.60 21.66 47.25
N LEU A 426 -19.12 20.86 48.22
CA LEU A 426 -19.90 20.06 49.16
C LEU A 426 -19.47 20.51 50.56
N GLU A 427 -20.44 20.70 51.47
CA GLU A 427 -20.16 21.17 52.84
C GLU A 427 -20.57 20.14 53.88
N GLU A 428 -21.86 20.08 54.20
CA GLU A 428 -22.40 19.20 55.24
C GLU A 428 -22.58 17.74 54.83
N PHE A 429 -22.20 16.82 55.71
CA PHE A 429 -22.43 15.40 55.49
C PHE A 429 -23.81 15.12 56.10
N ARG A 430 -24.76 14.72 55.25
CA ARG A 430 -26.10 14.43 55.72
C ARG A 430 -26.49 12.96 55.47
N PRO A 431 -26.02 12.00 56.30
CA PRO A 431 -26.40 10.58 56.10
C PRO A 431 -27.92 10.32 56.15
N ASP A 432 -28.68 11.21 56.85
CA ASP A 432 -30.13 11.11 56.95
C ASP A 432 -30.82 11.30 55.60
N LEU A 433 -30.27 12.21 54.77
CA LEU A 433 -30.77 12.54 53.44
C LEU A 433 -30.49 11.41 52.43
N ILE A 434 -29.33 10.74 52.58
CA ILE A 434 -28.92 9.58 51.78
C ILE A 434 -29.91 8.46 52.05
N GLU A 435 -30.21 8.25 53.34
CA GLU A 435 -31.16 7.27 53.87
C GLU A 435 -32.58 7.60 53.36
N MET A 436 -32.91 8.88 53.28
CA MET A 436 -34.19 9.38 52.79
C MET A 436 -34.36 9.02 51.31
N VAL A 437 -33.35 9.37 50.46
CA VAL A 437 -33.36 9.09 49.02
C VAL A 437 -33.35 7.58 48.72
N LEU A 438 -32.42 6.84 49.35
CA LEU A 438 -32.27 5.40 49.18
C LEU A 438 -33.56 4.61 49.44
N ASP A 439 -34.43 5.13 50.34
CA ASP A 439 -35.72 4.56 50.71
C ASP A 439 -36.77 4.61 49.58
N LYS A 440 -36.60 5.54 48.61
CA LYS A 440 -37.50 5.64 47.45
C LYS A 440 -37.11 4.64 46.36
N LEU A 441 -35.85 4.19 46.38
CA LEU A 441 -35.31 3.25 45.39
C LEU A 441 -35.76 1.82 45.72
N ARG A 442 -37.09 1.54 45.58
CA ARG A 442 -37.68 0.24 45.94
C ARG A 442 -38.52 -0.39 44.82
N PRO A 443 -38.66 -1.75 44.74
CA PRO A 443 -39.46 -2.36 43.63
C PRO A 443 -40.88 -1.84 43.41
N GLU A 444 -41.59 -1.45 44.49
CA GLU A 444 -42.96 -0.90 44.38
C GLU A 444 -42.97 0.51 43.76
N ASN A 445 -41.77 1.08 43.57
CA ASN A 445 -41.58 2.43 43.07
C ASN A 445 -40.81 2.45 41.74
N VAL A 446 -40.60 1.27 41.12
CA VAL A 446 -39.85 1.15 39.87
C VAL A 446 -40.75 1.27 38.62
N ARG A 447 -40.13 1.78 37.54
CA ARG A 447 -40.62 1.97 36.17
C ARG A 447 -39.53 1.37 35.29
N VAL A 448 -39.89 0.36 34.50
CA VAL A 448 -38.95 -0.34 33.65
C VAL A 448 -39.24 -0.16 32.15
N ALA A 449 -38.19 0.11 31.34
CA ALA A 449 -38.26 0.26 29.89
C ALA A 449 -37.15 -0.54 29.13
N ILE A 450 -37.57 -1.44 28.20
CA ILE A 450 -36.64 -2.19 27.35
C ILE A 450 -36.78 -1.64 25.93
N VAL A 451 -35.63 -1.37 25.30
CA VAL A 451 -35.56 -0.85 23.94
C VAL A 451 -34.87 -1.93 23.10
N SER A 452 -35.62 -2.56 22.17
CA SER A 452 -35.08 -3.63 21.32
C SER A 452 -35.82 -3.76 19.99
N LYS A 453 -35.07 -3.99 18.90
CA LYS A 453 -35.66 -4.18 17.56
C LYS A 453 -36.55 -5.44 17.55
N SER A 454 -36.27 -6.39 18.47
CA SER A 454 -37.01 -7.63 18.69
C SER A 454 -38.48 -7.38 19.04
N PHE A 455 -38.85 -6.11 19.32
CA PHE A 455 -40.21 -5.70 19.64
C PHE A 455 -40.96 -5.29 18.38
N GLU A 456 -40.26 -5.28 17.22
CA GLU A 456 -40.79 -4.93 15.90
C GLU A 456 -41.91 -5.92 15.54
N GLY A 457 -43.08 -5.38 15.23
CA GLY A 457 -44.27 -6.15 14.88
C GLY A 457 -44.85 -6.96 16.02
N LYS A 458 -44.64 -6.49 17.27
CA LYS A 458 -45.09 -7.14 18.51
C LYS A 458 -45.65 -6.10 19.50
N THR A 459 -45.79 -4.84 19.04
CA THR A 459 -46.23 -3.66 19.78
C THR A 459 -47.66 -3.29 19.44
N ASP A 460 -48.41 -2.76 20.44
CA ASP A 460 -49.81 -2.38 20.27
C ASP A 460 -50.08 -0.86 20.33
N ARG A 461 -49.16 -0.06 20.90
CA ARG A 461 -49.33 1.42 21.05
C ARG A 461 -48.35 2.25 20.20
N THR A 462 -48.66 3.55 20.03
CA THR A 462 -47.90 4.54 19.26
C THR A 462 -47.88 5.87 20.00
N GLU A 463 -46.67 6.46 20.15
CA GLU A 463 -46.50 7.78 20.73
C GLU A 463 -46.61 8.66 19.49
N GLU A 464 -47.65 9.48 19.42
CA GLU A 464 -48.02 10.25 18.24
C GLU A 464 -47.10 11.41 17.85
N TRP A 465 -46.45 12.07 18.82
CA TRP A 465 -45.56 13.19 18.52
C TRP A 465 -44.33 12.78 17.70
N TYR A 466 -43.83 11.56 17.94
CA TYR A 466 -42.64 11.01 17.27
C TYR A 466 -42.90 9.82 16.34
N GLY A 467 -43.91 9.02 16.68
CA GLY A 467 -44.28 7.83 15.93
C GLY A 467 -43.72 6.54 16.46
N THR A 468 -43.05 6.61 17.63
CA THR A 468 -42.40 5.51 18.35
C THR A 468 -43.38 4.37 18.65
N GLN A 469 -42.99 3.13 18.29
CA GLN A 469 -43.78 1.92 18.44
C GLN A 469 -43.44 1.21 19.73
N TYR A 470 -44.44 1.03 20.60
CA TYR A 470 -44.27 0.41 21.92
C TYR A 470 -45.46 -0.40 22.43
N LYS A 471 -45.20 -1.19 23.49
CA LYS A 471 -46.15 -1.99 24.24
C LYS A 471 -45.92 -1.69 25.73
N GLN A 472 -47.00 -1.69 26.51
CA GLN A 472 -46.98 -1.45 27.95
C GLN A 472 -47.67 -2.60 28.66
N GLU A 473 -47.03 -3.07 29.75
CA GLU A 473 -47.50 -4.15 30.63
C GLU A 473 -47.37 -3.70 32.07
N ALA A 474 -48.14 -4.32 32.95
CA ALA A 474 -48.03 -4.08 34.38
C ALA A 474 -47.09 -5.19 34.89
N ILE A 475 -46.16 -4.85 35.79
CA ILE A 475 -45.22 -5.85 36.30
C ILE A 475 -45.90 -6.79 37.31
N PRO A 476 -45.85 -8.15 37.07
CA PRO A 476 -46.47 -9.09 38.04
C PRO A 476 -45.94 -8.92 39.45
N ASP A 477 -46.85 -9.03 40.43
CA ASP A 477 -46.55 -8.86 41.86
C ASP A 477 -45.54 -9.87 42.39
N GLU A 478 -45.45 -11.00 41.72
CA GLU A 478 -44.51 -12.08 42.03
C GLU A 478 -43.10 -11.66 41.61
N VAL A 479 -42.99 -10.81 40.56
CA VAL A 479 -41.73 -10.25 40.07
C VAL A 479 -41.30 -9.12 41.05
N ILE A 480 -42.27 -8.32 41.53
CA ILE A 480 -42.07 -7.26 42.51
C ILE A 480 -41.61 -7.83 43.84
N LYS A 481 -42.21 -8.98 44.27
CA LYS A 481 -41.88 -9.67 45.52
C LYS A 481 -40.47 -10.26 45.50
N LYS A 482 -40.07 -10.89 44.36
CA LYS A 482 -38.74 -11.44 44.14
C LYS A 482 -37.67 -10.35 44.24
N TRP A 483 -37.99 -9.12 43.76
CA TRP A 483 -37.07 -7.98 43.82
C TRP A 483 -36.97 -7.40 45.24
N GLN A 484 -38.09 -7.47 45.99
CA GLN A 484 -38.22 -7.01 47.39
C GLN A 484 -37.50 -7.96 48.34
N ASN A 485 -37.70 -9.28 48.15
CA ASN A 485 -37.12 -10.36 48.97
C ASN A 485 -35.70 -10.76 48.52
N ALA A 486 -35.21 -10.14 47.43
CA ALA A 486 -33.90 -10.36 46.82
C ALA A 486 -32.82 -10.70 47.86
N ASP A 487 -32.22 -11.90 47.70
CA ASP A 487 -31.15 -12.46 48.54
C ASP A 487 -29.89 -11.61 48.42
N LEU A 488 -29.02 -11.63 49.44
CA LEU A 488 -27.77 -10.88 49.49
C LEU A 488 -26.77 -11.39 48.43
N ASN A 489 -25.91 -10.49 47.91
CA ASN A 489 -24.89 -10.86 46.93
C ASN A 489 -23.53 -10.32 47.36
N GLY A 490 -22.62 -11.25 47.68
CA GLY A 490 -21.29 -11.00 48.20
C GLY A 490 -20.30 -10.38 47.23
N LYS A 491 -20.60 -10.48 45.91
CA LYS A 491 -19.81 -9.88 44.84
C LYS A 491 -19.83 -8.37 44.99
N PHE A 492 -20.99 -7.82 45.44
CA PHE A 492 -21.18 -6.39 45.67
C PHE A 492 -20.52 -5.96 46.94
N LYS A 493 -19.47 -5.14 46.78
CA LYS A 493 -18.69 -4.54 47.85
C LYS A 493 -18.54 -3.05 47.52
N LEU A 494 -18.43 -2.23 48.56
CA LEU A 494 -18.25 -0.79 48.46
C LEU A 494 -16.86 -0.54 47.90
N PRO A 495 -16.59 0.54 47.11
CA PRO A 495 -15.22 0.78 46.64
C PRO A 495 -14.22 0.95 47.78
N THR A 496 -12.94 0.93 47.43
CA THR A 496 -11.82 1.10 48.36
C THR A 496 -11.26 2.50 48.21
N LYS A 497 -10.37 2.91 49.14
CA LYS A 497 -9.71 4.21 49.15
C LYS A 497 -9.15 4.48 47.75
N ASN A 498 -9.56 5.60 47.13
CA ASN A 498 -9.07 5.97 45.81
C ASN A 498 -7.64 6.51 45.91
N GLU A 499 -6.69 5.64 45.54
CA GLU A 499 -5.27 5.93 45.56
C GLU A 499 -4.85 6.88 44.43
N PHE A 500 -5.73 7.07 43.43
CA PHE A 500 -5.44 7.97 42.31
C PHE A 500 -5.65 9.46 42.63
N ILE A 501 -6.25 9.79 43.80
CA ILE A 501 -6.53 11.17 44.22
C ILE A 501 -5.23 11.99 44.26
N PRO A 502 -5.16 13.08 43.44
CA PRO A 502 -3.94 13.91 43.42
C PRO A 502 -3.66 14.64 44.73
N THR A 503 -2.35 14.87 45.00
CA THR A 503 -1.80 15.53 46.19
C THR A 503 -0.71 16.53 45.81
N ASN A 504 0.10 16.20 44.79
CA ASN A 504 1.18 17.06 44.32
C ASN A 504 0.72 18.02 43.23
N PHE A 505 0.53 19.29 43.61
CA PHE A 505 0.10 20.34 42.70
C PHE A 505 1.19 21.36 42.44
N GLU A 506 2.45 20.97 42.70
CA GLU A 506 3.62 21.84 42.47
C GLU A 506 3.74 22.12 40.99
N ILE A 507 3.86 23.43 40.65
CA ILE A 507 4.09 23.90 39.29
C ILE A 507 5.60 24.00 39.21
N LEU A 508 6.19 23.03 38.48
CA LEU A 508 7.64 22.96 38.30
C LEU A 508 8.18 24.25 37.68
N PRO A 509 9.22 24.85 38.29
CA PRO A 509 9.75 26.12 37.74
C PRO A 509 10.08 26.02 36.24
N LEU A 510 9.75 27.09 35.49
CA LEU A 510 10.03 27.20 34.05
C LEU A 510 11.55 27.08 33.84
N GLU A 511 11.98 26.02 33.11
CA GLU A 511 13.39 25.68 32.88
C GLU A 511 14.12 26.72 32.04
N LYS A 512 15.46 26.73 32.16
CA LYS A 512 16.34 27.63 31.39
C LYS A 512 16.27 27.29 29.89
N GLU A 513 16.11 25.98 29.60
CA GLU A 513 16.01 25.40 28.25
C GLU A 513 14.58 25.40 27.67
N ALA A 514 13.59 25.98 28.39
CA ALA A 514 12.19 26.03 27.95
C ALA A 514 12.00 26.81 26.65
N THR A 515 11.18 26.25 25.74
CA THR A 515 10.89 26.82 24.41
C THR A 515 9.43 27.29 24.28
N PRO A 516 9.13 28.28 23.38
CA PRO A 516 7.73 28.71 23.20
C PRO A 516 6.84 27.70 22.45
N TYR A 517 7.45 26.88 21.55
CA TYR A 517 6.76 25.83 20.78
C TYR A 517 7.35 24.46 21.11
N PRO A 518 6.68 23.33 20.76
CA PRO A 518 7.30 22.02 21.04
C PRO A 518 8.61 21.79 20.33
N ALA A 519 9.59 21.32 21.09
CA ALA A 519 10.92 21.02 20.61
C ALA A 519 11.11 19.52 20.59
N LEU A 520 11.80 19.00 19.56
CA LEU A 520 12.11 17.59 19.39
C LEU A 520 13.32 17.31 20.27
N ILE A 521 13.08 16.58 21.37
CA ILE A 521 14.10 16.28 22.39
C ILE A 521 14.64 14.82 22.26
N LYS A 522 14.00 13.99 21.41
CA LYS A 522 14.41 12.62 21.11
C LYS A 522 14.04 12.26 19.66
N ASP A 523 15.03 11.86 18.83
CA ASP A 523 14.84 11.47 17.42
C ASP A 523 15.62 10.19 17.10
N THR A 524 14.91 9.07 17.13
CA THR A 524 15.46 7.73 16.94
C THR A 524 14.64 6.98 15.89
N ALA A 525 15.08 5.76 15.56
CA ALA A 525 14.40 4.87 14.62
C ALA A 525 13.06 4.42 15.22
N MET A 526 13.01 4.26 16.54
CA MET A 526 11.80 3.87 17.25
C MET A 526 10.86 5.04 17.53
N SER A 527 11.39 6.19 17.97
CA SER A 527 10.56 7.29 18.40
C SER A 527 11.07 8.72 18.16
N LYS A 528 10.11 9.58 17.82
CA LYS A 528 10.22 11.02 17.63
C LYS A 528 9.39 11.63 18.78
N LEU A 529 10.06 12.33 19.73
CA LEU A 529 9.44 12.94 20.91
C LEU A 529 9.46 14.48 20.87
N TRP A 530 8.26 15.11 20.81
CA TRP A 530 8.07 16.56 20.83
C TRP A 530 7.64 16.96 22.23
N PHE A 531 8.33 17.94 22.83
CA PHE A 531 8.00 18.34 24.19
C PHE A 531 7.94 19.87 24.36
N LYS A 532 7.03 20.31 25.23
CA LYS A 532 6.89 21.70 25.66
C LYS A 532 6.43 21.76 27.13
N GLN A 533 7.10 22.58 27.92
CA GLN A 533 6.76 22.83 29.31
C GLN A 533 5.86 24.08 29.21
N ASP A 534 4.68 24.01 29.83
CA ASP A 534 3.68 25.04 29.84
C ASP A 534 4.22 26.35 30.45
N ASP A 535 4.14 27.40 29.64
CA ASP A 535 4.60 28.75 29.97
C ASP A 535 3.43 29.74 29.94
N LYS A 536 2.17 29.23 30.00
CA LYS A 536 0.97 30.08 29.91
C LYS A 536 -0.08 29.91 30.99
N PHE A 537 -0.48 28.67 31.34
CA PHE A 537 -1.61 28.41 32.24
C PHE A 537 -1.23 28.16 33.69
N PHE A 538 -0.17 27.36 33.94
CA PHE A 538 0.40 27.03 35.26
C PHE A 538 -0.60 26.33 36.17
N LEU A 539 -1.24 25.28 35.64
CA LEU A 539 -2.15 24.39 36.36
C LEU A 539 -1.46 23.02 36.50
N PRO A 540 -1.68 22.23 37.57
CA PRO A 540 -0.92 20.96 37.72
C PRO A 540 -1.47 19.86 36.82
N LYS A 541 -1.28 20.05 35.51
CA LYS A 541 -1.80 19.17 34.48
C LYS A 541 -0.83 19.04 33.32
N ALA A 542 -1.00 17.97 32.53
CA ALA A 542 -0.22 17.68 31.34
C ALA A 542 -0.99 16.76 30.39
N ASN A 543 -0.67 16.86 29.09
CA ASN A 543 -1.26 16.05 28.03
C ASN A 543 -0.17 15.20 27.40
N LEU A 544 -0.36 13.88 27.38
CA LEU A 544 0.59 12.92 26.83
C LEU A 544 -0.01 12.27 25.61
N ASN A 545 0.48 12.66 24.41
CA ASN A 545 -0.01 12.17 23.12
C ASN A 545 1.00 11.25 22.44
N PHE A 546 0.56 10.02 22.06
CA PHE A 546 1.38 9.02 21.37
C PHE A 546 0.64 8.51 20.15
N GLU A 547 1.36 8.45 19.03
CA GLU A 547 0.87 7.91 17.77
C GLU A 547 1.82 6.76 17.45
N PHE A 548 1.29 5.52 17.52
CA PHE A 548 2.00 4.26 17.28
C PHE A 548 1.67 3.85 15.86
N PHE A 549 2.69 3.82 14.99
CA PHE A 549 2.55 3.49 13.58
C PHE A 549 2.90 2.04 13.34
N SER A 550 2.03 1.33 12.59
CA SER A 550 2.21 -0.06 12.17
C SER A 550 1.52 -0.30 10.84
N PRO A 551 2.24 -0.80 9.82
CA PRO A 551 1.60 -1.07 8.51
C PRO A 551 0.55 -2.17 8.60
N PHE A 552 0.65 -2.99 9.68
CA PHE A 552 -0.22 -4.11 9.93
C PHE A 552 -1.57 -3.77 10.49
N ALA A 553 -1.78 -2.49 10.88
CA ALA A 553 -3.07 -2.02 11.42
C ALA A 553 -4.14 -1.67 10.37
N TYR A 554 -3.76 -1.51 9.08
CA TYR A 554 -4.68 -1.15 7.99
C TYR A 554 -4.35 -1.87 6.67
N VAL A 555 -3.41 -2.83 6.68
CA VAL A 555 -2.99 -3.61 5.50
C VAL A 555 -4.20 -4.18 4.70
N ASP A 556 -5.23 -4.62 5.41
CA ASP A 556 -6.45 -5.14 4.84
C ASP A 556 -7.67 -4.95 5.80
N PRO A 557 -8.94 -5.18 5.37
CA PRO A 557 -10.08 -4.98 6.28
C PRO A 557 -10.02 -5.80 7.56
N LEU A 558 -9.58 -7.06 7.44
CA LEU A 558 -9.43 -8.00 8.55
C LEU A 558 -8.54 -7.43 9.66
N HIS A 559 -7.34 -6.97 9.30
CA HIS A 559 -6.36 -6.42 10.24
C HIS A 559 -6.85 -5.15 10.84
N SER A 560 -7.65 -4.38 10.07
CA SER A 560 -8.26 -3.14 10.53
C SER A 560 -9.28 -3.46 11.62
N ASN A 561 -10.15 -4.47 11.38
CA ASN A 561 -11.14 -4.98 12.33
C ASN A 561 -10.46 -5.45 13.59
N MET A 562 -9.36 -6.23 13.44
CA MET A 562 -8.56 -6.76 14.54
C MET A 562 -7.87 -5.66 15.36
N ALA A 563 -7.40 -4.58 14.73
CA ALA A 563 -6.78 -3.45 15.44
C ALA A 563 -7.84 -2.70 16.29
N TYR A 564 -9.11 -2.68 15.81
CA TYR A 564 -10.23 -2.05 16.48
C TYR A 564 -10.61 -2.81 17.74
N LEU A 565 -10.86 -4.15 17.58
CA LEU A 565 -11.24 -5.11 18.61
C LEU A 565 -10.18 -5.25 19.66
N TYR A 566 -8.90 -5.25 19.25
CA TYR A 566 -7.78 -5.30 20.18
C TYR A 566 -7.92 -4.17 21.24
N LEU A 567 -8.06 -2.92 20.78
CA LEU A 567 -8.14 -1.73 21.63
C LEU A 567 -9.44 -1.60 22.42
N GLU A 568 -10.56 -2.11 21.87
CA GLU A 568 -11.86 -2.11 22.56
C GLU A 568 -11.79 -3.05 23.73
N LEU A 569 -11.14 -4.21 23.53
CA LEU A 569 -10.93 -5.24 24.54
C LEU A 569 -9.96 -4.78 25.59
N LEU A 570 -9.00 -3.98 25.18
CA LEU A 570 -7.99 -3.43 26.07
C LEU A 570 -8.59 -2.40 27.02
N LYS A 571 -9.40 -1.45 26.51
CA LYS A 571 -10.09 -0.43 27.31
C LYS A 571 -11.07 -1.12 28.29
N ASP A 572 -11.77 -2.16 27.82
CA ASP A 572 -12.69 -2.99 28.61
C ASP A 572 -11.97 -3.66 29.81
N SER A 573 -10.81 -4.26 29.56
CA SER A 573 -9.98 -4.94 30.55
C SER A 573 -9.36 -3.96 31.57
N LEU A 574 -9.02 -2.75 31.14
CA LEU A 574 -8.41 -1.70 31.98
C LEU A 574 -9.46 -0.86 32.70
N ASN A 575 -10.74 -0.94 32.24
CA ASN A 575 -11.87 -0.16 32.73
C ASN A 575 -12.00 -0.08 34.26
N GLU A 576 -12.11 -1.22 34.94
CA GLU A 576 -12.22 -1.32 36.40
C GLU A 576 -11.10 -0.56 37.19
N TYR A 577 -9.89 -0.49 36.61
CA TYR A 577 -8.71 0.17 37.19
C TYR A 577 -8.69 1.64 36.80
N ALA A 578 -8.92 1.93 35.50
CA ALA A 578 -8.87 3.27 34.90
C ALA A 578 -9.92 4.24 35.45
N TYR A 579 -11.07 3.69 35.88
CA TYR A 579 -12.20 4.42 36.43
C TYR A 579 -11.86 5.30 37.65
N ALA A 580 -11.04 4.79 38.56
CA ALA A 580 -10.61 5.51 39.76
C ALA A 580 -9.75 6.73 39.38
N ALA A 581 -8.94 6.61 38.32
CA ALA A 581 -8.09 7.68 37.79
C ALA A 581 -8.98 8.76 37.14
N GLU A 582 -10.01 8.29 36.38
CA GLU A 582 -10.99 9.11 35.68
C GLU A 582 -11.71 10.00 36.72
N LEU A 583 -12.14 9.40 37.88
CA LEU A 583 -12.78 10.13 38.98
C LEU A 583 -11.83 11.15 39.60
N ALA A 584 -10.50 10.89 39.54
CA ALA A 584 -9.47 11.74 40.11
C ALA A 584 -8.84 12.71 39.09
N GLY A 585 -9.56 12.97 37.99
CA GLY A 585 -9.19 13.93 36.95
C GLY A 585 -8.00 13.55 36.10
N LEU A 586 -7.89 12.25 35.80
CA LEU A 586 -6.83 11.69 34.97
C LEU A 586 -7.51 10.80 33.97
N SER A 587 -7.59 11.23 32.73
CA SER A 587 -8.28 10.40 31.77
C SER A 587 -7.42 9.93 30.63
N TYR A 588 -7.87 8.87 29.96
CA TYR A 588 -7.14 8.41 28.79
C TYR A 588 -8.08 8.04 27.66
N ASP A 589 -7.56 8.06 26.45
CA ASP A 589 -8.26 7.67 25.25
C ASP A 589 -7.33 6.80 24.41
N LEU A 590 -7.88 5.72 23.83
CA LEU A 590 -7.13 4.76 23.03
C LEU A 590 -7.94 4.34 21.81
N GLN A 591 -7.53 4.82 20.63
CA GLN A 591 -8.27 4.51 19.41
C GLN A 591 -7.37 4.08 18.26
N ASN A 592 -7.88 3.17 17.42
CA ASN A 592 -7.12 2.71 16.26
C ASN A 592 -7.27 3.72 15.15
N THR A 593 -6.20 3.91 14.39
CA THR A 593 -6.16 4.85 13.26
C THR A 593 -5.84 4.08 11.97
N ILE A 594 -5.89 4.80 10.83
CA ILE A 594 -5.61 4.22 9.52
C ILE A 594 -4.09 3.95 9.28
N TYR A 595 -3.23 4.28 10.29
CA TYR A 595 -1.77 4.05 10.26
C TYR A 595 -1.27 3.27 11.51
N GLY A 596 -2.17 3.05 12.46
CA GLY A 596 -1.88 2.33 13.70
C GLY A 596 -2.83 2.59 14.85
N MET A 597 -2.31 3.25 15.91
CA MET A 597 -3.01 3.49 17.18
C MET A 597 -2.72 4.84 17.77
N TYR A 598 -3.70 5.39 18.48
CA TYR A 598 -3.59 6.67 19.16
C TYR A 598 -3.88 6.57 20.65
N LEU A 599 -3.00 7.17 21.45
CA LEU A 599 -3.09 7.19 22.90
C LEU A 599 -2.89 8.59 23.40
N SER A 600 -3.84 9.02 24.22
CA SER A 600 -3.82 10.31 24.87
C SER A 600 -4.16 10.13 26.33
N VAL A 601 -3.33 10.75 27.17
CA VAL A 601 -3.50 10.74 28.62
C VAL A 601 -3.53 12.22 29.03
N LYS A 602 -4.68 12.66 29.59
CA LYS A 602 -4.88 14.04 30.03
C LYS A 602 -5.20 14.13 31.53
N GLY A 603 -4.99 15.31 32.08
CA GLY A 603 -5.31 15.57 33.48
C GLY A 603 -4.13 15.92 34.35
N TYR A 604 -4.33 15.77 35.67
CA TYR A 604 -3.29 16.04 36.67
C TYR A 604 -2.09 15.14 36.45
N ASN A 605 -0.89 15.75 36.42
CA ASN A 605 0.37 15.07 36.16
C ASN A 605 0.84 14.12 37.27
N ASP A 606 0.43 14.38 38.54
CA ASP A 606 0.87 13.64 39.73
C ASP A 606 0.92 12.10 39.53
N LYS A 607 -0.24 11.44 39.38
CA LYS A 607 -0.30 9.98 39.26
C LYS A 607 -0.35 9.51 37.80
N GLN A 608 -0.02 10.42 36.87
CA GLN A 608 -0.06 10.21 35.42
C GLN A 608 0.85 9.08 34.93
N PRO A 609 2.14 9.00 35.37
CA PRO A 609 3.03 7.90 34.91
C PRO A 609 2.55 6.50 35.27
N ILE A 610 1.91 6.34 36.45
CA ILE A 610 1.37 5.07 36.96
C ILE A 610 0.33 4.52 35.97
N LEU A 611 -0.65 5.34 35.56
CA LEU A 611 -1.67 4.92 34.60
C LEU A 611 -1.04 4.62 33.25
N LEU A 612 -0.08 5.46 32.81
CA LEU A 612 0.61 5.23 31.54
C LEU A 612 1.32 3.88 31.55
N LYS A 613 2.06 3.59 32.64
CA LYS A 613 2.73 2.30 32.82
C LYS A 613 1.75 1.14 32.66
N LYS A 614 0.61 1.21 33.37
CA LYS A 614 -0.45 0.20 33.31
C LYS A 614 -1.03 0.02 31.92
N ILE A 615 -1.28 1.13 31.18
CA ILE A 615 -1.83 1.09 29.83
C ILE A 615 -0.88 0.33 28.90
N ILE A 616 0.41 0.71 28.86
CA ILE A 616 1.42 0.06 28.02
C ILE A 616 1.68 -1.41 28.44
N GLU A 617 1.68 -1.69 29.77
CA GLU A 617 1.86 -3.06 30.29
C GLU A 617 0.76 -3.97 29.80
N LYS A 618 -0.50 -3.49 29.84
CA LYS A 618 -1.65 -4.26 29.38
C LYS A 618 -1.56 -4.50 27.86
N MET A 619 -1.12 -3.46 27.10
CA MET A 619 -0.98 -3.47 25.63
C MET A 619 -0.06 -4.62 25.20
N ALA A 620 1.14 -4.66 25.81
CA ALA A 620 2.21 -5.61 25.55
C ALA A 620 1.98 -7.05 26.10
N THR A 621 1.17 -7.22 27.16
CA THR A 621 0.91 -8.55 27.75
C THR A 621 -0.59 -8.78 27.93
N PHE A 622 -1.35 -8.62 26.84
CA PHE A 622 -2.79 -8.73 26.87
C PHE A 622 -3.31 -10.17 26.75
N GLU A 623 -4.12 -10.57 27.74
CA GLU A 623 -4.80 -11.87 27.85
C GLU A 623 -6.30 -11.68 27.60
N ILE A 624 -6.75 -12.02 26.39
CA ILE A 624 -8.14 -11.84 25.99
C ILE A 624 -9.05 -12.90 26.65
N ASP A 625 -10.17 -12.43 27.26
CA ASP A 625 -11.21 -13.27 27.84
C ASP A 625 -12.20 -13.54 26.71
N GLU A 626 -12.30 -14.80 26.27
CA GLU A 626 -13.15 -15.29 25.18
C GLU A 626 -14.59 -14.75 25.21
N LYS A 627 -15.20 -14.66 26.41
CA LYS A 627 -16.57 -14.15 26.60
C LYS A 627 -16.68 -12.67 26.20
N ARG A 628 -15.68 -11.86 26.61
CA ARG A 628 -15.59 -10.44 26.31
C ARG A 628 -15.41 -10.23 24.80
N PHE A 629 -14.42 -10.93 24.20
CA PHE A 629 -14.12 -10.93 22.76
C PHE A 629 -15.42 -11.16 21.94
N GLU A 630 -16.18 -12.23 22.27
CA GLU A 630 -17.44 -12.55 21.59
C GLU A 630 -18.52 -11.48 21.79
N ILE A 631 -18.55 -10.83 22.95
CA ILE A 631 -19.52 -9.78 23.27
C ILE A 631 -19.20 -8.53 22.49
N ILE A 632 -17.91 -8.11 22.52
CA ILE A 632 -17.37 -6.96 21.82
C ILE A 632 -17.44 -7.16 20.29
N LYS A 633 -17.15 -8.37 19.79
CA LYS A 633 -17.21 -8.70 18.35
C LYS A 633 -18.64 -8.48 17.81
N GLU A 634 -19.64 -8.91 18.60
CA GLU A 634 -21.06 -8.78 18.30
C GLU A 634 -21.48 -7.31 18.26
N ALA A 635 -21.11 -6.52 19.28
CA ALA A 635 -21.42 -5.10 19.41
C ALA A 635 -20.78 -4.27 18.28
N TYR A 636 -19.54 -4.66 17.84
CA TYR A 636 -18.84 -4.00 16.71
C TYR A 636 -19.54 -4.31 15.39
N MET A 637 -20.15 -5.50 15.27
CA MET A 637 -20.91 -5.92 14.10
C MET A 637 -22.16 -5.05 13.96
N ARG A 638 -22.84 -4.79 15.11
CA ARG A 638 -24.05 -3.96 15.18
C ARG A 638 -23.70 -2.52 14.85
N SER A 639 -22.61 -1.99 15.47
CA SER A 639 -22.05 -0.66 15.24
C SER A 639 -21.80 -0.41 13.72
N LEU A 640 -21.38 -1.46 12.97
CA LEU A 640 -21.12 -1.41 11.53
C LEU A 640 -22.41 -1.20 10.74
N ASN A 641 -23.46 -1.97 11.08
CA ASN A 641 -24.78 -1.90 10.46
C ASN A 641 -25.49 -0.59 10.84
N ASN A 642 -25.24 -0.08 12.05
CA ASN A 642 -25.85 1.15 12.57
C ASN A 642 -25.42 2.45 11.88
N PHE A 643 -24.43 2.37 10.97
CA PHE A 643 -23.98 3.52 10.21
C PHE A 643 -25.04 3.97 9.19
N ARG A 644 -25.90 3.04 8.72
CA ARG A 644 -27.02 3.31 7.80
C ARG A 644 -28.07 4.25 8.41
N ALA A 645 -28.14 4.30 9.75
CA ALA A 645 -29.04 5.15 10.54
C ALA A 645 -28.46 6.54 10.78
N GLU A 646 -27.23 6.78 10.31
CA GLU A 646 -26.59 8.08 10.42
C GLU A 646 -27.19 9.00 9.34
N GLN A 647 -27.13 10.33 9.56
CA GLN A 647 -27.73 11.34 8.69
C GLN A 647 -27.07 11.43 7.29
N PRO A 648 -27.85 11.78 6.23
CA PRO A 648 -27.29 11.86 4.86
C PRO A 648 -26.03 12.69 4.67
N HIS A 649 -25.87 13.82 5.36
CA HIS A 649 -24.66 14.66 5.26
C HIS A 649 -23.43 13.91 5.84
N GLN A 650 -23.64 13.13 6.91
CA GLN A 650 -22.61 12.33 7.57
C GLN A 650 -22.11 11.20 6.66
N HIS A 651 -23.03 10.61 5.87
CA HIS A 651 -22.77 9.58 4.86
C HIS A 651 -21.97 10.18 3.73
N ALA A 652 -22.41 11.35 3.22
CA ALA A 652 -21.77 12.10 2.14
C ALA A 652 -20.30 12.40 2.45
N MET A 653 -20.00 12.84 3.69
CA MET A 653 -18.65 13.13 4.18
C MET A 653 -17.79 11.87 4.25
N TYR A 654 -18.40 10.73 4.61
CA TYR A 654 -17.77 9.42 4.68
C TYR A 654 -17.37 8.91 3.25
N TYR A 655 -18.27 9.03 2.26
CA TYR A 655 -18.01 8.61 0.88
C TYR A 655 -16.90 9.41 0.20
N LEU A 656 -16.81 10.73 0.45
CA LEU A 656 -15.75 11.57 -0.14
C LEU A 656 -14.38 11.19 0.37
N ARG A 657 -14.26 10.90 1.69
CA ARG A 657 -13.01 10.46 2.32
C ARG A 657 -12.50 9.18 1.67
N LEU A 658 -13.42 8.21 1.40
CA LEU A 658 -13.15 6.92 0.76
C LEU A 658 -12.59 7.13 -0.61
N LEU A 659 -13.33 7.88 -1.40
CA LEU A 659 -13.09 8.25 -2.80
C LEU A 659 -11.75 8.96 -2.99
N MET A 660 -11.48 9.96 -2.14
CA MET A 660 -10.31 10.84 -2.24
C MET A 660 -9.03 10.30 -1.65
N THR A 661 -9.09 9.23 -0.83
CA THR A 661 -7.89 8.65 -0.20
C THR A 661 -7.47 7.39 -0.98
N GLU A 662 -6.15 7.23 -1.20
CA GLU A 662 -5.50 6.12 -1.91
C GLU A 662 -5.97 4.73 -1.45
N VAL A 663 -5.97 4.49 -0.11
CA VAL A 663 -6.42 3.22 0.52
C VAL A 663 -7.47 3.61 1.59
N ALA A 664 -8.64 2.93 1.56
CA ALA A 664 -9.73 3.19 2.49
C ALA A 664 -10.72 2.06 2.43
N TRP A 665 -10.88 1.36 3.57
CA TRP A 665 -11.81 0.23 3.69
C TRP A 665 -13.18 0.69 4.04
N THR A 666 -14.14 0.31 3.20
CA THR A 666 -15.55 0.65 3.37
C THR A 666 -16.15 -0.12 4.53
N LYS A 667 -17.31 0.33 5.06
CA LYS A 667 -18.05 -0.32 6.15
C LYS A 667 -18.48 -1.70 5.71
N ASP A 668 -18.84 -1.87 4.41
CA ASP A 668 -19.27 -3.14 3.81
C ASP A 668 -18.13 -4.15 3.77
N GLU A 669 -16.91 -3.68 3.49
CA GLU A 669 -15.70 -4.50 3.47
C GLU A 669 -15.35 -4.91 4.89
N LEU A 670 -15.37 -3.96 5.86
CA LEU A 670 -15.06 -4.25 7.26
C LEU A 670 -16.00 -5.30 7.85
N LYS A 671 -17.32 -5.22 7.53
CA LYS A 671 -18.29 -6.17 8.10
C LYS A 671 -18.23 -7.53 7.42
N GLU A 672 -17.78 -7.60 6.17
CA GLU A 672 -17.62 -8.87 5.45
C GLU A 672 -16.46 -9.64 6.11
N ALA A 673 -15.34 -8.93 6.40
CA ALA A 673 -14.14 -9.48 7.01
C ALA A 673 -14.22 -9.70 8.53
N LEU A 674 -15.33 -9.32 9.19
CA LEU A 674 -15.47 -9.52 10.64
C LEU A 674 -15.71 -10.97 11.03
N ASP A 675 -16.46 -11.72 10.23
CA ASP A 675 -16.76 -13.14 10.47
C ASP A 675 -15.50 -13.97 10.57
N ASP A 676 -14.49 -13.64 9.75
CA ASP A 676 -13.17 -14.27 9.73
C ASP A 676 -12.31 -13.95 10.97
N VAL A 677 -12.73 -12.98 11.82
CA VAL A 677 -11.98 -12.62 13.03
C VAL A 677 -12.28 -13.66 14.09
N THR A 678 -11.34 -14.59 14.31
CA THR A 678 -11.43 -15.64 15.33
C THR A 678 -10.52 -15.24 16.50
N LEU A 679 -10.69 -15.88 17.67
CA LEU A 679 -9.88 -15.61 18.86
C LEU A 679 -8.39 -15.99 18.62
N PRO A 680 -8.04 -17.13 17.94
CA PRO A 680 -6.61 -17.40 17.67
C PRO A 680 -6.00 -16.41 16.70
N ARG A 681 -6.75 -16.02 15.64
CA ARG A 681 -6.33 -15.05 14.63
C ARG A 681 -5.99 -13.70 15.29
N LEU A 682 -6.82 -13.28 16.26
CA LEU A 682 -6.61 -12.04 17.01
C LEU A 682 -5.43 -12.18 17.98
N LYS A 683 -5.29 -13.35 18.63
CA LYS A 683 -4.19 -13.67 19.53
C LYS A 683 -2.87 -13.65 18.75
N ALA A 684 -2.90 -14.09 17.46
CA ALA A 684 -1.74 -14.06 16.58
C ALA A 684 -1.41 -12.61 16.12
N PHE A 685 -2.45 -11.80 15.88
CA PHE A 685 -2.33 -10.42 15.43
C PHE A 685 -1.58 -9.49 16.38
N ILE A 686 -1.89 -9.51 17.69
CA ILE A 686 -1.31 -8.58 18.68
C ILE A 686 0.23 -8.63 18.69
N PRO A 687 0.92 -9.79 18.82
CA PRO A 687 2.39 -9.77 18.78
C PRO A 687 2.95 -9.26 17.45
N GLN A 688 2.29 -9.60 16.30
CA GLN A 688 2.69 -9.16 14.97
C GLN A 688 2.60 -7.64 14.85
N LEU A 689 1.47 -7.07 15.28
CA LEU A 689 1.24 -5.62 15.27
C LEU A 689 2.30 -4.87 16.11
N LEU A 690 2.64 -5.41 17.30
CA LEU A 690 3.57 -4.79 18.24
C LEU A 690 5.04 -5.16 18.02
N SER A 691 5.31 -6.15 17.14
CA SER A 691 6.66 -6.63 16.80
C SER A 691 7.53 -5.52 16.23
N ARG A 692 6.95 -4.64 15.38
CA ARG A 692 7.62 -3.50 14.74
C ARG A 692 6.77 -2.23 14.81
N LEU A 693 7.30 -1.15 15.44
CA LEU A 693 6.58 0.11 15.61
C LEU A 693 7.44 1.36 15.53
N HIS A 694 6.82 2.48 15.14
CA HIS A 694 7.38 3.82 15.25
C HIS A 694 6.40 4.57 16.15
N ILE A 695 6.93 5.31 17.12
CA ILE A 695 6.12 6.08 18.04
C ILE A 695 6.51 7.52 17.86
N GLU A 696 5.53 8.40 17.62
CA GLU A 696 5.72 9.84 17.58
C GLU A 696 4.87 10.43 18.72
N ALA A 697 5.50 11.21 19.59
CA ALA A 697 4.84 11.75 20.78
C ALA A 697 4.89 13.26 20.94
N LEU A 698 3.97 13.76 21.77
CA LEU A 698 3.86 15.13 22.24
C LEU A 698 3.47 15.14 23.71
N LEU A 699 4.40 15.59 24.55
CA LEU A 699 4.17 15.71 25.99
C LEU A 699 4.29 17.18 26.29
N HIS A 700 3.13 17.74 26.66
CA HIS A 700 2.94 19.14 26.94
C HIS A 700 2.28 19.34 28.31
N GLY A 701 2.66 20.41 29.01
CA GLY A 701 2.08 20.76 30.30
C GLY A 701 3.08 20.99 31.41
N ASN A 702 2.72 20.54 32.63
CA ASN A 702 3.53 20.64 33.84
C ASN A 702 4.50 19.47 33.96
N ILE A 703 5.54 19.46 33.08
CA ILE A 703 6.62 18.47 33.01
C ILE A 703 7.90 19.17 32.64
N THR A 704 9.04 18.62 33.10
CA THR A 704 10.37 19.09 32.74
C THR A 704 10.93 18.18 31.63
N LYS A 705 11.95 18.65 30.88
CA LYS A 705 12.64 17.90 29.81
C LYS A 705 13.05 16.47 30.21
N GLN A 706 13.71 16.31 31.38
CA GLN A 706 14.16 15.00 31.85
C GLN A 706 12.99 14.07 32.24
N ALA A 707 11.85 14.67 32.68
CA ALA A 707 10.63 13.90 33.02
C ALA A 707 9.99 13.33 31.74
N ALA A 708 9.91 14.14 30.66
CA ALA A 708 9.37 13.71 29.36
C ALA A 708 10.19 12.52 28.77
N LEU A 709 11.53 12.63 28.80
CA LEU A 709 12.47 11.57 28.36
C LEU A 709 12.26 10.24 29.11
N GLY A 710 12.08 10.34 30.44
CA GLY A 710 11.81 9.19 31.30
C GLY A 710 10.46 8.55 31.03
N ILE A 711 9.48 9.35 30.55
CA ILE A 711 8.15 8.86 30.20
C ILE A 711 8.26 8.05 28.90
N MET A 712 8.92 8.63 27.90
CA MET A 712 9.12 8.00 26.61
C MET A 712 9.91 6.69 26.75
N GLN A 713 10.98 6.71 27.55
CA GLN A 713 11.80 5.53 27.82
C GLN A 713 10.98 4.43 28.46
N MET A 714 10.14 4.76 29.46
CA MET A 714 9.25 3.80 30.11
C MET A 714 8.31 3.13 29.05
N VAL A 715 7.73 3.93 28.13
CA VAL A 715 6.85 3.49 27.03
C VAL A 715 7.63 2.52 26.12
N GLU A 716 8.86 2.92 25.72
CA GLU A 716 9.75 2.11 24.88
C GLU A 716 10.14 0.78 25.55
N ASP A 717 10.67 0.86 26.79
CA ASP A 717 11.12 -0.29 27.56
C ASP A 717 10.04 -1.34 27.76
N THR A 718 8.80 -0.89 28.07
CA THR A 718 7.64 -1.78 28.26
C THR A 718 7.30 -2.54 26.98
N LEU A 719 7.39 -1.87 25.83
CA LEU A 719 7.12 -2.49 24.55
C LEU A 719 8.27 -3.42 24.13
N ILE A 720 9.53 -2.94 24.29
CA ILE A 720 10.73 -3.72 23.97
C ILE A 720 10.78 -5.03 24.78
N GLU A 721 10.58 -4.95 26.12
CA GLU A 721 10.65 -6.11 27.02
C GLU A 721 9.57 -7.17 26.81
N HIS A 722 8.30 -6.77 26.87
CA HIS A 722 7.14 -7.67 26.84
C HIS A 722 6.62 -8.02 25.46
N ALA A 723 6.75 -7.10 24.48
CA ALA A 723 6.28 -7.33 23.11
C ALA A 723 7.40 -7.59 22.11
N HIS A 724 8.68 -7.46 22.56
CA HIS A 724 9.90 -7.67 21.76
C HIS A 724 9.95 -6.71 20.56
N THR A 725 9.46 -5.48 20.79
CA THR A 725 9.34 -4.39 19.83
C THR A 725 10.68 -3.96 19.25
N LYS A 726 10.71 -3.79 17.92
CA LYS A 726 11.84 -3.32 17.13
C LYS A 726 11.33 -2.16 16.27
N PRO A 727 12.19 -1.20 15.80
CA PRO A 727 11.66 -0.09 14.98
C PRO A 727 11.37 -0.45 13.52
N LEU A 728 10.58 0.41 12.84
CA LEU A 728 10.26 0.27 11.42
C LEU A 728 11.27 1.06 10.60
N LEU A 729 11.44 0.66 9.32
CA LEU A 729 12.33 1.30 8.35
C LEU A 729 11.74 2.63 7.93
N PRO A 730 12.55 3.68 7.65
CA PRO A 730 11.96 4.96 7.23
C PRO A 730 11.14 4.85 5.93
N SER A 731 11.50 3.88 5.06
CA SER A 731 10.77 3.58 3.82
C SER A 731 9.42 2.92 4.10
N GLN A 732 9.20 2.44 5.33
CA GLN A 732 7.94 1.80 5.73
C GLN A 732 6.98 2.83 6.29
N LEU A 733 7.52 4.00 6.68
CA LEU A 733 6.79 5.10 7.27
C LEU A 733 6.15 5.93 6.16
N VAL A 734 5.25 5.28 5.41
CA VAL A 734 4.57 5.92 4.29
C VAL A 734 3.10 6.24 4.61
N ARG A 735 2.65 7.42 4.14
CA ARG A 735 1.30 7.96 4.31
C ARG A 735 0.52 7.86 3.00
N TYR A 736 -0.82 7.85 3.06
CA TYR A 736 -1.67 7.80 1.87
C TYR A 736 -1.79 9.15 1.21
N ARG A 737 -1.86 9.11 -0.12
CA ARG A 737 -1.94 10.29 -0.96
C ARG A 737 -3.39 10.62 -1.29
N GLU A 738 -3.64 11.88 -1.67
CA GLU A 738 -4.96 12.29 -2.13
C GLU A 738 -5.00 12.09 -3.64
N VAL A 739 -6.17 11.71 -4.16
CA VAL A 739 -6.44 11.54 -5.59
C VAL A 739 -6.31 12.92 -6.29
N GLN A 740 -5.56 12.98 -7.42
CA GLN A 740 -5.34 14.22 -8.19
C GLN A 740 -6.36 14.37 -9.34
N LEU A 741 -7.42 15.16 -9.09
CA LEU A 741 -8.50 15.35 -10.08
C LEU A 741 -8.05 16.09 -11.37
N PRO A 742 -8.62 15.76 -12.55
CA PRO A 742 -8.19 16.45 -13.78
C PRO A 742 -8.77 17.85 -13.92
N ASP A 743 -8.06 18.74 -14.67
CA ASP A 743 -8.49 20.12 -14.96
C ASP A 743 -9.78 20.10 -15.75
N ARG A 744 -10.76 20.95 -15.35
CA ARG A 744 -12.11 21.09 -15.93
C ARG A 744 -12.93 19.78 -15.79
N GLY A 745 -12.58 18.98 -14.79
CA GLY A 745 -13.26 17.72 -14.50
C GLY A 745 -14.32 17.84 -13.43
N TRP A 746 -15.39 17.04 -13.58
CA TRP A 746 -16.48 16.94 -12.63
C TRP A 746 -16.94 15.50 -12.53
N PHE A 747 -16.81 14.92 -11.32
CA PHE A 747 -17.20 13.54 -10.99
C PHE A 747 -18.27 13.54 -9.94
N VAL A 748 -19.27 12.65 -10.09
CA VAL A 748 -20.37 12.51 -9.14
C VAL A 748 -20.52 11.06 -8.68
N TYR A 749 -20.55 10.83 -7.35
CA TYR A 749 -20.81 9.52 -6.74
C TYR A 749 -22.16 9.62 -6.04
N GLN A 750 -23.11 8.74 -6.42
CA GLN A 750 -24.45 8.71 -5.85
C GLN A 750 -24.73 7.45 -5.05
N GLN A 751 -25.36 7.64 -3.89
CA GLN A 751 -25.78 6.63 -2.92
C GLN A 751 -27.10 7.07 -2.30
N ARG A 752 -27.82 6.14 -1.66
CA ARG A 752 -29.10 6.38 -1.01
C ARG A 752 -29.03 6.14 0.50
N ASN A 753 -29.64 7.02 1.31
CA ASN A 753 -29.77 6.85 2.77
C ASN A 753 -31.14 6.17 2.93
N GLU A 754 -31.18 5.01 3.61
CA GLU A 754 -32.38 4.18 3.77
C GLU A 754 -33.23 4.50 5.01
N VAL A 755 -32.70 5.31 5.94
CA VAL A 755 -33.36 5.67 7.20
C VAL A 755 -34.05 7.04 7.13
N HIS A 756 -33.32 8.07 6.65
CA HIS A 756 -33.82 9.44 6.58
C HIS A 756 -34.39 9.82 5.21
N ASN A 757 -35.45 10.67 5.20
CA ASN A 757 -36.12 11.16 3.98
C ASN A 757 -35.73 12.62 3.67
N ASN A 758 -34.41 12.83 3.64
CA ASN A 758 -33.71 14.06 3.36
C ASN A 758 -32.53 13.68 2.48
N SER A 759 -31.98 14.64 1.75
CA SER A 759 -30.80 14.41 0.93
C SER A 759 -29.57 15.01 1.62
N GLY A 760 -28.41 14.52 1.22
CA GLY A 760 -27.11 14.98 1.70
C GLY A 760 -26.17 15.24 0.54
N ILE A 761 -25.32 16.23 0.70
CA ILE A 761 -24.38 16.60 -0.36
C ILE A 761 -23.13 17.20 0.21
N GLU A 762 -22.02 16.87 -0.44
CA GLU A 762 -20.72 17.47 -0.22
C GLU A 762 -20.17 17.81 -1.60
N ILE A 763 -19.83 19.10 -1.78
CA ILE A 763 -19.24 19.59 -3.02
C ILE A 763 -17.85 20.04 -2.69
N TYR A 764 -16.87 19.37 -3.31
CA TYR A 764 -15.46 19.64 -3.11
C TYR A 764 -14.81 20.15 -4.39
N TYR A 765 -14.24 21.36 -4.31
CA TYR A 765 -13.48 21.97 -5.39
C TYR A 765 -12.04 21.88 -4.93
N GLN A 766 -11.34 20.86 -5.41
CA GLN A 766 -9.94 20.61 -5.08
C GLN A 766 -9.09 21.70 -5.72
N THR A 767 -8.28 22.39 -4.91
CA THR A 767 -7.43 23.46 -5.44
C THR A 767 -6.02 22.88 -5.71
N ASP A 768 -5.15 22.88 -4.69
CA ASP A 768 -3.78 22.37 -4.80
C ASP A 768 -3.22 22.05 -3.42
N MET A 769 -1.99 21.52 -3.43
CA MET A 769 -1.15 21.23 -2.30
C MET A 769 -1.02 22.48 -1.41
N GLN A 770 -1.14 22.28 -0.09
CA GLN A 770 -1.05 23.33 0.93
C GLN A 770 0.32 24.05 0.93
N SER A 771 0.28 25.39 1.06
CA SER A 771 1.44 26.30 1.12
C SER A 771 0.97 27.65 1.67
N THR A 772 1.88 28.47 2.25
CA THR A 772 1.57 29.80 2.81
C THR A 772 0.61 30.61 1.94
N SER A 773 0.88 30.63 0.61
CA SER A 773 0.12 31.33 -0.44
C SER A 773 -1.22 30.67 -0.75
N GLU A 774 -1.22 29.36 -1.08
CA GLU A 774 -2.42 28.57 -1.38
C GLU A 774 -3.43 28.54 -0.22
N ASN A 775 -2.94 28.44 1.03
CA ASN A 775 -3.77 28.41 2.24
C ASN A 775 -4.53 29.71 2.41
N MET A 776 -3.82 30.85 2.31
CA MET A 776 -4.40 32.19 2.48
C MET A 776 -5.31 32.62 1.35
N PHE A 777 -5.09 32.10 0.11
CA PHE A 777 -5.98 32.38 -1.04
C PHE A 777 -7.35 31.72 -0.77
N LEU A 778 -7.32 30.45 -0.33
CA LEU A 778 -8.50 29.63 -0.01
C LEU A 778 -9.21 30.13 1.25
N GLU A 779 -8.45 30.40 2.33
CA GLU A 779 -8.96 30.90 3.61
C GLU A 779 -9.56 32.32 3.50
N LEU A 780 -9.01 33.18 2.60
CA LEU A 780 -9.60 34.50 2.40
C LEU A 780 -10.94 34.38 1.69
N PHE A 781 -11.01 33.63 0.56
CA PHE A 781 -12.25 33.36 -0.16
C PHE A 781 -13.29 32.72 0.79
N ALA A 782 -12.85 31.78 1.64
CA ALA A 782 -13.70 31.15 2.66
C ALA A 782 -14.20 32.19 3.67
N GLN A 783 -13.31 33.07 4.19
CA GLN A 783 -13.65 34.14 5.14
C GLN A 783 -14.72 35.06 4.53
N ILE A 784 -14.52 35.51 3.27
CA ILE A 784 -15.46 36.38 2.53
C ILE A 784 -16.86 35.76 2.35
N ILE A 785 -16.93 34.47 1.90
CA ILE A 785 -18.18 33.79 1.57
C ILE A 785 -18.91 33.18 2.75
N SER A 786 -18.22 32.99 3.90
CA SER A 786 -18.73 32.32 5.11
C SER A 786 -20.12 32.76 5.55
N GLU A 787 -20.28 34.01 6.06
CA GLU A 787 -21.58 34.55 6.50
C GLU A 787 -22.59 34.60 5.33
N PRO A 788 -22.27 35.18 4.15
CA PRO A 788 -23.25 35.21 3.05
C PRO A 788 -23.88 33.86 2.74
N ALA A 789 -23.07 32.75 2.76
CA ALA A 789 -23.50 31.37 2.50
C ALA A 789 -24.66 30.94 3.37
N PHE A 790 -24.55 31.23 4.68
CA PHE A 790 -25.59 30.94 5.66
C PHE A 790 -26.84 31.80 5.41
N ASN A 791 -26.69 33.12 5.22
CA ASN A 791 -27.81 34.02 4.99
C ASN A 791 -28.54 33.75 3.65
N THR A 792 -27.83 33.26 2.62
CA THR A 792 -28.42 33.00 1.31
C THR A 792 -29.09 31.62 1.26
N LEU A 793 -28.26 30.57 1.30
CA LEU A 793 -28.66 29.19 1.17
C LEU A 793 -29.54 28.69 2.31
N ARG A 794 -29.27 29.12 3.54
CA ARG A 794 -30.04 28.70 4.71
C ARG A 794 -31.24 29.62 4.99
N THR A 795 -31.01 30.93 5.12
CA THR A 795 -32.03 31.91 5.49
C THR A 795 -32.96 32.29 4.32
N LYS A 796 -32.40 32.76 3.19
CA LYS A 796 -33.21 33.20 2.07
C LYS A 796 -33.84 32.06 1.30
N GLU A 797 -33.03 31.23 0.64
CA GLU A 797 -33.50 30.12 -0.18
C GLU A 797 -34.11 28.95 0.62
N GLN A 798 -33.90 28.91 1.97
CA GLN A 798 -34.40 27.89 2.89
C GLN A 798 -34.11 26.46 2.39
N LEU A 799 -32.85 26.22 1.93
CA LEU A 799 -32.43 24.96 1.33
C LEU A 799 -32.46 23.78 2.29
N GLY A 800 -31.86 23.93 3.46
CA GLY A 800 -31.85 22.87 4.46
C GLY A 800 -31.41 23.31 5.85
N TYR A 801 -31.60 22.41 6.85
CA TYR A 801 -31.24 22.62 8.25
C TYR A 801 -29.73 22.77 8.38
N ILE A 802 -29.00 22.02 7.54
CA ILE A 802 -27.55 22.03 7.51
C ILE A 802 -27.04 22.66 6.19
N VAL A 803 -26.31 23.78 6.33
CA VAL A 803 -25.63 24.52 5.25
C VAL A 803 -24.25 24.87 5.80
N PHE A 804 -23.21 24.33 5.17
CA PHE A 804 -21.84 24.53 5.62
C PHE A 804 -20.88 24.82 4.48
N SER A 805 -19.96 25.75 4.71
CA SER A 805 -18.90 26.13 3.79
C SER A 805 -17.59 26.36 4.55
N GLY A 806 -16.48 26.05 3.88
CA GLY A 806 -15.15 26.25 4.44
C GLY A 806 -14.08 25.44 3.74
N PRO A 807 -12.80 25.62 4.17
CA PRO A 807 -11.71 24.83 3.58
C PRO A 807 -11.76 23.34 3.96
N ARG A 808 -11.26 22.47 3.07
CA ARG A 808 -11.13 21.03 3.31
C ARG A 808 -9.63 20.79 3.28
N ARG A 809 -9.11 20.04 4.26
CA ARG A 809 -7.68 19.78 4.40
C ARG A 809 -7.45 18.30 4.64
N ALA A 810 -6.84 17.62 3.67
CA ALA A 810 -6.63 16.18 3.75
C ALA A 810 -5.40 15.74 3.00
N ASN A 811 -4.53 15.00 3.70
CA ASN A 811 -3.32 14.41 3.12
C ASN A 811 -2.35 15.44 2.51
N GLY A 812 -2.32 16.64 3.08
CA GLY A 812 -1.47 17.73 2.62
C GLY A 812 -2.00 18.51 1.41
N ILE A 813 -3.23 18.15 0.96
CA ILE A 813 -3.96 18.79 -0.15
C ILE A 813 -5.14 19.54 0.47
N GLN A 814 -5.61 20.59 -0.22
CA GLN A 814 -6.74 21.37 0.24
C GLN A 814 -7.69 21.74 -0.90
N GLY A 815 -8.80 22.36 -0.54
CA GLY A 815 -9.82 22.81 -1.47
C GLY A 815 -10.99 23.42 -0.75
N LEU A 816 -12.01 23.85 -1.50
CA LEU A 816 -13.24 24.45 -0.96
C LEU A 816 -14.33 23.40 -0.88
N ARG A 817 -15.01 23.33 0.27
CA ARG A 817 -16.10 22.39 0.50
C ARG A 817 -17.43 23.07 0.90
N PHE A 818 -18.53 22.45 0.46
CA PHE A 818 -19.91 22.80 0.75
C PHE A 818 -20.60 21.53 1.19
N ILE A 819 -21.18 21.55 2.39
CA ILE A 819 -21.92 20.42 2.96
C ILE A 819 -23.34 20.89 3.23
N ILE A 820 -24.34 20.25 2.60
CA ILE A 820 -25.74 20.61 2.77
C ILE A 820 -26.63 19.37 2.98
N GLN A 821 -27.55 19.46 3.94
CA GLN A 821 -28.58 18.46 4.23
C GLN A 821 -29.93 19.15 4.01
N SER A 822 -30.63 18.76 2.93
CA SER A 822 -31.88 19.36 2.44
C SER A 822 -33.00 18.34 2.24
N GLU A 823 -34.23 18.81 1.93
CA GLU A 823 -35.36 17.95 1.56
C GLU A 823 -35.43 17.94 0.03
N LYS A 824 -34.76 18.91 -0.60
CA LYS A 824 -34.68 19.12 -2.05
C LYS A 824 -33.60 18.19 -2.67
N PRO A 825 -33.82 17.65 -3.91
CA PRO A 825 -32.80 16.76 -4.50
C PRO A 825 -31.40 17.35 -4.62
N PRO A 826 -30.34 16.51 -4.49
CA PRO A 826 -28.96 17.02 -4.58
C PRO A 826 -28.64 17.76 -5.86
N HIS A 827 -29.31 17.44 -6.98
CA HIS A 827 -29.02 18.15 -8.23
C HIS A 827 -29.56 19.58 -8.23
N TYR A 828 -30.63 19.83 -7.47
CA TYR A 828 -31.16 21.18 -7.32
C TYR A 828 -30.18 21.99 -6.47
N LEU A 829 -29.58 21.33 -5.46
CA LEU A 829 -28.62 21.94 -4.54
C LEU A 829 -27.37 22.38 -5.28
N GLU A 830 -26.96 21.57 -6.28
CA GLU A 830 -25.80 21.80 -7.14
C GLU A 830 -25.92 23.13 -7.86
N SER A 831 -27.08 23.37 -8.50
CA SER A 831 -27.39 24.60 -9.22
C SER A 831 -27.50 25.83 -8.30
N ARG A 832 -27.92 25.63 -7.04
CA ARG A 832 -28.03 26.76 -6.11
C ARG A 832 -26.66 27.22 -5.61
N VAL A 833 -25.76 26.27 -5.28
CA VAL A 833 -24.38 26.56 -4.82
C VAL A 833 -23.64 27.31 -5.93
N GLU A 834 -23.83 26.86 -7.19
CA GLU A 834 -23.18 27.44 -8.36
C GLU A 834 -23.59 28.90 -8.59
N ALA A 835 -24.89 29.21 -8.48
CA ALA A 835 -25.45 30.57 -8.59
C ALA A 835 -24.84 31.45 -7.47
N PHE A 836 -24.79 30.92 -6.23
CA PHE A 836 -24.21 31.59 -5.06
C PHE A 836 -22.73 31.96 -5.28
N LEU A 837 -21.94 31.07 -5.95
CA LEU A 837 -20.51 31.31 -6.24
C LEU A 837 -20.32 32.48 -7.19
N ILE A 838 -21.25 32.64 -8.17
CA ILE A 838 -21.28 33.74 -9.15
C ILE A 838 -21.57 35.07 -8.40
N THR A 839 -22.58 35.05 -7.49
CA THR A 839 -22.98 36.17 -6.63
C THR A 839 -21.78 36.65 -5.77
N MET A 840 -20.97 35.69 -5.29
CA MET A 840 -19.80 35.95 -4.46
C MET A 840 -18.63 36.57 -5.22
N GLU A 841 -18.46 36.17 -6.51
CA GLU A 841 -17.47 36.74 -7.42
C GLU A 841 -17.88 38.22 -7.63
N LYS A 842 -19.19 38.47 -7.88
CA LYS A 842 -19.77 39.81 -8.05
C LYS A 842 -19.52 40.63 -6.79
N SER A 843 -19.84 40.06 -5.62
CA SER A 843 -19.62 40.68 -4.31
C SER A 843 -18.15 41.11 -4.14
N ILE A 844 -17.18 40.25 -4.48
CA ILE A 844 -15.74 40.57 -4.36
C ILE A 844 -15.36 41.70 -5.33
N GLU A 845 -15.93 41.70 -6.57
CA GLU A 845 -15.68 42.73 -7.61
C GLU A 845 -16.20 44.09 -7.12
N ASP A 846 -17.47 44.08 -6.65
CA ASP A 846 -18.24 45.24 -6.20
C ASP A 846 -17.84 45.79 -4.84
N MET A 847 -17.32 44.95 -3.91
CA MET A 847 -16.96 45.42 -2.56
C MET A 847 -15.83 46.45 -2.56
N THR A 848 -15.86 47.34 -1.57
CA THR A 848 -14.88 48.40 -1.38
C THR A 848 -13.62 47.83 -0.76
N GLU A 849 -12.51 48.60 -0.81
CA GLU A 849 -11.24 48.22 -0.20
C GLU A 849 -11.39 48.21 1.33
N GLU A 850 -12.21 49.13 1.87
CA GLU A 850 -12.49 49.25 3.30
C GLU A 850 -13.17 47.96 3.82
N ALA A 851 -14.17 47.42 3.07
CA ALA A 851 -14.90 46.19 3.41
C ALA A 851 -13.99 44.96 3.25
N PHE A 852 -13.09 45.01 2.25
CA PHE A 852 -12.13 43.96 1.94
C PHE A 852 -11.07 43.83 3.02
N GLN A 853 -10.53 44.96 3.52
CA GLN A 853 -9.52 44.95 4.58
C GLN A 853 -10.08 44.42 5.90
N LYS A 854 -11.37 44.70 6.15
CA LYS A 854 -12.12 44.21 7.31
C LYS A 854 -12.17 42.66 7.33
N HIS A 855 -12.25 42.02 6.12
CA HIS A 855 -12.21 40.56 5.93
C HIS A 855 -10.83 40.04 6.27
N ILE A 856 -9.76 40.66 5.70
CA ILE A 856 -8.35 40.33 5.98
C ILE A 856 -8.09 40.44 7.50
N GLN A 857 -8.66 41.48 8.15
CA GLN A 857 -8.51 41.71 9.57
C GLN A 857 -9.30 40.69 10.42
N ALA A 858 -10.53 40.34 10.01
CA ALA A 858 -11.39 39.34 10.71
C ALA A 858 -10.70 37.99 10.77
N LEU A 859 -10.21 37.50 9.61
CA LEU A 859 -9.48 36.25 9.48
C LEU A 859 -8.21 36.29 10.34
N ALA A 860 -7.41 37.38 10.21
CA ALA A 860 -6.16 37.61 10.97
C ALA A 860 -6.32 37.50 12.49
N ILE A 861 -7.43 38.04 13.05
CA ILE A 861 -7.72 38.00 14.49
C ILE A 861 -8.06 36.56 14.93
N ARG A 862 -8.93 35.86 14.14
CA ARG A 862 -9.32 34.46 14.35
C ARG A 862 -8.09 33.52 14.37
N ARG A 863 -7.17 33.72 13.41
CA ARG A 863 -5.95 32.94 13.27
C ARG A 863 -4.91 33.25 14.34
N LEU A 864 -4.96 34.46 14.92
CA LEU A 864 -4.03 34.89 15.97
C LEU A 864 -4.64 34.78 17.36
N ASP A 865 -5.83 34.17 17.44
CA ASP A 865 -6.54 33.93 18.67
C ASP A 865 -5.71 32.99 19.53
N LYS A 866 -5.36 33.47 20.74
CA LYS A 866 -4.56 32.72 21.71
C LYS A 866 -5.37 31.57 22.27
N PRO A 867 -4.78 30.36 22.49
CA PRO A 867 -5.54 29.27 23.12
C PRO A 867 -5.84 29.66 24.57
N LYS A 868 -7.04 29.29 25.07
CA LYS A 868 -7.51 29.66 26.40
C LYS A 868 -7.39 28.54 27.47
N LYS A 869 -6.96 27.34 27.04
CA LYS A 869 -6.68 26.20 27.91
C LYS A 869 -5.54 25.38 27.32
N LEU A 870 -4.85 24.58 28.16
CA LEU A 870 -3.69 23.76 27.75
C LEU A 870 -4.04 22.78 26.64
N SER A 871 -5.21 22.10 26.74
CA SER A 871 -5.67 21.13 25.75
CA SER A 871 -5.68 21.12 25.76
C SER A 871 -5.89 21.75 24.38
N ALA A 872 -6.32 23.03 24.35
CA ALA A 872 -6.55 23.78 23.12
C ALA A 872 -5.20 24.07 22.41
N GLU A 873 -4.13 24.33 23.22
CA GLU A 873 -2.75 24.58 22.79
C GLU A 873 -2.17 23.30 22.22
N SER A 874 -2.29 22.18 22.97
CA SER A 874 -1.80 20.86 22.57
C SER A 874 -2.41 20.39 21.26
N ALA A 875 -3.70 20.68 21.04
CA ALA A 875 -4.44 20.30 19.85
C ALA A 875 -3.88 20.99 18.60
N LYS A 876 -3.40 22.24 18.78
CA LYS A 876 -2.76 23.00 17.70
C LYS A 876 -1.44 22.31 17.32
N TYR A 877 -0.64 21.95 18.35
CA TYR A 877 0.66 21.29 18.18
C TYR A 877 0.53 19.92 17.56
N TRP A 878 -0.46 19.14 18.06
CA TRP A 878 -0.80 17.80 17.58
C TRP A 878 -1.12 17.80 16.09
N GLY A 879 -1.90 18.79 15.64
CA GLY A 879 -2.27 18.96 14.24
C GLY A 879 -1.06 19.05 13.31
N GLU A 880 -0.03 19.85 13.70
CA GLU A 880 1.23 20.03 12.97
C GLU A 880 2.08 18.76 12.98
N ILE A 881 1.99 17.98 14.07
CA ILE A 881 2.74 16.74 14.22
C ILE A 881 2.08 15.61 13.40
N ILE A 882 0.73 15.43 13.48
CA ILE A 882 0.03 14.38 12.73
C ILE A 882 0.03 14.65 11.22
N SER A 883 0.05 15.93 10.80
CA SER A 883 0.12 16.29 9.38
C SER A 883 1.57 16.17 8.85
N GLN A 884 2.54 16.03 9.80
CA GLN A 884 3.98 15.97 9.58
C GLN A 884 4.51 17.24 8.93
N GLN A 885 3.83 18.38 9.16
CA GLN A 885 4.23 19.68 8.61
C GLN A 885 5.07 20.49 9.59
N TYR A 886 4.91 20.27 10.92
CA TYR A 886 5.66 20.87 12.05
C TYR A 886 5.88 22.41 11.94
N ASN A 887 4.84 23.15 11.47
CA ASN A 887 4.95 24.59 11.33
C ASN A 887 4.28 25.27 12.52
N PHE A 888 4.93 25.15 13.70
CA PHE A 888 4.44 25.67 14.98
C PHE A 888 4.27 27.22 15.02
N ASP A 889 4.96 27.97 14.16
CA ASP A 889 4.84 29.43 14.06
C ASP A 889 4.09 29.76 12.75
N ARG A 890 3.09 28.93 12.40
CA ARG A 890 2.27 29.02 11.18
C ARG A 890 1.47 30.31 11.12
N ASP A 891 0.68 30.56 12.18
CA ASP A 891 -0.22 31.71 12.29
C ASP A 891 0.49 33.02 12.00
N ASN A 892 1.65 33.30 12.63
CA ASN A 892 2.43 34.53 12.37
C ASN A 892 2.87 34.67 10.90
N THR A 893 3.47 33.60 10.33
CA THR A 893 3.93 33.53 8.94
C THR A 893 2.79 33.77 7.95
N GLU A 894 1.67 33.04 8.13
CA GLU A 894 0.51 33.10 7.24
C GLU A 894 -0.30 34.35 7.39
N VAL A 895 -0.33 34.96 8.59
CA VAL A 895 -1.04 36.24 8.83
C VAL A 895 -0.23 37.39 8.19
N ALA A 896 1.11 37.29 8.21
CA ALA A 896 1.98 38.31 7.60
C ALA A 896 1.80 38.33 6.06
N TYR A 897 1.63 37.14 5.44
CA TYR A 897 1.41 37.00 4.00
C TYR A 897 -0.01 37.39 3.64
N LEU A 898 -0.99 37.10 4.51
CA LEU A 898 -2.40 37.41 4.26
C LEU A 898 -2.62 38.92 4.12
N LYS A 899 -1.98 39.71 5.02
CA LYS A 899 -2.08 41.17 5.03
C LYS A 899 -1.62 41.82 3.71
N THR A 900 -0.72 41.16 2.95
CA THR A 900 -0.22 41.64 1.65
C THR A 900 -1.22 41.35 0.50
N LEU A 901 -2.19 40.44 0.72
CA LEU A 901 -3.17 40.01 -0.29
C LEU A 901 -4.06 41.13 -0.77
N THR A 902 -4.35 41.12 -2.10
CA THR A 902 -5.19 42.11 -2.77
C THR A 902 -6.47 41.47 -3.30
N LYS A 903 -7.49 42.31 -3.55
CA LYS A 903 -8.80 41.92 -4.09
C LYS A 903 -8.64 41.19 -5.43
N GLU A 904 -7.71 41.67 -6.27
CA GLU A 904 -7.45 41.10 -7.59
C GLU A 904 -6.84 39.71 -7.53
N ASP A 905 -6.01 39.43 -6.47
CA ASP A 905 -5.37 38.14 -6.23
C ASP A 905 -6.43 37.07 -5.97
N ILE A 906 -7.51 37.43 -5.25
CA ILE A 906 -8.61 36.51 -4.93
C ILE A 906 -9.50 36.33 -6.16
N ILE A 907 -9.64 37.40 -6.96
CA ILE A 907 -10.42 37.36 -8.20
C ILE A 907 -9.73 36.44 -9.22
N LYS A 908 -8.40 36.56 -9.36
CA LYS A 908 -7.57 35.73 -10.23
C LYS A 908 -7.69 34.27 -9.79
N PHE A 909 -7.51 34.00 -8.48
CA PHE A 909 -7.59 32.67 -7.84
C PHE A 909 -8.94 32.03 -8.11
N TYR A 910 -10.03 32.79 -7.99
CA TYR A 910 -11.36 32.29 -8.29
C TYR A 910 -11.49 31.94 -9.79
N LYS A 911 -10.98 32.84 -10.65
CA LYS A 911 -11.03 32.71 -12.10
C LYS A 911 -10.27 31.51 -12.63
N GLU A 912 -9.15 31.16 -11.99
CA GLU A 912 -8.29 30.06 -12.35
C GLU A 912 -8.65 28.73 -11.70
N MET A 913 -9.25 28.75 -10.48
CA MET A 913 -9.51 27.52 -9.70
C MET A 913 -10.95 27.13 -9.43
N LEU A 914 -11.81 28.12 -9.11
CA LEU A 914 -13.16 27.89 -8.62
C LEU A 914 -14.32 28.18 -9.58
N ALA A 915 -14.18 29.17 -10.49
CA ALA A 915 -15.22 29.56 -11.46
C ALA A 915 -15.73 28.38 -12.27
N VAL A 916 -16.99 28.43 -12.72
CA VAL A 916 -17.60 27.35 -13.50
C VAL A 916 -16.75 26.99 -14.75
N ASP A 917 -16.18 28.01 -15.38
CA ASP A 917 -15.37 27.90 -16.60
C ASP A 917 -13.85 28.03 -16.34
N ALA A 918 -13.42 27.93 -15.05
CA ALA A 918 -12.02 28.03 -14.62
C ALA A 918 -11.15 26.99 -15.32
N PRO A 919 -9.96 27.35 -15.82
CA PRO A 919 -9.12 26.37 -16.54
C PRO A 919 -8.63 25.17 -15.68
N ARG A 920 -8.46 25.39 -14.36
CA ARG A 920 -7.96 24.41 -13.37
C ARG A 920 -9.03 24.07 -12.33
N ARG A 921 -10.28 23.87 -12.76
CA ARG A 921 -11.36 23.51 -11.87
C ARG A 921 -11.36 21.99 -11.64
N HIS A 922 -11.46 21.56 -10.35
CA HIS A 922 -11.50 20.14 -9.96
C HIS A 922 -12.67 19.92 -9.00
N LYS A 923 -13.85 19.69 -9.56
CA LYS A 923 -15.08 19.51 -8.79
C LYS A 923 -15.42 18.04 -8.62
N VAL A 924 -15.72 17.63 -7.38
CA VAL A 924 -16.14 16.28 -7.04
C VAL A 924 -17.31 16.40 -6.07
N SER A 925 -18.41 15.76 -6.43
CA SER A 925 -19.66 15.82 -5.67
C SER A 925 -20.11 14.46 -5.21
N VAL A 926 -20.64 14.39 -3.97
CA VAL A 926 -21.21 13.17 -3.38
C VAL A 926 -22.65 13.45 -3.05
N HIS A 927 -23.54 12.66 -3.66
CA HIS A 927 -24.98 12.79 -3.53
C HIS A 927 -25.58 11.66 -2.71
N VAL A 928 -26.20 12.00 -1.58
CA VAL A 928 -26.85 11.03 -0.71
C VAL A 928 -28.35 11.28 -0.81
N LEU A 929 -29.06 10.34 -1.46
CA LEU A 929 -30.51 10.44 -1.71
C LEU A 929 -31.37 10.23 -0.47
N ALA A 930 -32.59 10.76 -0.50
CA ALA A 930 -33.57 10.59 0.55
C ALA A 930 -34.17 9.19 0.42
N ARG A 931 -34.73 8.69 1.52
CA ARG A 931 -35.39 7.40 1.67
C ARG A 931 -36.38 7.08 0.52
N GLU A 932 -37.27 8.05 0.17
CA GLU A 932 -38.33 7.92 -0.85
C GLU A 932 -37.97 8.45 -2.25
N MET A 933 -36.88 9.24 -2.36
CA MET A 933 -36.33 9.87 -3.58
C MET A 933 -35.94 8.85 -4.67
N ASP A 934 -35.55 9.32 -5.87
CA ASP A 934 -35.08 8.49 -6.98
C ASP A 934 -34.37 9.35 -8.06
N SER A 935 -33.26 8.81 -8.62
CA SER A 935 -32.41 9.41 -9.66
C SER A 935 -31.65 8.33 -10.43
N ASP A 947 -36.27 31.68 -12.44
CA ASP A 947 -36.94 32.93 -12.08
C ASP A 947 -37.36 32.95 -10.59
N ILE A 948 -38.57 33.48 -10.27
CA ILE A 948 -39.17 33.63 -8.92
C ILE A 948 -38.23 34.49 -8.01
N ASN A 949 -37.52 35.45 -8.63
CA ASN A 949 -36.55 36.37 -8.03
C ASN A 949 -35.39 35.64 -7.33
N LEU A 950 -34.90 34.57 -7.97
CA LEU A 950 -33.76 33.77 -7.50
C LEU A 950 -32.58 33.97 -8.46
N SER A 951 -31.34 33.86 -7.94
CA SER A 951 -30.09 34.02 -8.69
C SER A 951 -30.03 33.10 -9.94
N GLN A 952 -29.49 33.63 -11.06
CA GLN A 952 -29.37 32.85 -12.30
C GLN A 952 -28.27 31.81 -12.17
N ALA A 953 -28.68 30.52 -12.10
CA ALA A 953 -27.78 29.39 -12.00
C ALA A 953 -27.13 29.15 -13.37
N PRO A 954 -25.79 28.88 -13.43
CA PRO A 954 -25.15 28.65 -14.74
C PRO A 954 -25.49 27.30 -15.39
N ALA A 955 -24.79 26.98 -16.49
CA ALA A 955 -24.96 25.72 -17.19
C ALA A 955 -23.94 24.73 -16.61
N LEU A 956 -24.44 23.61 -16.07
CA LEU A 956 -23.60 22.57 -15.48
C LEU A 956 -23.39 21.43 -16.45
N PRO A 957 -22.13 21.01 -16.71
CA PRO A 957 -21.89 19.89 -17.65
C PRO A 957 -22.44 18.55 -17.17
N GLN A 958 -22.34 17.53 -18.03
CA GLN A 958 -22.75 16.18 -17.67
C GLN A 958 -21.65 15.65 -16.73
N PRO A 959 -21.97 15.27 -15.47
CA PRO A 959 -20.91 14.76 -14.59
C PRO A 959 -20.48 13.36 -14.99
N GLU A 960 -19.26 12.97 -14.62
CA GLU A 960 -18.85 11.62 -14.89
C GLU A 960 -19.32 10.85 -13.67
N VAL A 961 -20.30 9.97 -13.85
CA VAL A 961 -20.84 9.23 -12.71
C VAL A 961 -19.89 8.12 -12.28
N ILE A 962 -19.44 8.15 -11.01
CA ILE A 962 -18.55 7.13 -10.45
C ILE A 962 -19.41 5.92 -10.11
N GLN A 963 -19.08 4.78 -10.72
CA GLN A 963 -19.77 3.51 -10.49
C GLN A 963 -18.92 2.58 -9.60
N ASN A 964 -17.59 2.65 -9.77
CA ASN A 964 -16.60 1.84 -9.06
C ASN A 964 -15.47 2.73 -8.46
N MET A 965 -15.35 2.74 -7.11
CA MET A 965 -14.34 3.52 -6.39
C MET A 965 -12.89 3.15 -6.72
N THR A 966 -12.63 1.86 -6.99
CA THR A 966 -11.29 1.36 -7.34
C THR A 966 -10.91 1.79 -8.74
N GLU A 967 -11.82 1.60 -9.74
CA GLU A 967 -11.60 2.02 -11.12
C GLU A 967 -11.39 3.54 -11.23
N PHE A 968 -12.16 4.34 -10.45
CA PHE A 968 -12.02 5.79 -10.40
C PHE A 968 -10.62 6.18 -9.96
N LYS A 969 -10.09 5.54 -8.88
CA LYS A 969 -8.75 5.76 -8.32
C LYS A 969 -7.64 5.29 -9.26
N ARG A 970 -7.82 4.11 -9.89
CA ARG A 970 -6.87 3.50 -10.83
C ARG A 970 -6.61 4.37 -12.07
N GLY A 971 -7.64 5.07 -12.52
CA GLY A 971 -7.57 5.93 -13.69
C GLY A 971 -7.06 7.33 -13.47
N LEU A 972 -6.74 7.70 -12.20
CA LEU A 972 -6.26 9.06 -11.92
C LEU A 972 -4.92 9.06 -11.21
N PRO A 973 -4.10 10.14 -11.34
CA PRO A 973 -2.84 10.18 -10.60
C PRO A 973 -3.05 10.54 -9.14
N LEU A 974 -2.03 10.35 -8.33
CA LEU A 974 -2.04 10.71 -6.92
C LEU A 974 -1.03 11.85 -6.73
N PHE A 975 -1.39 12.76 -5.83
CA PHE A 975 -0.59 13.92 -5.49
C PHE A 975 0.70 13.54 -4.73
N PRO A 976 1.72 14.44 -4.63
CA PRO A 976 2.86 14.16 -3.74
C PRO A 976 2.41 14.34 -2.28
N LEU A 977 3.35 14.34 -1.33
CA LEU A 977 3.08 14.56 0.10
C LEU A 977 3.87 15.81 0.58
N VAL A 978 3.21 16.73 1.35
CA VAL A 978 3.81 18.00 1.85
C VAL A 978 5.09 17.76 2.66
N LYS A 979 6.17 18.50 2.28
CA LYS A 979 7.49 18.48 2.93
C LYS A 979 7.40 19.09 4.34
N PRO A 980 8.03 18.47 5.37
CA PRO A 980 8.00 19.05 6.73
C PRO A 980 8.74 20.39 6.87
N HIS A 981 8.40 21.16 7.92
CA HIS A 981 9.02 22.45 8.25
C HIS A 981 10.35 22.16 8.97
N ILE A 982 10.29 21.26 9.99
CA ILE A 982 11.42 20.82 10.81
C ILE A 982 11.81 19.38 10.42
N ASN B 14 27.20 -29.64 -61.37
CA ASN B 14 26.86 -30.94 -61.94
C ASN B 14 27.90 -32.05 -61.53
N PRO B 15 29.20 -32.04 -61.97
CA PRO B 15 30.14 -33.07 -61.48
C PRO B 15 30.85 -32.61 -60.20
N ALA B 16 30.51 -31.39 -59.75
CA ALA B 16 31.01 -30.71 -58.56
C ALA B 16 30.42 -31.32 -57.27
N ILE B 17 29.53 -32.33 -57.42
CA ILE B 17 28.90 -33.08 -56.33
C ILE B 17 29.57 -34.46 -56.30
N LYS B 18 30.35 -34.75 -55.23
CA LYS B 18 31.04 -36.02 -55.00
C LYS B 18 30.04 -37.18 -54.77
N ARG B 19 28.95 -36.92 -54.03
CA ARG B 19 27.89 -37.88 -53.71
C ARG B 19 26.66 -37.16 -53.15
N ILE B 20 25.50 -37.82 -53.24
CA ILE B 20 24.24 -37.35 -52.68
C ILE B 20 23.88 -38.40 -51.65
N GLY B 21 23.55 -37.94 -50.44
CA GLY B 21 23.19 -38.84 -49.35
C GLY B 21 21.81 -39.43 -49.53
N ASN B 22 21.54 -40.49 -48.79
CA ASN B 22 20.24 -41.16 -48.76
C ASN B 22 19.25 -40.35 -47.89
N HIS B 23 18.01 -40.84 -47.71
CA HIS B 23 17.01 -40.12 -46.92
C HIS B 23 17.57 -39.61 -45.59
N ILE B 24 17.40 -38.29 -45.35
CA ILE B 24 17.80 -37.63 -44.10
C ILE B 24 16.66 -37.90 -43.10
N THR B 25 16.91 -38.83 -42.15
CA THR B 25 15.96 -39.23 -41.09
C THR B 25 15.53 -38.01 -40.26
N LYS B 26 14.23 -37.72 -40.33
CA LYS B 26 13.59 -36.62 -39.63
C LYS B 26 12.41 -37.18 -38.85
N SER B 27 11.67 -36.30 -38.16
CA SER B 27 10.47 -36.67 -37.42
C SER B 27 9.29 -36.64 -38.41
N PRO B 28 8.27 -37.54 -38.29
CA PRO B 28 7.11 -37.44 -39.21
C PRO B 28 6.35 -36.13 -39.03
N GLU B 29 6.52 -35.49 -37.85
CA GLU B 29 5.96 -34.18 -37.46
C GLU B 29 6.69 -33.02 -38.15
N ASP B 30 7.88 -33.29 -38.73
CA ASP B 30 8.71 -32.29 -39.40
C ASP B 30 8.34 -32.18 -40.88
N LYS B 31 7.68 -31.07 -41.24
CA LYS B 31 7.19 -30.82 -42.60
C LYS B 31 8.26 -30.25 -43.55
N ARG B 32 9.41 -29.76 -42.98
CA ARG B 32 10.54 -29.21 -43.76
C ARG B 32 11.18 -30.35 -44.55
N GLU B 33 11.66 -30.06 -45.77
CA GLU B 33 12.31 -31.05 -46.63
C GLU B 33 13.85 -30.94 -46.50
N TYR B 34 14.55 -32.10 -46.53
CA TYR B 34 16.01 -32.13 -46.33
C TYR B 34 16.78 -32.85 -47.44
N ARG B 35 18.00 -32.35 -47.71
CA ARG B 35 18.93 -32.96 -48.66
C ARG B 35 20.38 -32.82 -48.19
N GLY B 36 21.06 -33.94 -48.11
CA GLY B 36 22.47 -34.02 -47.76
C GLY B 36 23.29 -34.39 -48.97
N LEU B 37 24.52 -33.82 -49.06
CA LEU B 37 25.46 -34.10 -50.14
C LEU B 37 26.87 -33.70 -49.80
N GLU B 38 27.85 -34.36 -50.42
CA GLU B 38 29.26 -34.01 -50.26
C GLU B 38 29.73 -33.44 -51.62
N LEU B 39 30.34 -32.23 -51.59
CA LEU B 39 30.88 -31.58 -52.78
C LEU B 39 32.21 -32.25 -53.19
N ALA B 40 32.66 -32.02 -54.46
CA ALA B 40 33.89 -32.56 -55.03
C ALA B 40 35.12 -32.11 -54.26
N ASN B 41 35.07 -30.89 -53.69
CA ASN B 41 36.13 -30.31 -52.85
C ASN B 41 36.11 -30.85 -51.39
N GLY B 42 35.13 -31.68 -51.05
CA GLY B 42 34.97 -32.29 -49.73
C GLY B 42 34.05 -31.62 -48.75
N ILE B 43 33.34 -30.56 -49.16
CA ILE B 43 32.40 -29.85 -48.29
C ILE B 43 31.15 -30.69 -48.08
N LYS B 44 30.85 -31.01 -46.78
CA LYS B 44 29.64 -31.73 -46.36
C LYS B 44 28.54 -30.69 -46.30
N VAL B 45 27.38 -30.99 -46.92
CA VAL B 45 26.28 -30.03 -47.07
C VAL B 45 24.94 -30.58 -46.57
N LEU B 46 24.15 -29.70 -45.95
CA LEU B 46 22.77 -30.01 -45.62
C LEU B 46 21.92 -28.85 -46.10
N LEU B 47 20.93 -29.18 -46.91
CA LEU B 47 19.97 -28.24 -47.50
C LEU B 47 18.62 -28.45 -46.83
N ILE B 48 17.96 -27.35 -46.42
CA ILE B 48 16.64 -27.38 -45.78
C ILE B 48 15.62 -26.55 -46.59
N SER B 49 14.60 -27.22 -47.13
CA SER B 49 13.52 -26.59 -47.88
C SER B 49 12.30 -26.39 -46.96
N ASP B 50 11.97 -25.12 -46.71
CA ASP B 50 10.83 -24.73 -45.89
C ASP B 50 10.15 -23.51 -46.52
N PRO B 51 9.11 -23.72 -47.37
CA PRO B 51 8.44 -22.58 -48.03
C PRO B 51 7.75 -21.58 -47.09
N THR B 52 7.40 -22.02 -45.87
CA THR B 52 6.71 -21.20 -44.87
C THR B 52 7.64 -20.25 -44.11
N THR B 53 8.96 -20.51 -44.11
CA THR B 53 9.98 -19.74 -43.38
C THR B 53 9.88 -18.22 -43.62
N ASP B 54 9.95 -17.43 -42.54
CA ASP B 54 9.93 -15.96 -42.58
C ASP B 54 11.34 -15.53 -42.90
N LYS B 55 12.32 -16.11 -42.18
CA LYS B 55 13.72 -15.80 -42.40
C LYS B 55 14.50 -16.99 -42.91
N SER B 56 15.34 -16.76 -43.96
CA SER B 56 16.21 -17.79 -44.53
C SER B 56 17.59 -17.68 -43.85
N SER B 57 18.36 -18.78 -43.83
CA SER B 57 19.64 -18.80 -43.10
C SER B 57 20.71 -19.72 -43.72
N ALA B 58 21.98 -19.40 -43.44
CA ALA B 58 23.11 -20.24 -43.85
C ALA B 58 24.22 -20.20 -42.81
N ALA B 59 24.94 -21.32 -42.70
CA ALA B 59 26.03 -21.45 -41.75
C ALA B 59 27.16 -22.29 -42.30
N LEU B 60 28.40 -21.81 -42.11
CA LEU B 60 29.61 -22.54 -42.48
C LEU B 60 30.43 -22.76 -41.21
N ASP B 61 30.81 -24.02 -40.95
CA ASP B 61 31.62 -24.38 -39.80
C ASP B 61 32.95 -25.04 -40.25
N VAL B 62 34.07 -24.43 -39.85
CA VAL B 62 35.43 -24.89 -40.12
C VAL B 62 35.85 -25.73 -38.92
N HIS B 63 36.18 -26.99 -39.15
CA HIS B 63 36.59 -27.89 -38.07
C HIS B 63 38.08 -27.64 -37.56
N ILE B 64 38.45 -26.35 -37.35
CA ILE B 64 39.72 -25.89 -36.80
C ILE B 64 39.36 -24.83 -35.79
N GLY B 65 39.94 -24.94 -34.60
CA GLY B 65 39.71 -23.98 -33.53
C GLY B 65 40.97 -23.54 -32.81
N SER B 66 40.79 -22.96 -31.61
CA SER B 66 41.83 -22.44 -30.72
C SER B 66 42.91 -23.46 -30.30
N LEU B 67 42.55 -24.76 -30.21
CA LEU B 67 43.51 -25.81 -29.86
C LEU B 67 44.58 -25.95 -30.94
N SER B 68 44.36 -25.29 -32.10
CA SER B 68 45.25 -25.23 -33.25
C SER B 68 46.07 -23.94 -33.32
N ASP B 69 45.87 -22.99 -32.39
CA ASP B 69 46.63 -21.73 -32.36
C ASP B 69 48.15 -21.96 -32.25
N PRO B 70 49.02 -21.12 -32.88
CA PRO B 70 50.47 -21.28 -32.66
C PRO B 70 50.78 -20.87 -31.22
N PRO B 71 51.72 -21.56 -30.53
CA PRO B 71 51.99 -21.21 -29.11
C PRO B 71 52.41 -19.75 -28.82
N ASN B 72 53.00 -19.07 -29.81
CA ASN B 72 53.49 -17.69 -29.68
C ASN B 72 52.46 -16.61 -30.05
N ILE B 73 51.25 -17.03 -30.51
CA ILE B 73 50.12 -16.15 -30.88
C ILE B 73 48.81 -16.82 -30.41
N ALA B 74 48.46 -16.59 -29.14
CA ALA B 74 47.26 -17.16 -28.50
C ALA B 74 46.04 -16.33 -28.86
N GLY B 75 44.99 -17.02 -29.34
CA GLY B 75 43.73 -16.42 -29.75
C GLY B 75 43.68 -16.06 -31.22
N LEU B 76 44.62 -16.60 -32.03
CA LEU B 76 44.74 -16.34 -33.47
C LEU B 76 43.52 -16.83 -34.27
N SER B 77 42.99 -18.04 -33.95
CA SER B 77 41.79 -18.62 -34.57
C SER B 77 40.58 -17.70 -34.30
N HIS B 78 40.52 -17.15 -33.07
CA HIS B 78 39.50 -16.19 -32.63
C HIS B 78 39.69 -14.88 -33.42
N PHE B 79 40.95 -14.46 -33.61
CA PHE B 79 41.30 -13.26 -34.36
C PHE B 79 40.96 -13.37 -35.85
N LEU B 80 41.24 -14.54 -36.48
CA LEU B 80 40.92 -14.86 -37.89
C LEU B 80 39.41 -14.73 -38.09
N GLN B 81 38.59 -15.24 -37.12
CA GLN B 81 37.13 -15.18 -37.14
C GLN B 81 36.63 -13.72 -37.28
N HIS B 82 37.27 -12.78 -36.55
CA HIS B 82 36.99 -11.34 -36.56
C HIS B 82 37.47 -10.65 -37.84
N MET B 83 38.64 -11.07 -38.36
CA MET B 83 39.28 -10.52 -39.57
C MET B 83 38.76 -11.11 -40.89
N LEU B 84 38.07 -12.27 -40.86
CA LEU B 84 37.63 -12.97 -42.09
C LEU B 84 36.54 -12.25 -42.86
N PHE B 85 35.53 -11.76 -42.13
CA PHE B 85 34.37 -11.10 -42.69
C PHE B 85 34.56 -9.57 -42.74
N LEU B 86 35.67 -9.13 -43.38
CA LEU B 86 36.04 -7.72 -43.53
C LEU B 86 36.47 -7.36 -44.97
N GLY B 87 35.65 -7.76 -45.93
CA GLY B 87 35.87 -7.47 -47.34
C GLY B 87 36.41 -8.62 -48.16
N THR B 88 36.02 -8.66 -49.44
CA THR B 88 36.41 -9.67 -50.46
C THR B 88 36.75 -9.00 -51.81
N LYS B 89 37.15 -9.79 -52.84
CA LYS B 89 37.44 -9.26 -54.18
C LYS B 89 36.14 -8.80 -54.88
N LYS B 90 35.09 -9.65 -54.89
CA LYS B 90 33.78 -9.36 -55.47
C LYS B 90 33.07 -8.22 -54.71
N TYR B 91 33.17 -8.22 -53.36
CA TYR B 91 32.58 -7.20 -52.49
C TYR B 91 33.69 -6.58 -51.62
N PRO B 92 34.39 -5.54 -52.15
CA PRO B 92 35.54 -4.96 -51.44
C PRO B 92 35.28 -4.22 -50.13
N LYS B 93 34.15 -3.50 -50.00
CA LYS B 93 33.83 -2.73 -48.79
C LYS B 93 33.59 -3.66 -47.59
N GLU B 94 34.17 -3.32 -46.43
CA GLU B 94 34.06 -4.14 -45.21
C GLU B 94 32.65 -4.12 -44.60
N ASN B 95 31.96 -2.97 -44.71
CA ASN B 95 30.61 -2.73 -44.19
C ASN B 95 29.52 -3.45 -45.00
N GLU B 96 29.83 -3.80 -46.28
CA GLU B 96 28.98 -4.47 -47.28
C GLU B 96 28.05 -5.57 -46.73
N TYR B 97 28.62 -6.65 -46.12
CA TYR B 97 27.92 -7.81 -45.58
C TYR B 97 26.92 -7.47 -44.45
N SER B 98 27.39 -6.77 -43.40
CA SER B 98 26.57 -6.32 -42.27
C SER B 98 25.48 -5.33 -42.73
N GLN B 99 25.84 -4.44 -43.68
CA GLN B 99 24.97 -3.45 -44.28
C GLN B 99 23.85 -4.12 -45.05
N PHE B 100 24.19 -5.12 -45.90
CA PHE B 100 23.24 -5.86 -46.71
C PHE B 100 22.19 -6.56 -45.86
N LEU B 101 22.63 -7.23 -44.77
CA LEU B 101 21.75 -7.94 -43.85
C LEU B 101 20.85 -6.98 -43.11
N SER B 102 21.38 -5.79 -42.70
CA SER B 102 20.62 -4.74 -42.01
C SER B 102 19.48 -4.17 -42.87
N GLU B 103 19.68 -4.14 -44.21
CA GLU B 103 18.74 -3.63 -45.20
C GLU B 103 17.66 -4.63 -45.57
N HIS B 104 17.85 -5.92 -45.25
CA HIS B 104 16.91 -6.98 -45.61
C HIS B 104 16.48 -7.84 -44.42
N ALA B 105 16.16 -7.18 -43.28
CA ALA B 105 15.69 -7.77 -42.02
C ALA B 105 16.51 -9.02 -41.58
N GLY B 106 17.82 -8.86 -41.59
CA GLY B 106 18.76 -9.93 -41.25
C GLY B 106 19.74 -9.63 -40.14
N SER B 107 20.49 -10.67 -39.75
CA SER B 107 21.52 -10.65 -38.72
C SER B 107 22.60 -11.68 -39.04
N SER B 108 23.73 -11.62 -38.32
CA SER B 108 24.87 -12.51 -38.46
C SER B 108 25.72 -12.46 -37.20
N ASN B 109 26.38 -13.58 -36.91
CA ASN B 109 27.28 -13.73 -35.79
C ASN B 109 28.24 -14.87 -36.09
N ALA B 110 29.22 -15.04 -35.21
CA ALA B 110 30.23 -16.09 -35.32
C ALA B 110 30.82 -16.41 -33.94
N PHE B 111 31.28 -17.65 -33.81
CA PHE B 111 31.95 -18.10 -32.59
C PHE B 111 33.11 -19.02 -32.93
N THR B 112 34.16 -18.95 -32.10
CA THR B 112 35.34 -19.81 -32.17
C THR B 112 35.39 -20.60 -30.86
N SER B 113 35.49 -21.92 -31.00
CA SER B 113 35.68 -22.86 -29.90
C SER B 113 37.09 -23.49 -30.12
N GLY B 114 37.44 -24.52 -29.35
CA GLY B 114 38.73 -25.21 -29.47
C GLY B 114 38.89 -26.00 -30.75
N GLU B 115 37.78 -26.48 -31.33
CA GLU B 115 37.87 -27.28 -32.56
C GLU B 115 37.05 -26.75 -33.75
N HIS B 116 36.32 -25.63 -33.59
CA HIS B 116 35.49 -25.13 -34.69
C HIS B 116 35.43 -23.62 -34.78
N THR B 117 35.22 -23.12 -36.02
CA THR B 117 34.97 -21.72 -36.32
C THR B 117 33.67 -21.69 -37.16
N ASN B 118 32.60 -21.26 -36.48
CA ASN B 118 31.26 -21.25 -37.03
C ASN B 118 30.83 -19.84 -37.31
N TYR B 119 30.54 -19.58 -38.59
CA TYR B 119 30.06 -18.33 -39.19
C TYR B 119 28.62 -18.62 -39.64
N TYR B 120 27.68 -17.74 -39.27
CA TYR B 120 26.25 -17.94 -39.55
C TYR B 120 25.46 -16.65 -39.67
N PHE B 121 24.36 -16.70 -40.44
CA PHE B 121 23.49 -15.53 -40.63
C PHE B 121 22.05 -15.90 -40.93
N ASP B 122 21.17 -14.89 -40.88
CA ASP B 122 19.78 -14.98 -41.32
C ASP B 122 19.42 -13.68 -42.06
N VAL B 123 18.45 -13.78 -42.99
CA VAL B 123 17.98 -12.68 -43.85
C VAL B 123 16.49 -12.93 -44.17
N SER B 124 15.81 -11.98 -44.86
CA SER B 124 14.44 -12.09 -45.34
C SER B 124 14.42 -13.27 -46.35
N HIS B 125 13.35 -14.09 -46.37
CA HIS B 125 13.33 -15.27 -47.24
C HIS B 125 13.42 -14.98 -48.77
N GLU B 126 13.33 -13.70 -49.16
CA GLU B 126 13.39 -13.25 -50.56
C GLU B 126 14.82 -12.87 -50.99
N HIS B 127 15.71 -12.62 -50.01
CA HIS B 127 17.08 -12.15 -50.20
C HIS B 127 18.15 -13.16 -49.81
N LEU B 128 17.82 -14.48 -49.86
CA LEU B 128 18.77 -15.56 -49.55
C LEU B 128 19.96 -15.58 -50.52
N GLU B 129 19.70 -15.53 -51.86
CA GLU B 129 20.76 -15.52 -52.90
C GLU B 129 21.75 -14.35 -52.71
N GLY B 130 21.22 -13.16 -52.43
CA GLY B 130 21.99 -11.94 -52.22
C GLY B 130 22.91 -12.03 -51.01
N ALA B 131 22.36 -12.50 -49.87
CA ALA B 131 23.09 -12.66 -48.61
C ALA B 131 24.12 -13.79 -48.67
N LEU B 132 23.71 -14.97 -49.18
CA LEU B 132 24.62 -16.12 -49.30
C LEU B 132 25.82 -15.83 -50.22
N ASP B 133 25.61 -15.00 -51.29
CA ASP B 133 26.66 -14.62 -52.24
C ASP B 133 27.75 -13.80 -51.55
N ARG B 134 27.37 -12.84 -50.69
CA ARG B 134 28.33 -12.03 -49.95
C ARG B 134 29.11 -12.92 -48.98
N PHE B 135 28.40 -13.82 -48.26
CA PHE B 135 28.92 -14.81 -47.32
C PHE B 135 29.98 -15.74 -47.99
N ALA B 136 29.61 -16.37 -49.13
CA ALA B 136 30.45 -17.30 -49.91
C ALA B 136 31.83 -16.76 -50.32
N GLN B 137 31.92 -15.44 -50.60
CA GLN B 137 33.16 -14.80 -51.04
C GLN B 137 34.27 -14.84 -49.99
N PHE B 138 33.90 -14.84 -48.68
CA PHE B 138 34.84 -14.89 -47.54
C PHE B 138 35.54 -16.25 -47.45
N PHE B 139 35.05 -17.22 -48.24
CA PHE B 139 35.61 -18.56 -48.32
C PHE B 139 36.27 -18.80 -49.68
N LEU B 140 36.27 -17.75 -50.52
CA LEU B 140 36.88 -17.79 -51.85
C LEU B 140 38.07 -16.82 -51.90
N SER B 141 37.80 -15.50 -51.86
CA SER B 141 38.86 -14.49 -51.93
C SER B 141 38.71 -13.38 -50.87
N PRO B 142 38.90 -13.71 -49.54
CA PRO B 142 38.82 -12.66 -48.51
C PRO B 142 39.98 -11.68 -48.65
N LEU B 143 39.74 -10.42 -48.29
CA LEU B 143 40.73 -9.37 -48.39
C LEU B 143 41.47 -9.11 -47.09
N PHE B 144 40.78 -9.24 -45.93
CA PHE B 144 41.29 -8.96 -44.58
C PHE B 144 41.78 -7.50 -44.55
N ASP B 145 40.86 -6.55 -44.37
CA ASP B 145 41.18 -5.11 -44.35
C ASP B 145 42.11 -4.72 -43.18
N GLU B 146 43.22 -4.01 -43.47
CA GLU B 146 44.22 -3.53 -42.48
C GLU B 146 43.68 -2.41 -41.59
N SER B 147 42.64 -1.70 -42.05
CA SER B 147 41.99 -0.60 -41.35
C SER B 147 41.40 -1.05 -40.01
N ALA B 148 40.82 -2.27 -39.99
CA ALA B 148 40.17 -2.83 -38.81
C ALA B 148 41.10 -3.63 -37.86
N LYS B 149 42.37 -3.85 -38.25
CA LYS B 149 43.38 -4.58 -37.45
C LYS B 149 43.39 -4.14 -35.98
N ASP B 150 43.55 -2.82 -35.71
CA ASP B 150 43.59 -2.25 -34.35
C ASP B 150 42.23 -2.31 -33.66
N ARG B 151 41.12 -2.10 -34.40
CA ARG B 151 39.77 -2.15 -33.84
C ARG B 151 39.35 -3.56 -33.42
N GLU B 152 39.77 -4.58 -34.22
CA GLU B 152 39.48 -6.01 -33.99
C GLU B 152 40.23 -6.59 -32.77
N VAL B 153 41.43 -6.06 -32.49
CA VAL B 153 42.28 -6.43 -31.35
C VAL B 153 41.61 -5.88 -30.10
N ASN B 154 41.09 -4.65 -30.18
CA ASN B 154 40.38 -4.00 -29.07
C ASN B 154 39.04 -4.69 -28.81
N ALA B 155 38.50 -5.41 -29.82
CA ALA B 155 37.24 -6.16 -29.76
C ALA B 155 37.47 -7.48 -29.02
N VAL B 156 38.50 -8.23 -29.45
CA VAL B 156 38.93 -9.50 -28.85
C VAL B 156 39.38 -9.24 -27.39
N ASP B 157 40.12 -8.14 -27.14
CA ASP B 157 40.56 -7.73 -25.80
C ASP B 157 39.37 -7.36 -24.90
N SER B 158 38.31 -6.76 -25.49
CA SER B 158 37.08 -6.36 -24.79
C SER B 158 36.35 -7.59 -24.26
N GLU B 159 36.21 -8.63 -25.11
CA GLU B 159 35.53 -9.89 -24.79
C GLU B 159 36.22 -10.61 -23.62
N HIS B 160 37.57 -10.62 -23.62
CA HIS B 160 38.35 -11.25 -22.57
C HIS B 160 38.29 -10.47 -21.28
N GLU B 161 38.34 -9.12 -21.36
CA GLU B 161 38.28 -8.28 -20.17
C GLU B 161 36.94 -8.37 -19.44
N LYS B 162 35.88 -8.75 -20.19
CA LYS B 162 34.51 -8.95 -19.71
C LYS B 162 34.45 -10.21 -18.84
N ASN B 163 35.01 -11.32 -19.35
CA ASN B 163 35.08 -12.63 -18.70
C ASN B 163 36.06 -12.69 -17.52
N VAL B 164 37.03 -11.76 -17.44
CA VAL B 164 38.08 -11.70 -16.41
C VAL B 164 37.50 -11.77 -14.97
N MET B 165 36.38 -11.09 -14.69
CA MET B 165 35.80 -11.13 -13.33
C MET B 165 34.60 -12.11 -13.19
N ASN B 166 34.35 -12.94 -14.24
CA ASN B 166 33.31 -13.98 -14.25
C ASN B 166 33.93 -15.28 -13.70
N ASP B 167 33.41 -15.79 -12.58
CA ASP B 167 33.87 -17.01 -11.91
C ASP B 167 33.89 -18.26 -12.80
N ALA B 168 32.91 -18.41 -13.70
CA ALA B 168 32.85 -19.57 -14.59
C ALA B 168 34.00 -19.61 -15.61
N TRP B 169 34.36 -18.46 -16.19
CA TRP B 169 35.47 -18.34 -17.14
C TRP B 169 36.84 -18.47 -16.46
N ARG B 170 36.92 -18.05 -15.19
CA ARG B 170 38.13 -18.08 -14.35
C ARG B 170 38.53 -19.51 -14.06
N LEU B 171 37.55 -20.36 -13.66
CA LEU B 171 37.72 -21.79 -13.37
C LEU B 171 38.09 -22.55 -14.63
N PHE B 172 37.32 -22.30 -15.69
CA PHE B 172 37.54 -22.87 -17.01
C PHE B 172 39.01 -22.81 -17.43
N GLN B 173 39.66 -21.64 -17.25
CA GLN B 173 41.07 -21.42 -17.63
C GLN B 173 42.06 -21.99 -16.64
N LEU B 174 41.74 -21.93 -15.34
CA LEU B 174 42.57 -22.42 -14.25
C LEU B 174 42.82 -23.92 -14.37
N GLU B 175 41.76 -24.67 -14.65
CA GLU B 175 41.80 -26.12 -14.87
C GLU B 175 42.83 -26.44 -15.97
N LYS B 176 42.81 -25.69 -17.10
CA LYS B 176 43.74 -25.81 -18.24
C LYS B 176 45.20 -25.47 -17.87
N ALA B 177 45.41 -24.66 -16.81
CA ALA B 177 46.74 -24.28 -16.33
C ALA B 177 47.40 -25.33 -15.38
N THR B 178 46.68 -26.41 -15.00
CA THR B 178 47.19 -27.40 -14.04
C THR B 178 47.55 -28.78 -14.60
N GLY B 179 47.48 -28.94 -15.92
CA GLY B 179 47.87 -30.18 -16.58
C GLY B 179 49.16 -30.02 -17.34
N ASN B 180 49.41 -30.95 -18.28
CA ASN B 180 50.61 -30.96 -19.13
C ASN B 180 50.73 -29.64 -19.94
N PRO B 181 51.77 -28.81 -19.66
CA PRO B 181 51.90 -27.53 -20.39
C PRO B 181 52.13 -27.67 -21.89
N LYS B 182 52.70 -28.80 -22.34
CA LYS B 182 52.98 -29.01 -23.76
C LYS B 182 51.71 -29.48 -24.56
N HIS B 183 50.60 -29.85 -23.84
CA HIS B 183 49.32 -30.32 -24.41
C HIS B 183 48.48 -29.14 -24.88
N PRO B 184 47.90 -29.17 -26.12
CA PRO B 184 47.10 -28.02 -26.61
C PRO B 184 45.95 -27.57 -25.70
N PHE B 185 45.45 -28.46 -24.82
CA PHE B 185 44.39 -28.16 -23.83
C PHE B 185 44.76 -27.01 -22.88
N SER B 186 46.08 -26.79 -22.62
CA SER B 186 46.57 -25.75 -21.72
C SER B 186 46.49 -24.32 -22.30
N LYS B 187 46.15 -24.24 -23.61
CA LYS B 187 46.05 -22.99 -24.37
C LYS B 187 44.97 -22.04 -23.88
N PHE B 188 45.26 -20.73 -24.01
CA PHE B 188 44.35 -19.62 -23.75
C PHE B 188 43.82 -19.29 -25.17
N GLY B 189 42.57 -19.64 -25.43
CA GLY B 189 41.96 -19.51 -26.75
C GLY B 189 41.33 -18.18 -27.09
N THR B 190 40.99 -17.37 -26.07
CA THR B 190 40.40 -16.05 -26.32
C THR B 190 41.41 -15.06 -26.91
N GLY B 191 42.53 -14.87 -26.22
CA GLY B 191 43.52 -13.84 -26.58
C GLY B 191 43.11 -12.50 -25.97
N ASN B 192 43.99 -11.50 -26.08
CA ASN B 192 43.78 -10.13 -25.57
C ASN B 192 44.68 -9.12 -26.36
N LYS B 193 44.86 -7.88 -25.85
CA LYS B 193 45.73 -6.88 -26.47
C LYS B 193 47.19 -7.34 -26.37
N TYR B 194 47.55 -8.04 -25.26
CA TYR B 194 48.89 -8.54 -25.05
C TYR B 194 49.29 -9.60 -26.06
N THR B 195 48.47 -10.68 -26.19
CA THR B 195 48.80 -11.80 -27.08
C THR B 195 48.67 -11.49 -28.56
N LEU B 196 47.86 -10.49 -28.92
CA LEU B 196 47.65 -10.17 -30.33
C LEU B 196 48.33 -8.88 -30.78
N GLU B 197 48.79 -8.05 -29.83
CA GLU B 197 49.46 -6.79 -30.17
C GLU B 197 50.80 -6.59 -29.41
N THR B 198 50.76 -6.40 -28.06
CA THR B 198 51.92 -6.10 -27.20
C THR B 198 53.11 -7.06 -27.38
N ARG B 199 52.92 -8.36 -27.07
CA ARG B 199 53.94 -9.39 -27.16
C ARG B 199 54.38 -9.65 -28.63
N PRO B 200 53.49 -9.92 -29.64
CA PRO B 200 54.00 -10.13 -31.02
C PRO B 200 54.88 -9.00 -31.57
N ASN B 201 54.55 -7.72 -31.25
CA ASN B 201 55.35 -6.56 -31.68
C ASN B 201 56.76 -6.60 -31.07
N GLN B 202 56.84 -6.90 -29.76
CA GLN B 202 58.08 -7.05 -28.99
C GLN B 202 58.94 -8.18 -29.60
N GLU B 203 58.30 -9.29 -30.04
CA GLU B 203 58.99 -10.46 -30.62
C GLU B 203 59.19 -10.39 -32.15
N GLY B 204 58.80 -9.28 -32.77
CA GLY B 204 58.95 -9.08 -34.21
C GLY B 204 58.04 -9.88 -35.10
N ILE B 205 56.91 -10.31 -34.53
CA ILE B 205 55.90 -11.08 -35.22
C ILE B 205 54.98 -10.09 -35.92
N ASP B 206 54.81 -10.28 -37.23
CA ASP B 206 53.87 -9.50 -38.03
C ASP B 206 52.61 -10.36 -37.96
N VAL B 207 51.61 -9.93 -37.16
CA VAL B 207 50.36 -10.64 -36.90
C VAL B 207 49.57 -10.88 -38.19
N ARG B 208 49.65 -9.91 -39.11
CA ARG B 208 48.98 -9.93 -40.42
C ARG B 208 49.50 -11.10 -41.27
N GLN B 209 50.83 -11.30 -41.34
CA GLN B 209 51.38 -12.40 -42.14
C GLN B 209 51.10 -13.77 -41.48
N GLU B 210 51.16 -13.85 -40.13
CA GLU B 210 50.87 -15.07 -39.36
C GLU B 210 49.39 -15.42 -39.48
N LEU B 211 48.51 -14.40 -39.60
CA LEU B 211 47.07 -14.57 -39.79
C LEU B 211 46.82 -15.24 -41.14
N LEU B 212 47.45 -14.71 -42.22
CA LEU B 212 47.34 -15.19 -43.59
C LEU B 212 47.89 -16.62 -43.70
N LYS B 213 49.01 -16.92 -42.98
CA LYS B 213 49.67 -18.22 -42.90
C LYS B 213 48.68 -19.29 -42.41
N PHE B 214 48.06 -19.04 -41.23
CA PHE B 214 47.11 -19.91 -40.55
C PHE B 214 45.88 -20.19 -41.40
N HIS B 215 45.30 -19.14 -42.00
CA HIS B 215 44.14 -19.20 -42.87
C HIS B 215 44.46 -20.06 -44.09
N SER B 216 45.64 -19.88 -44.68
CA SER B 216 46.09 -20.64 -45.84
C SER B 216 46.24 -22.12 -45.48
N ALA B 217 46.86 -22.40 -44.32
CA ALA B 217 47.15 -23.74 -43.83
C ALA B 217 45.93 -24.52 -43.36
N TYR B 218 44.97 -23.85 -42.68
CA TYR B 218 43.85 -24.56 -42.06
C TYR B 218 42.48 -24.39 -42.74
N TYR B 219 42.24 -23.26 -43.44
CA TYR B 219 40.95 -23.06 -44.09
C TYR B 219 40.91 -23.79 -45.41
N SER B 220 40.57 -25.07 -45.32
CA SER B 220 40.44 -26.03 -46.41
C SER B 220 39.00 -26.52 -46.42
N SER B 221 38.42 -26.59 -47.62
CA SER B 221 37.06 -27.07 -47.88
C SER B 221 36.76 -28.44 -47.26
N ASN B 222 37.75 -29.38 -47.27
CA ASN B 222 37.61 -30.74 -46.71
C ASN B 222 37.33 -30.75 -45.18
N LEU B 223 37.58 -29.64 -44.50
CA LEU B 223 37.34 -29.47 -43.07
C LEU B 223 36.15 -28.50 -42.83
N MET B 224 35.32 -28.27 -43.87
CA MET B 224 34.18 -27.35 -43.86
C MET B 224 32.86 -28.04 -44.08
N ALA B 225 31.81 -27.52 -43.42
CA ALA B 225 30.42 -28.01 -43.47
C ALA B 225 29.48 -26.85 -43.66
N VAL B 226 28.65 -26.93 -44.71
CA VAL B 226 27.72 -25.87 -45.10
C VAL B 226 26.27 -26.34 -44.90
N VAL B 227 25.46 -25.49 -44.25
CA VAL B 227 24.02 -25.71 -44.03
C VAL B 227 23.27 -24.50 -44.57
N VAL B 228 22.27 -24.76 -45.44
CA VAL B 228 21.47 -23.69 -46.07
C VAL B 228 19.99 -23.99 -45.89
N LEU B 229 19.26 -23.03 -45.29
CA LEU B 229 17.83 -23.09 -45.07
C LEU B 229 17.18 -21.97 -45.91
N GLY B 230 16.21 -22.33 -46.73
CA GLY B 230 15.49 -21.37 -47.57
C GLY B 230 14.11 -21.81 -48.02
N ARG B 231 13.32 -20.85 -48.52
CA ARG B 231 11.98 -21.08 -49.05
C ARG B 231 12.07 -21.94 -50.36
N GLU B 232 13.21 -21.79 -51.08
CA GLU B 232 13.57 -22.42 -52.35
C GLU B 232 13.59 -23.94 -52.23
N SER B 233 13.23 -24.65 -53.32
CA SER B 233 13.19 -26.12 -53.39
C SER B 233 14.60 -26.71 -53.20
N LEU B 234 14.67 -28.00 -52.80
CA LEU B 234 15.95 -28.70 -52.62
C LEU B 234 16.82 -28.61 -53.88
N ASP B 235 16.22 -28.81 -55.07
CA ASP B 235 16.89 -28.72 -56.36
C ASP B 235 17.50 -27.33 -56.62
N ASP B 236 16.74 -26.26 -56.31
CA ASP B 236 17.20 -24.88 -56.46
C ASP B 236 18.28 -24.54 -55.40
N LEU B 237 18.17 -25.13 -54.19
CA LEU B 237 19.13 -24.92 -53.11
C LEU B 237 20.44 -25.62 -53.48
N THR B 238 20.37 -26.81 -54.13
CA THR B 238 21.51 -27.59 -54.60
C THR B 238 22.32 -26.76 -55.60
N ASN B 239 21.64 -26.17 -56.61
CA ASN B 239 22.25 -25.36 -57.66
C ASN B 239 22.97 -24.14 -57.12
N LEU B 240 22.39 -23.48 -56.10
CA LEU B 240 22.93 -22.28 -55.48
C LEU B 240 24.18 -22.58 -54.64
N VAL B 241 24.14 -23.65 -53.84
CA VAL B 241 25.23 -24.05 -52.97
C VAL B 241 26.42 -24.59 -53.78
N VAL B 242 26.15 -25.20 -54.95
CA VAL B 242 27.20 -25.70 -55.85
C VAL B 242 27.84 -24.48 -56.51
N LYS B 243 27.01 -23.59 -57.10
CA LYS B 243 27.43 -22.36 -57.77
C LYS B 243 28.39 -21.53 -56.91
N LEU B 244 28.17 -21.53 -55.59
CA LEU B 244 28.96 -20.69 -54.70
C LEU B 244 30.11 -21.37 -53.94
N PHE B 245 29.94 -22.64 -53.53
CA PHE B 245 30.93 -23.29 -52.66
C PHE B 245 31.83 -24.36 -53.33
N SER B 246 31.60 -24.70 -54.62
CA SER B 246 32.47 -25.70 -55.30
C SER B 246 33.89 -25.15 -55.63
N GLU B 247 34.07 -23.82 -55.56
CA GLU B 247 35.32 -23.12 -55.85
C GLU B 247 36.21 -22.95 -54.61
N VAL B 248 35.72 -23.37 -53.43
CA VAL B 248 36.51 -23.32 -52.19
C VAL B 248 37.64 -24.35 -52.37
N GLU B 249 38.89 -23.88 -52.17
CA GLU B 249 40.13 -24.64 -52.36
C GLU B 249 40.30 -25.78 -51.32
N ASN B 250 40.71 -26.97 -51.80
CA ASN B 250 40.95 -28.14 -50.96
C ASN B 250 42.45 -28.32 -50.69
N LYS B 251 42.88 -27.97 -49.47
CA LYS B 251 44.28 -28.04 -49.05
C LYS B 251 44.63 -29.41 -48.43
N ASN B 252 43.67 -30.36 -48.44
CA ASN B 252 43.76 -31.76 -47.96
C ASN B 252 44.35 -31.89 -46.53
N VAL B 253 43.92 -30.98 -45.64
CA VAL B 253 44.36 -30.87 -44.24
C VAL B 253 43.92 -32.08 -43.40
N PRO B 254 44.87 -32.80 -42.77
CA PRO B 254 44.48 -33.91 -41.88
C PRO B 254 43.87 -33.30 -40.61
N LEU B 255 42.69 -33.81 -40.23
CA LEU B 255 41.95 -33.28 -39.09
C LEU B 255 42.74 -33.47 -37.77
N PRO B 256 43.00 -32.38 -37.01
CA PRO B 256 43.78 -32.52 -35.77
C PRO B 256 43.15 -33.43 -34.74
N GLU B 257 44.00 -34.17 -34.03
CA GLU B 257 43.64 -35.08 -32.95
C GLU B 257 44.58 -34.77 -31.81
N PHE B 258 44.13 -34.99 -30.59
CA PHE B 258 44.86 -34.74 -29.35
C PHE B 258 44.63 -35.99 -28.45
N PRO B 259 44.93 -37.24 -28.89
CA PRO B 259 44.57 -38.41 -28.08
C PRO B 259 45.31 -38.58 -26.73
N GLU B 260 46.37 -37.79 -26.46
CA GLU B 260 47.02 -37.89 -25.16
C GLU B 260 46.06 -37.19 -24.21
N HIS B 261 45.95 -37.67 -22.96
CA HIS B 261 45.11 -36.99 -22.00
C HIS B 261 45.93 -35.86 -21.38
N PRO B 262 45.36 -34.63 -21.29
CA PRO B 262 46.13 -33.48 -20.76
C PRO B 262 46.53 -33.61 -19.29
N PHE B 263 46.00 -34.64 -18.61
CA PHE B 263 46.31 -34.93 -17.24
C PHE B 263 46.97 -36.28 -17.16
N GLN B 264 48.29 -36.26 -17.02
CA GLN B 264 49.12 -37.44 -16.89
C GLN B 264 49.27 -37.80 -15.40
N GLU B 265 49.81 -39.01 -15.09
CA GLU B 265 49.96 -39.57 -13.73
C GLU B 265 50.30 -38.54 -12.61
N GLU B 266 51.24 -37.62 -12.89
CA GLU B 266 51.69 -36.56 -11.97
C GLU B 266 50.57 -35.55 -11.60
N HIS B 267 49.50 -35.47 -12.42
CA HIS B 267 48.36 -34.55 -12.27
C HIS B 267 47.11 -35.26 -11.72
N LEU B 268 47.27 -36.50 -11.23
CA LEU B 268 46.20 -37.32 -10.66
C LEU B 268 46.37 -37.40 -9.15
N LYS B 269 45.25 -37.60 -8.43
CA LYS B 269 45.20 -37.61 -6.96
C LYS B 269 45.71 -36.25 -6.40
N GLN B 270 45.32 -35.16 -7.11
CA GLN B 270 45.67 -33.78 -6.79
C GLN B 270 44.46 -32.98 -6.29
N LEU B 271 44.68 -32.22 -5.22
CA LEU B 271 43.69 -31.38 -4.58
C LEU B 271 43.98 -29.91 -4.86
N TYR B 272 42.97 -29.18 -5.33
CA TYR B 272 43.03 -27.76 -5.67
C TYR B 272 42.10 -26.92 -4.78
N LYS B 273 42.65 -25.83 -4.22
CA LYS B 273 41.94 -24.91 -3.32
C LYS B 273 41.93 -23.50 -3.93
N ILE B 274 40.77 -23.11 -4.49
CA ILE B 274 40.52 -21.88 -5.26
C ILE B 274 39.72 -20.80 -4.52
N VAL B 275 40.13 -19.54 -4.74
CA VAL B 275 39.49 -18.35 -4.18
C VAL B 275 38.52 -17.72 -5.22
N PRO B 276 37.20 -17.62 -4.91
CA PRO B 276 36.24 -17.03 -5.86
C PRO B 276 36.03 -15.51 -5.71
N ILE B 277 35.30 -14.89 -6.67
CA ILE B 277 34.93 -13.48 -6.55
C ILE B 277 33.67 -13.37 -5.67
N LYS B 278 32.64 -14.22 -5.94
CA LYS B 278 31.41 -14.27 -5.14
C LYS B 278 31.62 -15.20 -3.98
N ASP B 279 30.79 -15.05 -2.94
CA ASP B 279 30.82 -15.89 -1.75
C ASP B 279 30.05 -17.19 -2.10
N ILE B 280 30.69 -18.03 -2.91
CA ILE B 280 30.18 -19.32 -3.38
C ILE B 280 31.06 -20.45 -2.86
N ARG B 281 30.47 -21.64 -2.64
CA ARG B 281 31.21 -22.80 -2.14
C ARG B 281 30.94 -23.98 -3.06
N ASN B 282 31.97 -24.42 -3.80
CA ASN B 282 31.79 -25.52 -4.76
C ASN B 282 32.87 -26.60 -4.70
N LEU B 283 32.44 -27.85 -4.96
CA LEU B 283 33.30 -29.02 -5.04
C LEU B 283 33.19 -29.66 -6.44
N TYR B 284 34.30 -29.64 -7.18
CA TYR B 284 34.42 -30.21 -8.51
C TYR B 284 35.29 -31.47 -8.45
N VAL B 285 34.70 -32.62 -8.84
CA VAL B 285 35.35 -33.93 -8.87
C VAL B 285 35.40 -34.40 -10.34
N THR B 286 36.63 -34.55 -10.89
CA THR B 286 36.88 -34.89 -12.29
C THR B 286 37.65 -36.20 -12.47
N PHE B 287 37.26 -36.98 -13.48
CA PHE B 287 37.92 -38.23 -13.88
C PHE B 287 38.30 -38.20 -15.36
N PRO B 288 39.61 -38.25 -15.70
CA PRO B 288 40.02 -38.31 -17.12
C PRO B 288 39.52 -39.63 -17.73
N ILE B 289 38.85 -39.56 -18.86
CA ILE B 289 38.31 -40.76 -19.48
C ILE B 289 38.71 -40.83 -20.97
N PRO B 290 38.62 -42.01 -21.66
CA PRO B 290 38.89 -42.01 -23.11
C PRO B 290 37.77 -41.35 -23.91
N ASP B 291 38.10 -40.88 -25.13
CA ASP B 291 37.16 -40.27 -26.07
C ASP B 291 36.06 -41.32 -26.40
N LEU B 292 34.88 -41.16 -25.78
CA LEU B 292 33.73 -42.06 -25.95
C LEU B 292 32.85 -41.70 -27.15
N GLN B 293 33.18 -40.62 -27.88
CA GLN B 293 32.42 -40.13 -29.05
C GLN B 293 32.03 -41.25 -30.03
N LYS B 294 32.96 -42.16 -30.35
CA LYS B 294 32.72 -43.29 -31.27
C LYS B 294 31.53 -44.18 -30.85
N TYR B 295 31.26 -44.27 -29.54
CA TYR B 295 30.20 -45.09 -28.95
C TYR B 295 28.84 -44.39 -28.88
N TYR B 296 28.67 -43.29 -29.65
CA TYR B 296 27.47 -42.46 -29.59
C TYR B 296 26.13 -43.24 -29.73
N LYS B 297 26.13 -44.33 -30.50
CA LYS B 297 24.91 -45.17 -30.67
C LYS B 297 24.46 -45.87 -29.39
N SER B 298 25.43 -46.20 -28.50
CA SER B 298 25.20 -46.85 -27.21
C SER B 298 25.16 -45.81 -26.06
N ASN B 299 26.13 -44.85 -26.12
CA ASN B 299 26.38 -43.73 -25.21
C ASN B 299 26.39 -44.13 -23.74
N PRO B 300 27.49 -44.72 -23.29
CA PRO B 300 27.57 -45.11 -21.87
C PRO B 300 27.72 -43.93 -20.87
N GLY B 301 28.29 -42.82 -21.32
CA GLY B 301 28.47 -41.64 -20.48
C GLY B 301 27.18 -40.96 -20.12
N HIS B 302 26.19 -41.05 -21.03
CA HIS B 302 24.84 -40.53 -20.86
C HIS B 302 24.14 -41.39 -19.81
N TYR B 303 24.35 -42.74 -19.91
CA TYR B 303 23.81 -43.78 -19.04
C TYR B 303 24.19 -43.53 -17.60
N LEU B 304 25.49 -43.39 -17.33
CA LEU B 304 26.06 -43.18 -16.00
C LEU B 304 25.82 -41.79 -15.50
N GLY B 305 25.74 -40.82 -16.41
CA GLY B 305 25.42 -39.44 -16.09
C GLY B 305 24.03 -39.37 -15.50
N HIS B 306 23.09 -40.11 -16.11
CA HIS B 306 21.69 -40.27 -15.71
C HIS B 306 21.55 -40.84 -14.30
N LEU B 307 22.37 -41.84 -13.96
CA LEU B 307 22.35 -42.53 -12.68
C LEU B 307 23.15 -41.81 -11.62
N ILE B 308 24.42 -41.46 -11.90
CA ILE B 308 25.24 -40.71 -10.95
C ILE B 308 24.60 -39.31 -10.65
N GLY B 309 24.03 -38.68 -11.69
CA GLY B 309 23.41 -37.36 -11.59
C GLY B 309 21.94 -37.35 -11.22
N HIS B 310 21.32 -38.54 -11.01
CA HIS B 310 19.91 -38.67 -10.65
C HIS B 310 19.53 -37.92 -9.37
N GLU B 311 18.30 -37.32 -9.33
CA GLU B 311 17.82 -36.53 -8.20
C GLU B 311 16.56 -37.12 -7.49
N GLY B 312 16.14 -38.33 -7.88
CA GLY B 312 14.97 -39.01 -7.31
C GLY B 312 15.29 -39.81 -6.06
N PRO B 313 14.31 -40.56 -5.49
CA PRO B 313 14.60 -41.34 -4.27
C PRO B 313 15.70 -42.38 -4.43
N GLY B 314 16.59 -42.46 -3.43
CA GLY B 314 17.72 -43.39 -3.39
C GLY B 314 18.99 -42.92 -4.06
N SER B 315 18.94 -41.73 -4.68
CA SER B 315 20.02 -41.10 -5.44
C SER B 315 21.17 -40.58 -4.58
N LEU B 316 22.35 -40.40 -5.20
CA LEU B 316 23.54 -39.83 -4.58
C LEU B 316 23.20 -38.47 -3.94
N LEU B 317 22.61 -37.55 -4.72
CA LEU B 317 22.22 -36.22 -4.27
C LEU B 317 21.35 -36.24 -3.01
N SER B 318 20.30 -37.09 -3.00
CA SER B 318 19.37 -37.22 -1.87
C SER B 318 20.05 -37.43 -0.55
N GLU B 319 21.06 -38.32 -0.50
CA GLU B 319 21.83 -38.58 0.71
C GLU B 319 22.74 -37.40 1.07
N LEU B 320 23.34 -36.75 0.06
CA LEU B 320 24.24 -35.61 0.25
C LEU B 320 23.47 -34.40 0.75
N LYS B 321 22.17 -34.30 0.37
CA LYS B 321 21.23 -33.27 0.83
C LYS B 321 20.82 -33.61 2.26
N SER B 322 20.37 -34.86 2.49
CA SER B 322 19.96 -35.38 3.79
C SER B 322 21.00 -35.17 4.88
N LYS B 323 22.29 -35.33 4.55
CA LYS B 323 23.43 -35.16 5.46
C LYS B 323 23.74 -33.69 5.77
N GLY B 324 23.16 -32.78 4.96
CA GLY B 324 23.31 -31.32 5.06
C GLY B 324 24.59 -30.83 4.46
N TRP B 325 25.08 -31.51 3.41
CA TRP B 325 26.37 -31.18 2.83
C TRP B 325 26.35 -30.39 1.54
N VAL B 326 25.39 -30.70 0.64
CA VAL B 326 25.22 -30.14 -0.73
C VAL B 326 23.74 -29.84 -1.02
N ASN B 327 23.48 -28.85 -1.88
CA ASN B 327 22.12 -28.50 -2.30
C ASN B 327 21.83 -29.03 -3.70
N THR B 328 22.84 -28.93 -4.60
CA THR B 328 22.76 -29.30 -6.00
C THR B 328 23.94 -30.23 -6.44
N LEU B 329 23.73 -30.95 -7.57
CA LEU B 329 24.67 -31.91 -8.14
C LEU B 329 24.50 -31.95 -9.67
N VAL B 330 25.62 -32.02 -10.41
CA VAL B 330 25.66 -32.18 -11.88
C VAL B 330 26.66 -33.30 -12.16
N GLY B 331 26.18 -34.35 -12.80
CA GLY B 331 26.98 -35.52 -13.11
C GLY B 331 26.91 -35.96 -14.54
N GLY B 332 28.02 -36.46 -15.05
CA GLY B 332 28.13 -36.94 -16.42
C GLY B 332 29.39 -36.54 -17.16
N GLN B 333 29.42 -36.92 -18.45
CA GLN B 333 30.52 -36.67 -19.35
C GLN B 333 30.60 -35.22 -19.81
N LYS B 334 31.83 -34.70 -19.77
CA LYS B 334 32.18 -33.35 -20.19
C LYS B 334 33.09 -33.53 -21.41
N GLU B 335 32.79 -32.78 -22.47
CA GLU B 335 33.53 -32.81 -23.73
C GLU B 335 34.93 -32.27 -23.52
N GLY B 336 35.89 -32.83 -24.23
CA GLY B 336 37.29 -32.43 -24.20
C GLY B 336 37.65 -31.90 -25.57
N ALA B 337 38.15 -32.80 -26.42
CA ALA B 337 38.47 -32.61 -27.85
C ALA B 337 38.58 -34.00 -28.47
N ARG B 338 38.90 -34.07 -29.76
CA ARG B 338 39.08 -35.36 -30.41
C ARG B 338 40.33 -36.01 -29.81
N GLY B 339 40.10 -37.05 -29.00
CA GLY B 339 41.14 -37.83 -28.34
C GLY B 339 41.07 -37.92 -26.83
N PHE B 340 40.29 -37.05 -26.18
CA PHE B 340 40.15 -37.02 -24.72
C PHE B 340 38.83 -36.44 -24.29
N MET B 341 38.35 -36.87 -23.11
CA MET B 341 37.11 -36.42 -22.48
C MET B 341 37.24 -36.46 -20.95
N PHE B 342 36.21 -36.04 -20.22
CA PHE B 342 36.21 -36.06 -18.75
C PHE B 342 34.86 -36.53 -18.26
N PHE B 343 34.82 -37.11 -17.04
CA PHE B 343 33.59 -37.50 -16.36
C PHE B 343 33.59 -36.72 -15.02
N ILE B 344 32.57 -35.88 -14.85
CA ILE B 344 32.49 -34.97 -13.68
C ILE B 344 31.32 -35.26 -12.73
N ILE B 345 31.54 -34.93 -11.45
CA ILE B 345 30.56 -34.89 -10.37
C ILE B 345 30.84 -33.56 -9.65
N ASN B 346 30.00 -32.55 -9.92
CA ASN B 346 30.11 -31.22 -9.33
C ASN B 346 28.93 -30.97 -8.42
N VAL B 347 29.22 -30.53 -7.20
CA VAL B 347 28.26 -30.19 -6.17
C VAL B 347 28.59 -28.82 -5.63
N ASP B 348 27.60 -28.18 -5.02
CA ASP B 348 27.80 -26.91 -4.33
C ASP B 348 27.94 -27.34 -2.86
N LEU B 349 28.33 -26.46 -1.95
CA LEU B 349 28.50 -26.89 -0.58
C LEU B 349 27.80 -26.01 0.41
N THR B 350 27.48 -26.59 1.57
CA THR B 350 26.94 -25.86 2.70
C THR B 350 28.18 -25.48 3.54
N GLU B 351 27.96 -24.82 4.68
CA GLU B 351 29.03 -24.44 5.62
C GLU B 351 29.66 -25.72 6.20
N GLU B 352 28.82 -26.80 6.32
CA GLU B 352 29.14 -28.11 6.84
C GLU B 352 29.72 -29.07 5.80
N GLY B 353 29.33 -28.91 4.53
CA GLY B 353 29.86 -29.70 3.42
C GLY B 353 31.32 -29.38 3.21
N LEU B 354 31.65 -28.08 3.25
CA LEU B 354 33.00 -27.54 3.17
C LEU B 354 33.96 -28.18 4.22
N LEU B 355 33.42 -28.60 5.39
CA LEU B 355 34.15 -29.26 6.49
C LEU B 355 34.13 -30.78 6.39
N HIS B 356 33.33 -31.34 5.44
CA HIS B 356 33.15 -32.78 5.21
C HIS B 356 33.34 -33.21 3.75
N VAL B 357 34.33 -32.62 3.06
CA VAL B 357 34.67 -32.89 1.66
C VAL B 357 35.03 -34.40 1.43
N GLU B 358 35.97 -34.93 2.25
CA GLU B 358 36.44 -36.33 2.21
C GLU B 358 35.26 -37.33 2.32
N ASP B 359 34.24 -36.96 3.13
CA ASP B 359 33.02 -37.70 3.39
C ASP B 359 32.08 -37.63 2.17
N ILE B 360 32.04 -36.47 1.50
CA ILE B 360 31.23 -36.27 0.29
C ILE B 360 31.77 -37.16 -0.82
N ILE B 361 33.09 -37.12 -1.06
CA ILE B 361 33.74 -37.91 -2.09
C ILE B 361 33.66 -39.43 -1.76
N LEU B 362 33.67 -39.81 -0.47
CA LEU B 362 33.50 -41.22 -0.05
C LEU B 362 32.12 -41.72 -0.47
N HIS B 363 31.09 -40.91 -0.21
CA HIS B 363 29.69 -41.13 -0.57
C HIS B 363 29.52 -41.26 -2.09
N MET B 364 30.27 -40.43 -2.86
CA MET B 364 30.30 -40.42 -4.32
C MET B 364 30.80 -41.77 -4.83
N PHE B 365 31.94 -42.22 -4.25
CA PHE B 365 32.60 -43.50 -4.54
C PHE B 365 31.79 -44.70 -4.08
N GLN B 366 31.01 -44.56 -2.98
CA GLN B 366 30.12 -45.61 -2.48
C GLN B 366 29.03 -45.84 -3.52
N TYR B 367 28.42 -44.75 -4.03
CA TYR B 367 27.36 -44.81 -5.04
C TYR B 367 27.87 -45.47 -6.33
N ILE B 368 29.10 -45.11 -6.77
CA ILE B 368 29.76 -45.67 -7.97
C ILE B 368 29.88 -47.20 -7.82
N GLN B 369 30.33 -47.66 -6.63
CA GLN B 369 30.46 -49.08 -6.27
C GLN B 369 29.12 -49.83 -6.26
N LYS B 370 28.02 -49.15 -5.89
CA LYS B 370 26.68 -49.72 -5.92
C LYS B 370 26.26 -50.03 -7.38
N LEU B 371 26.68 -49.17 -8.34
CA LEU B 371 26.44 -49.36 -9.78
C LEU B 371 27.25 -50.55 -10.30
N ARG B 372 28.44 -50.80 -9.69
CA ARG B 372 29.30 -51.93 -10.04
C ARG B 372 28.70 -53.24 -9.57
N ALA B 373 28.34 -53.30 -8.27
CA ALA B 373 27.77 -54.47 -7.61
C ALA B 373 26.44 -54.90 -8.23
N GLU B 374 25.58 -53.93 -8.61
CA GLU B 374 24.29 -54.22 -9.23
C GLU B 374 24.37 -54.44 -10.74
N GLY B 375 25.47 -53.99 -11.35
CA GLY B 375 25.72 -54.09 -12.78
C GLY B 375 24.79 -53.26 -13.66
N PRO B 376 25.01 -53.28 -15.01
CA PRO B 376 24.14 -52.51 -15.91
C PRO B 376 22.69 -52.99 -15.97
N GLN B 377 21.77 -52.03 -16.14
CA GLN B 377 20.33 -52.23 -16.23
C GLN B 377 19.89 -51.91 -17.67
N GLU B 378 19.22 -52.87 -18.33
CA GLU B 378 18.79 -52.69 -19.71
C GLU B 378 17.57 -51.76 -19.74
N TRP B 379 16.69 -51.87 -18.72
CA TRP B 379 15.48 -51.07 -18.60
C TRP B 379 15.79 -49.59 -18.45
N VAL B 380 16.94 -49.26 -17.79
CA VAL B 380 17.43 -47.89 -17.60
C VAL B 380 17.72 -47.34 -18.99
N PHE B 381 18.55 -48.05 -19.78
CA PHE B 381 18.89 -47.73 -21.17
C PHE B 381 17.63 -47.59 -22.01
N GLN B 382 16.72 -48.59 -21.96
CA GLN B 382 15.45 -48.63 -22.69
C GLN B 382 14.59 -47.37 -22.44
N GLU B 383 14.44 -46.97 -21.15
CA GLU B 383 13.74 -45.77 -20.73
C GLU B 383 14.35 -44.53 -21.38
N LEU B 384 15.71 -44.41 -21.39
CA LEU B 384 16.43 -43.29 -22.04
C LEU B 384 16.12 -43.28 -23.54
N LYS B 385 16.25 -44.44 -24.20
CA LYS B 385 15.97 -44.66 -25.63
C LYS B 385 14.58 -44.18 -26.01
N ASP B 386 13.55 -44.64 -25.27
CA ASP B 386 12.15 -44.27 -25.42
C ASP B 386 11.94 -42.76 -25.19
N LEU B 387 12.64 -42.16 -24.21
CA LEU B 387 12.52 -40.75 -23.93
C LEU B 387 13.15 -39.86 -25.00
N ASN B 388 14.27 -40.28 -25.59
CA ASN B 388 14.92 -39.51 -26.67
C ASN B 388 14.16 -39.64 -27.99
N ALA B 389 13.40 -40.73 -28.16
CA ALA B 389 12.58 -40.97 -29.35
C ALA B 389 11.41 -40.01 -29.35
N VAL B 390 10.70 -39.87 -28.20
CA VAL B 390 9.58 -38.95 -27.96
C VAL B 390 10.07 -37.50 -28.08
N ALA B 391 11.19 -37.16 -27.39
CA ALA B 391 11.80 -35.83 -27.43
C ALA B 391 12.23 -35.42 -28.85
N PHE B 392 12.77 -36.36 -29.65
CA PHE B 392 13.14 -36.08 -31.05
C PHE B 392 11.90 -35.87 -31.92
N ARG B 393 10.88 -36.75 -31.75
CA ARG B 393 9.64 -36.70 -32.52
C ARG B 393 8.89 -35.40 -32.32
N PHE B 394 8.67 -35.02 -31.05
CA PHE B 394 7.90 -33.82 -30.71
C PHE B 394 8.80 -32.60 -30.38
N LYS B 395 10.00 -32.58 -30.96
CA LYS B 395 10.98 -31.50 -30.85
C LYS B 395 10.34 -30.21 -31.37
N ASP B 396 10.49 -29.10 -30.63
CA ASP B 396 9.93 -27.82 -31.07
C ASP B 396 10.67 -27.31 -32.31
N LYS B 397 9.96 -26.57 -33.18
CA LYS B 397 10.54 -25.95 -34.37
C LYS B 397 11.47 -24.81 -33.90
N GLU B 398 12.70 -24.82 -34.43
CA GLU B 398 13.81 -23.94 -34.10
C GLU B 398 13.87 -22.74 -35.03
N ARG B 399 14.40 -21.61 -34.54
CA ARG B 399 14.63 -20.40 -35.33
C ARG B 399 15.71 -20.80 -36.35
N PRO B 400 15.54 -20.51 -37.66
CA PRO B 400 16.52 -20.96 -38.66
C PRO B 400 17.99 -20.65 -38.39
N ARG B 401 18.31 -19.43 -37.85
CA ARG B 401 19.70 -19.01 -37.59
C ARG B 401 20.47 -19.96 -36.67
N GLY B 402 19.88 -20.35 -35.55
CA GLY B 402 20.50 -21.26 -34.59
C GLY B 402 20.47 -22.70 -35.04
N TYR B 403 19.45 -23.05 -35.88
CA TYR B 403 19.25 -24.38 -36.45
C TYR B 403 20.38 -24.72 -37.44
N THR B 404 20.72 -23.77 -38.37
CA THR B 404 21.80 -23.97 -39.35
C THR B 404 23.16 -24.06 -38.66
N SER B 405 23.44 -23.12 -37.74
CA SER B 405 24.65 -23.03 -36.93
C SER B 405 24.98 -24.36 -36.24
N LYS B 406 23.98 -24.96 -35.55
CA LYS B 406 24.13 -26.22 -34.81
C LYS B 406 24.41 -27.41 -35.73
N ILE B 407 23.68 -27.50 -36.87
CA ILE B 407 23.86 -28.60 -37.85
C ILE B 407 25.23 -28.51 -38.53
N ALA B 408 25.70 -27.30 -38.88
CA ALA B 408 27.02 -27.09 -39.51
C ALA B 408 28.17 -27.70 -38.67
N GLY B 409 28.03 -27.63 -37.34
CA GLY B 409 28.98 -28.21 -36.42
C GLY B 409 28.91 -29.73 -36.40
N ILE B 410 27.70 -30.28 -36.15
CA ILE B 410 27.48 -31.72 -36.03
C ILE B 410 27.59 -32.46 -37.38
N LEU B 411 27.59 -31.76 -38.53
CA LEU B 411 27.77 -32.37 -39.87
C LEU B 411 29.10 -33.09 -39.97
N HIS B 412 30.11 -32.54 -39.24
CA HIS B 412 31.48 -33.03 -39.15
C HIS B 412 31.58 -34.38 -38.44
N TYR B 413 30.69 -34.60 -37.44
CA TYR B 413 30.70 -35.75 -36.54
C TYR B 413 29.88 -36.97 -36.96
N TYR B 414 28.84 -36.77 -37.79
CA TYR B 414 27.92 -37.86 -38.15
C TYR B 414 27.62 -38.00 -39.65
N PRO B 415 27.28 -39.25 -40.12
CA PRO B 415 26.88 -39.42 -41.53
C PRO B 415 25.69 -38.55 -41.86
N LEU B 416 25.63 -38.10 -43.12
CA LEU B 416 24.58 -37.24 -43.67
C LEU B 416 23.18 -37.52 -43.14
N GLU B 417 22.77 -38.78 -43.24
CA GLU B 417 21.46 -39.32 -42.92
C GLU B 417 21.11 -39.28 -41.43
N GLU B 418 22.14 -39.24 -40.56
CA GLU B 418 21.98 -39.23 -39.10
C GLU B 418 22.21 -37.86 -38.46
N VAL B 419 22.37 -36.78 -39.25
CA VAL B 419 22.70 -35.45 -38.76
C VAL B 419 21.60 -34.83 -37.85
N LEU B 420 20.32 -35.23 -38.04
CA LEU B 420 19.23 -34.71 -37.21
C LEU B 420 18.97 -35.60 -36.00
N THR B 421 19.01 -36.92 -36.21
CA THR B 421 18.79 -37.95 -35.19
C THR B 421 19.97 -38.16 -34.23
N ALA B 422 21.19 -37.71 -34.64
CA ALA B 422 22.50 -37.86 -33.98
C ALA B 422 22.52 -37.67 -32.46
N GLU B 423 22.26 -36.43 -32.00
CA GLU B 423 22.24 -36.10 -30.58
C GLU B 423 20.97 -36.65 -29.88
N TYR B 424 20.21 -37.52 -30.56
CA TYR B 424 18.99 -38.05 -30.00
C TYR B 424 18.93 -39.56 -29.86
N LEU B 425 18.85 -40.29 -30.97
CA LEU B 425 18.56 -41.70 -30.96
C LEU B 425 19.71 -42.62 -30.58
N LEU B 426 19.41 -43.47 -29.58
CA LEU B 426 20.23 -44.55 -29.01
C LEU B 426 19.74 -45.85 -29.63
N GLU B 427 20.65 -46.83 -29.81
CA GLU B 427 20.28 -48.08 -30.44
C GLU B 427 20.56 -49.32 -29.57
N GLU B 428 21.82 -49.79 -29.57
CA GLU B 428 22.23 -51.02 -28.89
C GLU B 428 22.69 -50.82 -27.46
N PHE B 429 22.18 -51.66 -26.56
CA PHE B 429 22.59 -51.65 -25.16
C PHE B 429 23.97 -52.33 -25.07
N ARG B 430 24.95 -51.62 -24.50
CA ARG B 430 26.31 -52.13 -24.39
C ARG B 430 26.80 -52.12 -22.95
N PRO B 431 26.45 -53.18 -22.19
CA PRO B 431 26.88 -53.25 -20.77
C PRO B 431 28.41 -53.28 -20.57
N ASP B 432 29.15 -53.81 -21.59
CA ASP B 432 30.61 -53.90 -21.64
C ASP B 432 31.23 -52.52 -21.49
N LEU B 433 30.65 -51.55 -22.25
CA LEU B 433 31.06 -50.13 -22.28
C LEU B 433 30.80 -49.44 -20.93
N ILE B 434 29.65 -49.73 -20.32
CA ILE B 434 29.23 -49.21 -19.02
C ILE B 434 30.22 -49.60 -17.92
N GLU B 435 30.75 -50.84 -18.01
CA GLU B 435 31.75 -51.43 -17.10
C GLU B 435 33.12 -50.74 -17.35
N MET B 436 33.47 -50.52 -18.64
CA MET B 436 34.70 -49.89 -19.08
C MET B 436 34.82 -48.43 -18.54
N VAL B 437 33.75 -47.62 -18.70
CA VAL B 437 33.69 -46.22 -18.25
C VAL B 437 33.72 -46.17 -16.72
N LEU B 438 32.89 -47.00 -16.08
CA LEU B 438 32.79 -47.13 -14.63
C LEU B 438 34.14 -47.49 -14.00
N ASP B 439 34.94 -48.36 -14.67
CA ASP B 439 36.30 -48.77 -14.24
C ASP B 439 37.29 -47.59 -14.19
N LYS B 440 36.99 -46.46 -14.86
CA LYS B 440 37.78 -45.24 -14.86
C LYS B 440 37.40 -44.30 -13.67
N LEU B 441 36.19 -44.48 -13.11
CA LEU B 441 35.69 -43.67 -11.99
C LEU B 441 36.27 -44.15 -10.64
N ARG B 442 37.61 -44.11 -10.51
CA ARG B 442 38.35 -44.60 -9.34
C ARG B 442 39.23 -43.54 -8.65
N PRO B 443 39.47 -43.67 -7.30
CA PRO B 443 40.34 -42.70 -6.59
C PRO B 443 41.77 -42.50 -7.13
N GLU B 444 42.35 -43.51 -7.79
CA GLU B 444 43.70 -43.44 -8.38
C GLU B 444 43.74 -42.53 -9.64
N ASN B 445 42.54 -42.23 -10.18
CA ASN B 445 42.27 -41.44 -11.38
C ASN B 445 41.41 -40.18 -11.06
N VAL B 446 41.39 -39.74 -9.77
CA VAL B 446 40.56 -38.60 -9.41
C VAL B 446 41.39 -37.29 -9.32
N ARG B 447 40.68 -36.17 -9.57
CA ARG B 447 41.12 -34.78 -9.46
C ARG B 447 40.02 -34.01 -8.69
N VAL B 448 40.40 -33.36 -7.60
CA VAL B 448 39.47 -32.65 -6.71
C VAL B 448 39.79 -31.16 -6.67
N ALA B 449 38.76 -30.31 -6.83
CA ALA B 449 38.85 -28.86 -6.72
C ALA B 449 37.77 -28.32 -5.77
N ILE B 450 38.20 -27.47 -4.79
CA ILE B 450 37.37 -26.81 -3.79
C ILE B 450 37.47 -25.28 -3.96
N VAL B 451 36.32 -24.63 -4.19
CA VAL B 451 36.18 -23.18 -4.36
C VAL B 451 35.52 -22.63 -3.09
N SER B 452 36.18 -21.69 -2.39
CA SER B 452 35.70 -21.13 -1.12
C SER B 452 36.54 -19.92 -0.69
N LYS B 453 35.88 -18.90 -0.13
CA LYS B 453 36.55 -17.68 0.37
C LYS B 453 37.45 -18.00 1.58
N SER B 454 37.22 -19.18 2.25
CA SER B 454 37.98 -19.67 3.39
C SER B 454 39.47 -19.92 3.04
N PHE B 455 39.87 -19.64 1.78
CA PHE B 455 41.20 -19.83 1.22
C PHE B 455 41.93 -18.50 0.94
N GLU B 456 41.22 -17.36 1.10
CA GLU B 456 41.75 -16.00 0.91
C GLU B 456 42.92 -15.79 1.88
N GLY B 457 44.08 -15.47 1.31
CA GLY B 457 45.33 -15.28 2.06
C GLY B 457 46.07 -16.57 2.37
N LYS B 458 45.45 -17.72 2.04
CA LYS B 458 46.02 -19.04 2.31
C LYS B 458 46.42 -19.78 1.02
N THR B 459 46.63 -19.03 -0.07
CA THR B 459 47.03 -19.58 -1.38
C THR B 459 48.39 -19.01 -1.83
N ASP B 460 49.11 -19.74 -2.69
CA ASP B 460 50.44 -19.30 -3.15
C ASP B 460 50.54 -19.02 -4.65
N ARG B 461 49.66 -19.61 -5.48
CA ARG B 461 49.72 -19.43 -6.94
C ARG B 461 48.63 -18.49 -7.45
N THR B 462 48.88 -17.90 -8.63
CA THR B 462 48.02 -16.96 -9.33
C THR B 462 47.99 -17.34 -10.81
N GLU B 463 46.79 -17.61 -11.35
CA GLU B 463 46.60 -17.94 -12.77
C GLU B 463 46.82 -16.63 -13.57
N GLU B 464 47.70 -16.66 -14.58
CA GLU B 464 48.12 -15.44 -15.29
C GLU B 464 47.04 -14.72 -16.14
N TRP B 465 46.16 -15.45 -16.82
CA TRP B 465 45.18 -14.84 -17.71
C TRP B 465 44.00 -14.17 -17.00
N TYR B 466 43.64 -14.64 -15.79
CA TYR B 466 42.52 -14.12 -15.02
C TYR B 466 42.89 -13.52 -13.66
N GLY B 467 43.98 -14.01 -13.07
CA GLY B 467 44.48 -13.57 -11.77
C GLY B 467 43.95 -14.42 -10.63
N THR B 468 43.40 -15.61 -10.96
CA THR B 468 42.78 -16.56 -10.02
C THR B 468 43.79 -17.10 -9.01
N GLN B 469 43.48 -16.92 -7.74
CA GLN B 469 44.31 -17.33 -6.61
C GLN B 469 44.01 -18.76 -6.17
N TYR B 470 45.05 -19.59 -6.08
CA TYR B 470 44.88 -21.01 -5.76
C TYR B 470 46.12 -21.65 -5.20
N LYS B 471 45.92 -22.86 -4.66
CA LYS B 471 46.91 -23.75 -4.06
C LYS B 471 46.73 -25.17 -4.68
N GLN B 472 47.86 -25.88 -4.83
CA GLN B 472 47.93 -27.25 -5.34
C GLN B 472 48.50 -28.15 -4.22
N GLU B 473 47.87 -29.30 -4.03
CA GLU B 473 48.20 -30.26 -2.99
C GLU B 473 48.04 -31.66 -3.57
N ALA B 474 48.63 -32.65 -2.90
CA ALA B 474 48.50 -34.05 -3.26
C ALA B 474 47.57 -34.64 -2.25
N ILE B 475 46.55 -35.39 -2.71
CA ILE B 475 45.59 -36.06 -1.84
C ILE B 475 46.37 -37.17 -1.10
N PRO B 476 46.36 -37.22 0.26
CA PRO B 476 47.13 -38.26 0.96
C PRO B 476 46.69 -39.68 0.62
N ASP B 477 47.67 -40.60 0.58
CA ASP B 477 47.49 -42.03 0.28
C ASP B 477 46.46 -42.68 1.22
N GLU B 478 46.37 -42.16 2.46
CA GLU B 478 45.43 -42.59 3.49
C GLU B 478 43.99 -42.23 3.08
N VAL B 479 43.80 -41.06 2.44
CA VAL B 479 42.49 -40.57 1.95
C VAL B 479 42.10 -41.38 0.70
N ILE B 480 43.04 -41.58 -0.24
CA ILE B 480 42.82 -42.39 -1.46
C ILE B 480 42.38 -43.81 -1.07
N LYS B 481 43.14 -44.45 -0.13
CA LYS B 481 42.91 -45.80 0.40
C LYS B 481 41.51 -45.91 1.02
N LYS B 482 41.11 -44.90 1.82
CA LYS B 482 39.78 -44.84 2.43
C LYS B 482 38.71 -44.90 1.35
N TRP B 483 38.83 -44.03 0.32
CA TRP B 483 37.89 -43.98 -0.81
C TRP B 483 37.87 -45.27 -1.60
N GLN B 484 39.04 -45.91 -1.77
CA GLN B 484 39.19 -47.20 -2.48
C GLN B 484 38.45 -48.30 -1.74
N ASN B 485 38.47 -48.25 -0.39
CA ASN B 485 37.87 -49.25 0.48
C ASN B 485 36.40 -48.99 0.83
N ALA B 486 35.79 -47.97 0.19
CA ALA B 486 34.40 -47.54 0.40
C ALA B 486 33.39 -48.68 0.52
N ASP B 487 32.69 -48.74 1.67
CA ASP B 487 31.67 -49.74 2.02
C ASP B 487 30.47 -49.66 1.09
N LEU B 488 29.58 -50.64 1.17
CA LEU B 488 28.35 -50.50 0.43
C LEU B 488 27.39 -49.79 1.41
N ASN B 489 26.78 -48.67 0.96
CA ASN B 489 25.85 -47.84 1.75
C ASN B 489 24.41 -48.22 1.37
N GLY B 490 23.60 -48.54 2.38
CA GLY B 490 22.19 -48.92 2.20
C GLY B 490 21.27 -47.78 1.81
N LYS B 491 21.73 -46.54 2.03
CA LYS B 491 21.00 -45.30 1.73
C LYS B 491 20.82 -45.10 0.21
N PHE B 492 21.69 -45.73 -0.61
CA PHE B 492 21.62 -45.66 -2.07
C PHE B 492 20.87 -46.82 -2.66
N LYS B 493 19.94 -46.52 -3.56
CA LYS B 493 19.09 -47.47 -4.27
C LYS B 493 18.91 -46.95 -5.68
N LEU B 494 18.90 -47.85 -6.66
CA LEU B 494 18.71 -47.49 -8.07
C LEU B 494 17.33 -46.83 -8.29
N PRO B 495 17.18 -45.88 -9.24
CA PRO B 495 15.84 -45.32 -9.48
C PRO B 495 14.83 -46.40 -9.88
N THR B 496 13.54 -46.12 -9.65
CA THR B 496 12.45 -47.03 -10.01
C THR B 496 11.91 -46.59 -11.38
N LYS B 497 10.92 -47.33 -11.93
CA LYS B 497 10.28 -47.04 -13.22
C LYS B 497 9.64 -45.65 -13.20
N ASN B 498 10.00 -44.81 -14.20
CA ASN B 498 9.49 -43.45 -14.33
C ASN B 498 8.06 -43.48 -14.83
N GLU B 499 7.12 -43.13 -13.94
CA GLU B 499 5.68 -43.13 -14.23
C GLU B 499 5.18 -41.80 -14.78
N PHE B 500 6.09 -41.02 -15.38
CA PHE B 500 5.79 -39.71 -15.98
C PHE B 500 5.99 -39.72 -17.50
N ILE B 501 6.53 -40.83 -18.02
CA ILE B 501 6.72 -41.06 -19.44
C ILE B 501 5.34 -40.93 -20.14
N PRO B 502 5.22 -39.96 -21.07
CA PRO B 502 3.92 -39.78 -21.74
C PRO B 502 3.64 -40.87 -22.76
N THR B 503 2.35 -41.22 -22.90
CA THR B 503 1.88 -42.25 -23.84
C THR B 503 0.78 -41.68 -24.70
N ASN B 504 0.04 -40.70 -24.16
CA ASN B 504 -1.08 -40.09 -24.88
C ASN B 504 -0.61 -38.85 -25.67
N PHE B 505 -0.35 -39.07 -26.97
CA PHE B 505 0.12 -38.03 -27.88
C PHE B 505 -0.97 -37.51 -28.81
N GLU B 506 -2.25 -37.83 -28.52
CA GLU B 506 -3.40 -37.36 -29.31
C GLU B 506 -3.48 -35.85 -29.40
N ILE B 507 -3.53 -35.33 -30.65
CA ILE B 507 -3.75 -33.91 -30.91
C ILE B 507 -5.26 -33.77 -31.07
N LEU B 508 -5.91 -33.18 -30.06
CA LEU B 508 -7.35 -32.93 -30.03
C LEU B 508 -7.81 -32.06 -31.21
N PRO B 509 -8.96 -32.40 -31.85
CA PRO B 509 -9.41 -31.59 -32.99
C PRO B 509 -9.68 -30.13 -32.59
N LEU B 510 -9.45 -29.20 -33.52
CA LEU B 510 -9.65 -27.78 -33.32
C LEU B 510 -11.15 -27.57 -33.21
N GLU B 511 -11.58 -27.05 -32.06
CA GLU B 511 -13.00 -26.82 -31.75
C GLU B 511 -13.65 -25.80 -32.67
N LYS B 512 -14.97 -25.94 -32.89
CA LYS B 512 -15.73 -25.02 -33.73
C LYS B 512 -15.60 -23.58 -33.23
N GLU B 513 -15.67 -23.40 -31.90
CA GLU B 513 -15.55 -22.09 -31.27
C GLU B 513 -14.11 -21.72 -30.84
N ALA B 514 -13.09 -22.22 -31.58
CA ALA B 514 -11.69 -21.90 -31.30
C ALA B 514 -11.40 -20.44 -31.67
N THR B 515 -10.49 -19.79 -30.92
CA THR B 515 -10.16 -18.38 -31.11
C THR B 515 -8.67 -18.15 -31.47
N PRO B 516 -8.34 -17.14 -32.31
CA PRO B 516 -6.94 -16.90 -32.69
C PRO B 516 -6.03 -16.39 -31.57
N TYR B 517 -6.64 -15.76 -30.57
CA TYR B 517 -5.99 -15.17 -29.41
C TYR B 517 -6.64 -15.70 -28.15
N PRO B 518 -6.02 -15.56 -26.95
CA PRO B 518 -6.67 -16.06 -25.72
C PRO B 518 -7.99 -15.36 -25.42
N ALA B 519 -9.01 -16.14 -25.04
CA ALA B 519 -10.33 -15.63 -24.71
C ALA B 519 -10.56 -15.71 -23.21
N LEU B 520 -11.24 -14.69 -22.64
CA LEU B 520 -11.57 -14.70 -21.22
C LEU B 520 -12.77 -15.64 -21.00
N ILE B 521 -12.47 -16.90 -20.58
CA ILE B 521 -13.47 -17.96 -20.41
C ILE B 521 -13.94 -18.10 -18.95
N LYS B 522 -13.46 -17.23 -18.04
CA LYS B 522 -13.88 -17.18 -16.65
C LYS B 522 -13.46 -15.86 -16.03
N ASP B 523 -14.38 -15.21 -15.29
CA ASP B 523 -14.14 -13.92 -14.64
C ASP B 523 -14.93 -13.85 -13.33
N THR B 524 -14.44 -14.57 -12.33
CA THR B 524 -15.02 -14.63 -10.99
C THR B 524 -14.15 -13.82 -10.02
N ALA B 525 -14.62 -13.68 -8.77
CA ALA B 525 -13.89 -13.04 -7.68
C ALA B 525 -12.58 -13.80 -7.38
N MET B 526 -12.61 -15.12 -7.53
CA MET B 526 -11.45 -15.96 -7.27
C MET B 526 -10.45 -15.96 -8.44
N SER B 527 -10.93 -16.18 -9.68
CA SER B 527 -10.02 -16.26 -10.82
C SER B 527 -10.51 -15.65 -12.12
N LYS B 528 -9.54 -15.25 -12.95
CA LYS B 528 -9.67 -14.69 -14.30
C LYS B 528 -8.89 -15.68 -15.22
N LEU B 529 -9.62 -16.44 -16.06
CA LEU B 529 -9.05 -17.46 -16.92
C LEU B 529 -9.08 -17.13 -18.40
N TRP B 530 -7.87 -17.04 -18.98
CA TRP B 530 -7.62 -16.79 -20.40
C TRP B 530 -7.23 -18.12 -21.02
N PHE B 531 -7.89 -18.48 -22.13
CA PHE B 531 -7.67 -19.76 -22.81
C PHE B 531 -7.55 -19.66 -24.33
N LYS B 532 -6.67 -20.51 -24.90
CA LYS B 532 -6.48 -20.69 -26.34
C LYS B 532 -6.00 -22.09 -26.63
N GLN B 533 -6.74 -22.79 -27.47
CA GLN B 533 -6.34 -24.11 -27.99
C GLN B 533 -5.30 -23.78 -29.07
N ASP B 534 -4.25 -24.57 -29.16
CA ASP B 534 -3.21 -24.32 -30.16
C ASP B 534 -3.73 -24.66 -31.57
N ASP B 535 -3.62 -23.67 -32.49
CA ASP B 535 -3.97 -23.77 -33.92
C ASP B 535 -2.74 -23.49 -34.83
N LYS B 536 -1.52 -23.73 -34.29
CA LYS B 536 -0.30 -23.44 -35.03
C LYS B 536 0.70 -24.59 -35.11
N PHE B 537 1.08 -25.17 -33.95
CA PHE B 537 2.18 -26.12 -33.80
C PHE B 537 1.81 -27.59 -33.76
N PHE B 538 0.65 -27.96 -33.22
CA PHE B 538 0.09 -29.32 -33.18
C PHE B 538 1.03 -30.40 -32.61
N LEU B 539 1.75 -30.03 -31.54
CA LEU B 539 2.60 -30.95 -30.77
C LEU B 539 1.82 -31.30 -29.47
N PRO B 540 1.92 -32.54 -28.90
CA PRO B 540 1.07 -32.87 -27.73
C PRO B 540 1.55 -32.21 -26.43
N LYS B 541 1.53 -30.87 -26.41
CA LYS B 541 2.02 -30.02 -25.33
C LYS B 541 1.02 -28.92 -24.94
N ALA B 542 1.20 -28.37 -23.72
CA ALA B 542 0.45 -27.24 -23.20
C ALA B 542 1.26 -26.46 -22.14
N ASN B 543 1.05 -25.14 -22.12
CA ASN B 543 1.64 -24.16 -21.21
C ASN B 543 0.57 -23.69 -20.26
N LEU B 544 0.79 -23.87 -18.95
CA LEU B 544 -0.15 -23.50 -17.92
C LEU B 544 0.47 -22.45 -16.98
N ASN B 545 0.09 -21.18 -17.19
CA ASN B 545 0.61 -20.07 -16.41
C ASN B 545 -0.39 -19.56 -15.39
N PHE B 546 0.06 -19.41 -14.13
CA PHE B 546 -0.76 -18.91 -13.01
C PHE B 546 -0.06 -17.78 -12.22
N GLU B 547 -0.79 -16.69 -11.99
CA GLU B 547 -0.35 -15.56 -11.15
C GLU B 547 -1.29 -15.56 -9.96
N PHE B 548 -0.74 -15.72 -8.75
CA PHE B 548 -1.44 -15.73 -7.45
C PHE B 548 -1.17 -14.39 -6.81
N PHE B 549 -2.21 -13.61 -6.54
CA PHE B 549 -2.07 -12.30 -5.92
C PHE B 549 -2.44 -12.36 -4.46
N SER B 550 -1.57 -11.80 -3.63
CA SER B 550 -1.72 -11.68 -2.19
C SER B 550 -1.04 -10.44 -1.67
N PRO B 551 -1.75 -9.55 -0.93
CA PRO B 551 -1.07 -8.37 -0.34
C PRO B 551 0.00 -8.71 0.71
N PHE B 552 0.08 -9.98 1.14
CA PHE B 552 1.01 -10.45 2.16
C PHE B 552 2.33 -11.01 1.63
N ALA B 553 2.54 -10.99 0.31
CA ALA B 553 3.78 -11.47 -0.28
C ALA B 553 4.81 -10.37 -0.44
N TYR B 554 4.41 -9.10 -0.19
CA TYR B 554 5.28 -7.93 -0.36
C TYR B 554 4.90 -6.74 0.57
N VAL B 555 4.15 -7.01 1.66
CA VAL B 555 3.69 -5.96 2.60
C VAL B 555 4.90 -5.19 3.24
N ASP B 556 5.96 -5.93 3.60
CA ASP B 556 7.20 -5.40 4.16
C ASP B 556 8.36 -6.32 3.73
N PRO B 557 9.65 -5.94 3.97
CA PRO B 557 10.76 -6.83 3.58
C PRO B 557 10.67 -8.24 4.17
N LEU B 558 10.23 -8.38 5.42
CA LEU B 558 10.08 -9.69 6.10
C LEU B 558 9.19 -10.65 5.29
N HIS B 559 7.95 -10.23 4.95
CA HIS B 559 7.01 -11.04 4.20
C HIS B 559 7.54 -11.45 2.86
N SER B 560 8.31 -10.55 2.20
CA SER B 560 8.96 -10.78 0.93
C SER B 560 9.98 -11.92 1.04
N ASN B 561 10.81 -11.91 2.10
CA ASN B 561 11.79 -12.96 2.38
C ASN B 561 11.06 -14.26 2.63
N MET B 562 9.95 -14.19 3.39
CA MET B 562 9.08 -15.32 3.72
C MET B 562 8.41 -15.95 2.51
N ALA B 563 8.09 -15.13 1.51
CA ALA B 563 7.49 -15.56 0.26
C ALA B 563 8.55 -16.31 -0.58
N TYR B 564 9.80 -15.78 -0.60
CA TYR B 564 10.95 -16.38 -1.29
C TYR B 564 11.24 -17.75 -0.66
N LEU B 565 11.54 -17.77 0.64
CA LEU B 565 11.85 -18.98 1.40
C LEU B 565 10.77 -20.04 1.34
N TYR B 566 9.48 -19.63 1.38
CA TYR B 566 8.36 -20.57 1.28
C TYR B 566 8.45 -21.38 -0.05
N LEU B 567 8.58 -20.70 -1.20
CA LEU B 567 8.64 -21.33 -2.52
C LEU B 567 9.93 -22.08 -2.77
N GLU B 568 11.04 -21.61 -2.20
CA GLU B 568 12.34 -22.28 -2.32
C GLU B 568 12.33 -23.61 -1.59
N LEU B 569 11.73 -23.65 -0.39
CA LEU B 569 11.57 -24.84 0.44
C LEU B 569 10.54 -25.80 -0.17
N LEU B 570 9.51 -25.24 -0.82
CA LEU B 570 8.46 -25.98 -1.50
C LEU B 570 9.07 -26.73 -2.69
N LYS B 571 9.83 -26.01 -3.55
CA LYS B 571 10.55 -26.57 -4.70
C LYS B 571 11.55 -27.63 -4.25
N ASP B 572 12.28 -27.38 -3.13
CA ASP B 572 13.25 -28.31 -2.55
C ASP B 572 12.63 -29.65 -2.15
N SER B 573 11.54 -29.59 -1.41
CA SER B 573 10.80 -30.74 -0.88
C SER B 573 10.14 -31.59 -1.98
N LEU B 574 9.77 -30.94 -3.09
CA LEU B 574 9.07 -31.53 -4.22
C LEU B 574 10.03 -32.04 -5.33
N ASN B 575 11.35 -31.79 -5.14
CA ASN B 575 12.43 -32.10 -6.09
C ASN B 575 12.53 -33.56 -6.50
N GLU B 576 12.59 -34.49 -5.54
CA GLU B 576 12.68 -35.94 -5.81
C GLU B 576 11.54 -36.44 -6.71
N TYR B 577 10.31 -35.92 -6.47
CA TYR B 577 9.10 -36.26 -7.24
C TYR B 577 9.11 -35.62 -8.64
N ALA B 578 9.45 -34.32 -8.69
CA ALA B 578 9.47 -33.47 -9.87
C ALA B 578 10.54 -33.83 -10.89
N TYR B 579 11.70 -34.34 -10.44
CA TYR B 579 12.81 -34.70 -11.34
C TYR B 579 12.39 -35.70 -12.43
N ALA B 580 11.65 -36.76 -12.04
CA ALA B 580 11.13 -37.81 -12.94
C ALA B 580 10.29 -37.19 -14.06
N ALA B 581 9.40 -36.23 -13.71
CA ALA B 581 8.59 -35.45 -14.63
C ALA B 581 9.45 -34.58 -15.58
N GLU B 582 10.51 -33.96 -15.03
CA GLU B 582 11.45 -33.10 -15.74
C GLU B 582 12.23 -33.91 -16.80
N LEU B 583 12.55 -35.17 -16.50
CA LEU B 583 13.20 -36.09 -17.44
C LEU B 583 12.20 -36.46 -18.56
N ALA B 584 10.93 -36.64 -18.17
CA ALA B 584 9.83 -37.03 -19.06
C ALA B 584 9.22 -35.89 -19.88
N GLY B 585 9.89 -34.73 -19.91
CA GLY B 585 9.47 -33.55 -20.69
C GLY B 585 8.31 -32.78 -20.09
N LEU B 586 8.26 -32.70 -18.75
CA LEU B 586 7.23 -31.98 -18.00
C LEU B 586 7.93 -31.16 -16.91
N SER B 587 8.25 -29.92 -17.24
CA SER B 587 8.96 -29.02 -16.33
C SER B 587 8.03 -27.98 -15.71
N TYR B 588 8.47 -27.38 -14.58
CA TYR B 588 7.70 -26.34 -13.91
C TYR B 588 8.58 -25.25 -13.31
N ASP B 589 8.02 -24.06 -13.15
CA ASP B 589 8.68 -22.92 -12.54
C ASP B 589 7.76 -22.32 -11.47
N LEU B 590 8.31 -21.98 -10.31
CA LEU B 590 7.54 -21.42 -9.19
C LEU B 590 8.36 -20.33 -8.49
N GLN B 591 7.91 -19.07 -8.58
CA GLN B 591 8.67 -17.98 -7.96
C GLN B 591 7.81 -16.86 -7.38
N ASN B 592 8.33 -16.21 -6.32
CA ASN B 592 7.66 -15.06 -5.72
C ASN B 592 7.77 -13.83 -6.63
N THR B 593 6.69 -13.02 -6.63
CA THR B 593 6.56 -11.79 -7.38
C THR B 593 6.34 -10.66 -6.38
N ILE B 594 6.34 -9.40 -6.87
CA ILE B 594 6.08 -8.24 -6.01
C ILE B 594 4.59 -8.15 -5.60
N TYR B 595 3.74 -9.03 -6.19
CA TYR B 595 2.29 -9.07 -5.95
C TYR B 595 1.76 -10.41 -5.33
N GLY B 596 2.60 -11.45 -5.26
CA GLY B 596 2.23 -12.77 -4.78
C GLY B 596 3.18 -13.85 -5.28
N MET B 597 2.67 -14.80 -6.11
CA MET B 597 3.41 -15.97 -6.61
C MET B 597 3.15 -16.28 -8.08
N TYR B 598 4.15 -16.84 -8.76
CA TYR B 598 4.03 -17.24 -10.16
C TYR B 598 4.34 -18.72 -10.32
N LEU B 599 3.47 -19.44 -11.05
CA LEU B 599 3.62 -20.87 -11.36
C LEU B 599 3.42 -21.11 -12.84
N SER B 600 4.35 -21.87 -13.41
CA SER B 600 4.29 -22.26 -14.81
C SER B 600 4.54 -23.76 -14.97
N VAL B 601 3.63 -24.46 -15.66
CA VAL B 601 3.72 -25.91 -15.91
C VAL B 601 3.79 -26.03 -17.42
N LYS B 602 4.85 -26.65 -17.94
CA LYS B 602 5.05 -26.74 -19.39
C LYS B 602 5.49 -28.11 -19.83
N GLY B 603 5.32 -28.41 -21.10
CA GLY B 603 5.67 -29.70 -21.69
C GLY B 603 4.46 -30.50 -22.14
N TYR B 604 4.61 -31.85 -22.21
CA TYR B 604 3.55 -32.78 -22.62
C TYR B 604 2.33 -32.74 -21.67
N ASN B 605 1.13 -32.57 -22.25
CA ASN B 605 -0.17 -32.46 -21.58
C ASN B 605 -0.64 -33.74 -20.86
N ASP B 606 -0.20 -34.93 -21.32
CA ASP B 606 -0.65 -36.23 -20.80
C ASP B 606 -0.66 -36.29 -19.25
N LYS B 607 0.51 -36.26 -18.64
CA LYS B 607 0.62 -36.39 -17.18
C LYS B 607 0.60 -35.02 -16.47
N GLN B 608 0.43 -33.92 -17.24
CA GLN B 608 0.39 -32.54 -16.78
C GLN B 608 -0.58 -32.27 -15.60
N PRO B 609 -1.87 -32.73 -15.60
CA PRO B 609 -2.72 -32.44 -14.42
C PRO B 609 -2.30 -33.18 -13.14
N ILE B 610 -1.60 -34.31 -13.26
CA ILE B 610 -1.12 -35.03 -12.07
C ILE B 610 -0.11 -34.17 -11.33
N LEU B 611 0.91 -33.66 -12.05
CA LEU B 611 1.97 -32.80 -11.51
C LEU B 611 1.37 -31.54 -10.90
N LEU B 612 0.53 -30.80 -11.68
CA LEU B 612 -0.13 -29.59 -11.21
C LEU B 612 -0.95 -29.84 -9.93
N LYS B 613 -1.70 -30.96 -9.86
CA LYS B 613 -2.43 -31.32 -8.65
C LYS B 613 -1.47 -31.52 -7.46
N LYS B 614 -0.31 -32.16 -7.67
CA LYS B 614 0.69 -32.39 -6.59
C LYS B 614 1.28 -31.07 -6.07
N ILE B 615 1.64 -30.13 -6.99
CA ILE B 615 2.21 -28.82 -6.66
C ILE B 615 1.21 -28.01 -5.84
N ILE B 616 -0.07 -27.91 -6.28
CA ILE B 616 -1.09 -27.14 -5.55
C ILE B 616 -1.36 -27.78 -4.18
N GLU B 617 -1.40 -29.13 -4.09
CA GLU B 617 -1.58 -29.88 -2.84
C GLU B 617 -0.44 -29.59 -1.88
N LYS B 618 0.81 -29.71 -2.37
CA LYS B 618 2.00 -29.43 -1.60
C LYS B 618 2.00 -27.98 -1.09
N MET B 619 1.63 -27.00 -1.92
CA MET B 619 1.58 -25.58 -1.55
C MET B 619 0.84 -25.34 -0.22
N ALA B 620 -0.29 -26.03 -0.08
CA ALA B 620 -1.24 -25.93 1.01
C ALA B 620 -0.98 -26.85 2.20
N THR B 621 -0.48 -28.07 1.95
CA THR B 621 -0.25 -29.08 3.01
C THR B 621 1.25 -29.24 3.35
N PHE B 622 2.09 -28.36 2.80
CA PHE B 622 3.55 -28.34 2.96
C PHE B 622 4.02 -28.30 4.41
N GLU B 623 4.93 -29.23 4.73
CA GLU B 623 5.57 -29.37 6.04
C GLU B 623 7.09 -29.20 5.92
N ILE B 624 7.57 -28.15 6.56
CA ILE B 624 8.95 -27.69 6.56
C ILE B 624 9.85 -28.55 7.41
N ASP B 625 11.03 -28.87 6.84
CA ASP B 625 12.14 -29.58 7.43
C ASP B 625 13.04 -28.46 7.95
N GLU B 626 13.26 -28.43 9.27
CA GLU B 626 14.06 -27.43 9.96
C GLU B 626 15.49 -27.28 9.42
N LYS B 627 16.13 -28.40 9.06
CA LYS B 627 17.52 -28.42 8.59
C LYS B 627 17.64 -27.73 7.24
N ARG B 628 16.68 -28.02 6.35
CA ARG B 628 16.62 -27.44 5.02
C ARG B 628 16.31 -25.95 5.09
N PHE B 629 15.41 -25.55 6.04
CA PHE B 629 15.05 -24.15 6.27
C PHE B 629 16.29 -23.31 6.59
N GLU B 630 17.12 -23.78 7.51
CA GLU B 630 18.36 -23.11 7.94
C GLU B 630 19.38 -23.01 6.81
N ILE B 631 19.48 -24.10 6.00
CA ILE B 631 20.38 -24.24 4.87
C ILE B 631 19.97 -23.28 3.75
N ILE B 632 18.67 -23.31 3.35
CA ILE B 632 18.11 -22.46 2.29
C ILE B 632 18.19 -20.98 2.72
N LYS B 633 17.92 -20.69 4.00
CA LYS B 633 18.01 -19.34 4.58
C LYS B 633 19.44 -18.76 4.41
N GLU B 634 20.49 -19.57 4.66
CA GLU B 634 21.93 -19.25 4.54
C GLU B 634 22.28 -19.00 3.07
N ALA B 635 21.86 -19.92 2.19
CA ALA B 635 22.01 -19.86 0.74
C ALA B 635 21.43 -18.53 0.22
N TYR B 636 20.25 -18.11 0.75
CA TYR B 636 19.57 -16.86 0.38
C TYR B 636 20.27 -15.58 0.95
N MET B 637 20.88 -15.64 2.17
CA MET B 637 21.65 -14.53 2.75
C MET B 637 22.89 -14.23 1.89
N ARG B 638 23.62 -15.27 1.43
CA ARG B 638 24.81 -15.11 0.58
C ARG B 638 24.42 -14.58 -0.79
N SER B 639 23.28 -15.05 -1.34
CA SER B 639 22.70 -14.63 -2.61
C SER B 639 22.39 -13.12 -2.62
N LEU B 640 21.93 -12.57 -1.48
CA LEU B 640 21.65 -11.14 -1.35
C LEU B 640 22.97 -10.36 -1.39
N ASN B 641 23.97 -10.82 -0.59
CA ASN B 641 25.33 -10.25 -0.57
C ASN B 641 26.04 -10.31 -1.91
N ASN B 642 25.89 -11.43 -2.63
CA ASN B 642 26.53 -11.74 -3.92
C ASN B 642 26.21 -10.76 -5.04
N PHE B 643 25.17 -9.94 -4.84
CA PHE B 643 24.72 -8.92 -5.79
C PHE B 643 25.79 -7.83 -5.94
N ARG B 644 26.63 -7.62 -4.90
CA ARG B 644 27.76 -6.68 -4.90
C ARG B 644 28.76 -7.02 -6.03
N ALA B 645 28.85 -8.31 -6.40
CA ALA B 645 29.72 -8.79 -7.46
C ALA B 645 29.04 -8.76 -8.85
N GLU B 646 27.81 -8.21 -8.95
CA GLU B 646 27.14 -8.08 -10.25
C GLU B 646 27.71 -6.86 -10.99
N GLN B 647 27.67 -6.88 -12.35
CA GLN B 647 28.20 -5.81 -13.20
C GLN B 647 27.66 -4.41 -12.85
N PRO B 648 28.44 -3.30 -13.02
CA PRO B 648 27.93 -1.97 -12.62
C PRO B 648 26.71 -1.48 -13.38
N HIS B 649 26.52 -1.92 -14.65
CA HIS B 649 25.35 -1.55 -15.45
C HIS B 649 24.07 -2.17 -14.87
N GLN B 650 24.17 -3.42 -14.33
CA GLN B 650 23.08 -4.15 -13.67
C GLN B 650 22.71 -3.43 -12.41
N HIS B 651 23.74 -2.94 -11.66
CA HIS B 651 23.58 -2.17 -10.44
C HIS B 651 22.81 -0.89 -10.74
N ALA B 652 23.12 -0.24 -11.88
CA ALA B 652 22.47 0.98 -12.35
C ALA B 652 21.02 0.75 -12.75
N MET B 653 20.72 -0.43 -13.32
CA MET B 653 19.35 -0.82 -13.73
C MET B 653 18.49 -1.11 -12.52
N TYR B 654 19.09 -1.79 -11.52
CA TYR B 654 18.50 -2.18 -10.24
C TYR B 654 18.09 -0.95 -9.43
N TYR B 655 18.92 0.12 -9.43
CA TYR B 655 18.66 1.36 -8.69
C TYR B 655 17.52 2.18 -9.27
N LEU B 656 17.40 2.19 -10.62
CA LEU B 656 16.32 2.90 -11.31
C LEU B 656 14.96 2.21 -11.09
N ARG B 657 14.95 0.87 -10.90
CA ARG B 657 13.72 0.14 -10.58
C ARG B 657 13.23 0.53 -9.17
N LEU B 658 14.18 0.71 -8.23
CA LEU B 658 13.88 1.15 -6.87
C LEU B 658 13.40 2.61 -6.86
N LEU B 659 14.06 3.52 -7.61
CA LEU B 659 13.68 4.94 -7.70
C LEU B 659 12.30 5.20 -8.31
N MET B 660 11.98 4.52 -9.42
CA MET B 660 10.77 4.79 -10.20
C MET B 660 9.53 3.98 -9.81
N THR B 661 9.65 2.97 -8.92
CA THR B 661 8.49 2.18 -8.46
C THR B 661 8.00 2.73 -7.11
N GLU B 662 6.68 2.71 -6.87
CA GLU B 662 6.04 3.21 -5.65
C GLU B 662 6.57 2.55 -4.38
N VAL B 663 6.54 1.20 -4.33
CA VAL B 663 7.02 0.39 -3.21
C VAL B 663 8.07 -0.54 -3.80
N ALA B 664 9.25 -0.62 -3.15
CA ALA B 664 10.35 -1.47 -3.57
C ALA B 664 11.37 -1.63 -2.47
N TRP B 665 11.46 -2.85 -1.93
CA TRP B 665 12.39 -3.23 -0.87
C TRP B 665 13.76 -3.56 -1.48
N THR B 666 14.79 -2.87 -0.97
CA THR B 666 16.19 -2.96 -1.40
C THR B 666 16.83 -4.25 -0.86
N LYS B 667 17.95 -4.71 -1.48
CA LYS B 667 18.69 -5.91 -1.02
C LYS B 667 19.16 -5.71 0.42
N ASP B 668 19.52 -4.48 0.83
CA ASP B 668 19.94 -4.20 2.22
C ASP B 668 18.80 -4.39 3.23
N GLU B 669 17.60 -3.90 2.90
CA GLU B 669 16.41 -4.02 3.75
C GLU B 669 16.00 -5.48 3.89
N LEU B 670 16.08 -6.26 2.77
CA LEU B 670 15.72 -7.67 2.76
C LEU B 670 16.68 -8.47 3.60
N LYS B 671 18.00 -8.22 3.46
CA LYS B 671 18.99 -8.97 4.24
C LYS B 671 18.92 -8.60 5.71
N GLU B 672 18.59 -7.34 6.04
CA GLU B 672 18.42 -6.95 7.44
C GLU B 672 17.19 -7.64 8.09
N ALA B 673 16.15 -7.91 7.29
CA ALA B 673 14.90 -8.55 7.72
C ALA B 673 15.01 -10.07 7.88
N LEU B 674 15.94 -10.68 7.15
CA LEU B 674 16.14 -12.14 7.09
C LEU B 674 16.41 -12.83 8.43
N ASP B 675 17.06 -12.16 9.39
CA ASP B 675 17.37 -12.74 10.71
C ASP B 675 16.13 -12.89 11.59
N ASP B 676 15.08 -12.12 11.27
CA ASP B 676 13.78 -12.16 11.93
C ASP B 676 12.92 -13.32 11.38
N VAL B 677 13.32 -13.94 10.25
CA VAL B 677 12.62 -15.08 9.68
C VAL B 677 12.94 -16.33 10.52
N THR B 678 12.02 -16.71 11.42
CA THR B 678 12.17 -17.89 12.25
C THR B 678 11.29 -18.97 11.67
N LEU B 679 11.47 -20.24 12.10
CA LEU B 679 10.63 -21.34 11.59
C LEU B 679 9.15 -21.19 12.05
N PRO B 680 8.84 -20.85 13.33
CA PRO B 680 7.42 -20.64 13.69
C PRO B 680 6.78 -19.49 12.92
N ARG B 681 7.59 -18.45 12.60
CA ARG B 681 7.12 -17.28 11.85
C ARG B 681 6.72 -17.65 10.42
N LEU B 682 7.52 -18.51 9.77
CA LEU B 682 7.24 -18.98 8.41
C LEU B 682 5.99 -19.88 8.38
N LYS B 683 5.85 -20.76 9.39
CA LYS B 683 4.70 -21.64 9.58
C LYS B 683 3.43 -20.85 9.80
N ALA B 684 3.51 -19.67 10.44
CA ALA B 684 2.33 -18.81 10.63
C ALA B 684 1.97 -18.08 9.32
N PHE B 685 2.99 -17.70 8.54
CA PHE B 685 2.88 -16.94 7.29
C PHE B 685 2.14 -17.66 6.17
N ILE B 686 2.50 -18.92 5.87
CA ILE B 686 1.91 -19.69 4.75
C ILE B 686 0.34 -19.78 4.85
N PRO B 687 -0.28 -20.15 6.00
CA PRO B 687 -1.75 -20.15 6.08
C PRO B 687 -2.35 -18.77 5.78
N GLN B 688 -1.71 -17.72 6.34
CA GLN B 688 -2.05 -16.31 6.18
C GLN B 688 -1.97 -15.87 4.70
N LEU B 689 -0.88 -16.23 4.02
CA LEU B 689 -0.68 -15.87 2.61
C LEU B 689 -1.76 -16.53 1.69
N LEU B 690 -2.05 -17.80 1.92
CA LEU B 690 -3.04 -18.55 1.13
C LEU B 690 -4.48 -18.33 1.56
N SER B 691 -4.71 -17.59 2.65
CA SER B 691 -6.04 -17.32 3.22
C SER B 691 -6.96 -16.62 2.27
N ARG B 692 -6.44 -15.62 1.53
CA ARG B 692 -7.16 -14.77 0.55
C ARG B 692 -6.30 -14.63 -0.72
N LEU B 693 -6.84 -15.12 -1.85
CA LEU B 693 -6.14 -15.08 -3.12
C LEU B 693 -6.98 -14.67 -4.32
N HIS B 694 -6.30 -14.23 -5.37
CA HIS B 694 -6.86 -13.98 -6.68
C HIS B 694 -5.91 -14.69 -7.65
N ILE B 695 -6.48 -15.45 -8.59
CA ILE B 695 -5.68 -16.17 -9.57
C ILE B 695 -5.95 -15.61 -10.95
N GLU B 696 -4.89 -15.33 -11.70
CA GLU B 696 -5.01 -14.92 -13.09
C GLU B 696 -4.21 -15.95 -13.89
N ALA B 697 -4.91 -16.65 -14.77
CA ALA B 697 -4.30 -17.71 -15.55
C ALA B 697 -4.41 -17.58 -17.04
N LEU B 698 -3.50 -18.28 -17.74
CA LEU B 698 -3.41 -18.48 -19.18
C LEU B 698 -3.13 -19.97 -19.41
N LEU B 699 -4.05 -20.66 -20.11
CA LEU B 699 -3.88 -22.07 -20.42
C LEU B 699 -3.91 -22.21 -21.92
N HIS B 700 -2.73 -22.35 -22.51
CA HIS B 700 -2.53 -22.41 -23.95
C HIS B 700 -1.84 -23.71 -24.41
N GLY B 701 -2.41 -24.38 -25.41
CA GLY B 701 -1.85 -25.61 -25.98
C GLY B 701 -2.88 -26.63 -26.44
N ASN B 702 -2.48 -27.92 -26.42
CA ASN B 702 -3.32 -29.06 -26.81
C ASN B 702 -4.39 -29.33 -25.72
N ILE B 703 -5.39 -28.42 -25.62
CA ILE B 703 -6.47 -28.50 -24.63
C ILE B 703 -7.75 -27.94 -25.17
N THR B 704 -8.88 -28.45 -24.63
CA THR B 704 -10.22 -27.97 -24.99
C THR B 704 -10.66 -26.90 -23.95
N LYS B 705 -11.73 -26.13 -24.30
CA LYS B 705 -12.32 -25.12 -23.42
C LYS B 705 -12.69 -25.76 -22.09
N GLN B 706 -13.39 -26.93 -22.14
CA GLN B 706 -13.81 -27.69 -20.98
C GLN B 706 -12.61 -28.21 -20.16
N ALA B 707 -11.54 -28.69 -20.83
CA ALA B 707 -10.32 -29.15 -20.15
C ALA B 707 -9.63 -28.00 -19.38
N ALA B 708 -9.62 -26.77 -19.95
CA ALA B 708 -9.07 -25.60 -19.30
C ALA B 708 -9.86 -25.29 -18.01
N LEU B 709 -11.20 -25.26 -18.13
CA LEU B 709 -12.13 -25.01 -17.03
C LEU B 709 -11.96 -26.02 -15.90
N GLY B 710 -11.75 -27.28 -16.25
CA GLY B 710 -11.51 -28.37 -15.30
C GLY B 710 -10.22 -28.20 -14.54
N ILE B 711 -9.17 -27.73 -15.24
CA ILE B 711 -7.82 -27.46 -14.68
C ILE B 711 -7.90 -26.32 -13.64
N MET B 712 -8.52 -25.19 -14.03
CA MET B 712 -8.70 -24.02 -13.17
C MET B 712 -9.49 -24.37 -11.93
N GLN B 713 -10.58 -25.13 -12.09
CA GLN B 713 -11.48 -25.58 -11.04
C GLN B 713 -10.73 -26.46 -10.06
N MET B 714 -9.88 -27.35 -10.55
CA MET B 714 -9.05 -28.24 -9.73
C MET B 714 -8.06 -27.42 -8.85
N VAL B 715 -7.40 -26.39 -9.42
CA VAL B 715 -6.44 -25.53 -8.71
C VAL B 715 -7.15 -24.77 -7.59
N GLU B 716 -8.32 -24.20 -7.93
CA GLU B 716 -9.21 -23.47 -7.03
C GLU B 716 -9.71 -24.35 -5.88
N ASP B 717 -10.16 -25.57 -6.20
CA ASP B 717 -10.71 -26.48 -5.21
C ASP B 717 -9.66 -27.07 -4.29
N THR B 718 -8.44 -27.33 -4.81
CA THR B 718 -7.33 -27.84 -3.99
C THR B 718 -6.92 -26.79 -2.95
N LEU B 719 -6.90 -25.49 -3.34
CA LEU B 719 -6.59 -24.38 -2.43
C LEU B 719 -7.71 -24.16 -1.43
N ILE B 720 -8.98 -24.21 -1.89
CA ILE B 720 -10.14 -24.01 -1.03
C ILE B 720 -10.16 -25.05 0.08
N GLU B 721 -9.91 -26.33 -0.28
CA GLU B 721 -9.94 -27.45 0.66
C GLU B 721 -8.89 -27.40 1.74
N HIS B 722 -7.62 -27.32 1.35
CA HIS B 722 -6.48 -27.39 2.26
C HIS B 722 -6.03 -26.07 2.88
N ALA B 723 -6.36 -24.93 2.25
CA ALA B 723 -5.93 -23.62 2.75
C ALA B 723 -7.09 -22.72 3.15
N HIS B 724 -8.35 -23.18 2.91
CA HIS B 724 -9.59 -22.45 3.20
C HIS B 724 -9.53 -21.09 2.55
N THR B 725 -9.15 -21.10 1.26
CA THR B 725 -8.98 -19.91 0.43
C THR B 725 -10.31 -19.28 0.08
N LYS B 726 -10.35 -17.95 0.26
CA LYS B 726 -11.49 -17.10 -0.06
C LYS B 726 -10.94 -16.06 -1.05
N PRO B 727 -11.76 -15.42 -1.92
CA PRO B 727 -11.18 -14.43 -2.83
C PRO B 727 -10.85 -13.11 -2.13
N LEU B 728 -9.94 -12.31 -2.71
CA LEU B 728 -9.62 -11.00 -2.18
C LEU B 728 -10.75 -10.06 -2.63
N LEU B 729 -10.76 -8.83 -2.14
CA LEU B 729 -11.71 -7.82 -2.56
C LEU B 729 -11.11 -7.13 -3.78
N PRO B 730 -11.92 -6.66 -4.77
CA PRO B 730 -11.32 -5.97 -5.95
C PRO B 730 -10.45 -4.78 -5.51
N SER B 731 -10.82 -4.11 -4.41
CA SER B 731 -10.10 -2.97 -3.82
C SER B 731 -8.68 -3.33 -3.34
N GLN B 732 -8.42 -4.62 -3.09
CA GLN B 732 -7.14 -5.13 -2.64
C GLN B 732 -6.23 -5.45 -3.83
N LEU B 733 -6.79 -5.55 -5.05
CA LEU B 733 -6.00 -5.86 -6.25
C LEU B 733 -5.34 -4.60 -6.82
N VAL B 734 -4.37 -4.07 -6.06
CA VAL B 734 -3.68 -2.82 -6.38
C VAL B 734 -2.26 -3.07 -6.91
N ARG B 735 -1.92 -2.41 -8.02
CA ARG B 735 -0.61 -2.52 -8.66
C ARG B 735 0.20 -1.24 -8.39
N TYR B 736 1.54 -1.35 -8.25
CA TYR B 736 2.42 -0.20 -8.00
C TYR B 736 2.49 0.72 -9.20
N ARG B 737 2.66 2.03 -8.90
CA ARG B 737 2.72 3.09 -9.89
C ARG B 737 4.15 3.56 -10.15
N GLU B 738 4.35 4.20 -11.32
CA GLU B 738 5.60 4.81 -11.68
C GLU B 738 5.60 6.26 -11.15
N VAL B 739 6.75 6.70 -10.61
CA VAL B 739 6.98 8.06 -10.12
C VAL B 739 6.88 9.02 -11.34
N GLN B 740 5.95 10.00 -11.27
CA GLN B 740 5.75 11.00 -12.33
C GLN B 740 6.79 12.09 -12.22
N LEU B 741 7.71 12.15 -13.22
CA LEU B 741 8.77 13.16 -13.23
C LEU B 741 8.24 14.52 -13.63
N PRO B 742 8.77 15.63 -13.10
CA PRO B 742 8.26 16.95 -13.50
C PRO B 742 8.84 17.41 -14.84
N ASP B 743 8.12 18.30 -15.55
CA ASP B 743 8.59 18.88 -16.83
C ASP B 743 9.88 19.67 -16.57
N ARG B 744 10.87 19.55 -17.48
CA ARG B 744 12.17 20.23 -17.45
C ARG B 744 13.05 19.85 -16.24
N GLY B 745 12.81 18.67 -15.66
CA GLY B 745 13.53 18.20 -14.50
C GLY B 745 14.64 17.21 -14.76
N TRP B 746 15.66 17.23 -13.90
CA TRP B 746 16.77 16.28 -14.01
C TRP B 746 17.28 15.88 -12.66
N PHE B 747 17.15 14.58 -12.37
CA PHE B 747 17.59 13.96 -11.13
C PHE B 747 18.70 12.95 -11.38
N VAL B 748 19.70 12.93 -10.49
CA VAL B 748 20.82 12.00 -10.58
C VAL B 748 20.93 11.22 -9.27
N TYR B 749 21.10 9.89 -9.37
CA TYR B 749 21.37 9.03 -8.22
C TYR B 749 22.75 8.39 -8.38
N GLN B 750 23.62 8.55 -7.38
CA GLN B 750 24.97 8.02 -7.45
C GLN B 750 25.30 6.96 -6.37
N GLN B 751 25.90 5.84 -6.82
CA GLN B 751 26.41 4.73 -6.01
C GLN B 751 27.75 4.23 -6.58
N ARG B 752 28.38 3.25 -5.92
CA ARG B 752 29.67 2.69 -6.32
C ARG B 752 29.64 1.16 -6.38
N ASN B 753 30.37 0.58 -7.34
CA ASN B 753 30.54 -0.87 -7.44
C ASN B 753 31.93 -1.16 -6.86
N GLU B 754 31.95 -1.80 -5.67
CA GLU B 754 33.15 -2.16 -4.90
C GLU B 754 34.00 -3.29 -5.52
N VAL B 755 33.42 -4.09 -6.44
CA VAL B 755 34.05 -5.24 -7.07
C VAL B 755 34.70 -4.92 -8.44
N HIS B 756 33.95 -4.23 -9.33
CA HIS B 756 34.41 -3.94 -10.69
C HIS B 756 35.00 -2.57 -10.87
N ASN B 757 36.07 -2.48 -11.69
CA ASN B 757 36.69 -1.21 -12.02
C ASN B 757 36.20 -0.78 -13.40
N ASN B 758 34.87 -0.64 -13.48
CA ASN B 758 34.09 -0.21 -14.64
C ASN B 758 32.92 0.61 -14.13
N SER B 759 32.52 1.62 -14.90
CA SER B 759 31.38 2.46 -14.56
C SER B 759 30.12 1.98 -15.27
N GLY B 760 28.99 2.14 -14.57
CA GLY B 760 27.66 1.79 -15.05
C GLY B 760 26.76 3.01 -15.06
N ILE B 761 25.85 3.07 -16.05
CA ILE B 761 24.92 4.18 -16.22
C ILE B 761 23.61 3.78 -16.91
N GLU B 762 22.52 4.41 -16.46
CA GLU B 762 21.22 4.29 -17.11
C GLU B 762 20.63 5.68 -17.19
N ILE B 763 20.31 6.12 -18.41
CA ILE B 763 19.69 7.42 -18.62
C ILE B 763 18.29 7.15 -19.11
N TYR B 764 17.30 7.69 -18.38
CA TYR B 764 15.89 7.51 -18.67
C TYR B 764 15.19 8.83 -18.99
N TYR B 765 14.68 8.94 -20.21
CA TYR B 765 13.90 10.08 -20.67
C TYR B 765 12.45 9.58 -20.64
N GLN B 766 11.79 9.79 -19.52
CA GLN B 766 10.42 9.38 -19.34
C GLN B 766 9.56 10.23 -20.27
N THR B 767 8.68 9.58 -21.04
CA THR B 767 7.80 10.30 -21.94
C THR B 767 6.42 10.45 -21.31
N ASP B 768 5.53 9.47 -21.53
CA ASP B 768 4.15 9.51 -21.05
C ASP B 768 3.63 8.06 -20.85
N MET B 769 2.33 7.92 -20.55
CA MET B 769 1.64 6.64 -20.41
C MET B 769 1.60 5.94 -21.77
N GLN B 770 1.53 4.60 -21.75
CA GLN B 770 1.43 3.78 -22.96
C GLN B 770 0.05 3.96 -23.61
N SER B 771 0.05 4.13 -24.95
CA SER B 771 -1.11 4.28 -25.85
C SER B 771 -0.58 4.01 -27.27
N THR B 772 -1.47 3.77 -28.26
CA THR B 772 -1.00 3.45 -29.62
C THR B 772 -0.03 4.50 -30.16
N SER B 773 -0.41 5.79 -30.06
CA SER B 773 0.37 6.92 -30.53
C SER B 773 1.74 7.04 -29.85
N GLU B 774 1.77 7.05 -28.50
CA GLU B 774 2.99 7.20 -27.70
C GLU B 774 3.97 6.03 -27.87
N ASN B 775 3.46 4.80 -27.97
CA ASN B 775 4.28 3.60 -28.15
C ASN B 775 5.00 3.66 -29.48
N MET B 776 4.29 4.04 -30.54
CA MET B 776 4.82 4.05 -31.89
C MET B 776 5.76 5.23 -32.11
N PHE B 777 5.50 6.40 -31.48
CA PHE B 777 6.39 7.56 -31.55
C PHE B 777 7.77 7.12 -31.03
N LEU B 778 7.79 6.58 -29.79
CA LEU B 778 8.97 6.08 -29.08
C LEU B 778 9.68 4.95 -29.81
N GLU B 779 8.90 3.93 -30.27
CA GLU B 779 9.43 2.78 -30.99
C GLU B 779 10.06 3.17 -32.33
N LEU B 780 9.42 4.09 -33.10
CA LEU B 780 9.99 4.56 -34.37
C LEU B 780 11.26 5.37 -34.13
N PHE B 781 11.27 6.24 -33.09
CA PHE B 781 12.47 7.01 -32.74
C PHE B 781 13.61 6.06 -32.33
N ALA B 782 13.28 4.98 -31.62
CA ALA B 782 14.26 3.97 -31.19
C ALA B 782 14.82 3.18 -32.37
N GLN B 783 13.99 2.91 -33.40
CA GLN B 783 14.39 2.21 -34.63
C GLN B 783 15.50 3.02 -35.34
N ILE B 784 15.19 4.27 -35.68
CA ILE B 784 16.06 5.23 -36.33
C ILE B 784 17.43 5.39 -35.65
N ILE B 785 17.46 5.54 -34.31
CA ILE B 785 18.68 5.78 -33.54
C ILE B 785 19.45 4.49 -33.15
N SER B 786 18.84 3.28 -33.27
CA SER B 786 19.45 2.01 -32.84
C SER B 786 20.84 1.72 -33.44
N GLU B 787 20.97 1.47 -34.77
CA GLU B 787 22.29 1.23 -35.41
C GLU B 787 23.22 2.45 -35.20
N PRO B 788 22.78 3.71 -35.46
CA PRO B 788 23.67 4.86 -35.20
C PRO B 788 24.22 4.94 -33.77
N ALA B 789 23.42 4.56 -32.73
CA ALA B 789 23.86 4.57 -31.32
C ALA B 789 24.99 3.60 -31.12
N PHE B 790 24.88 2.41 -31.74
CA PHE B 790 25.89 1.36 -31.71
C PHE B 790 27.15 1.83 -32.47
N ASN B 791 26.98 2.34 -33.70
CA ASN B 791 28.06 2.79 -34.59
C ASN B 791 28.84 3.99 -34.00
N THR B 792 28.13 5.00 -33.48
CA THR B 792 28.73 6.22 -32.90
C THR B 792 29.37 5.95 -31.54
N LEU B 793 28.57 5.58 -30.54
CA LEU B 793 29.00 5.39 -29.15
C LEU B 793 29.82 4.12 -28.89
N ARG B 794 29.59 3.03 -29.64
CA ARG B 794 30.37 1.82 -29.41
C ARG B 794 31.55 1.67 -30.38
N THR B 795 31.29 1.61 -31.69
CA THR B 795 32.34 1.41 -32.70
C THR B 795 33.27 2.63 -32.82
N LYS B 796 32.74 3.83 -33.09
CA LYS B 796 33.55 5.04 -33.25
C LYS B 796 34.21 5.53 -31.94
N GLU B 797 33.41 6.00 -30.96
CA GLU B 797 33.85 6.58 -29.67
C GLU B 797 34.54 5.57 -28.72
N GLN B 798 34.35 4.25 -28.96
CA GLN B 798 34.94 3.13 -28.20
C GLN B 798 34.64 3.17 -26.67
N LEU B 799 33.50 3.81 -26.30
CA LEU B 799 33.06 4.02 -24.92
C LEU B 799 33.12 2.78 -24.04
N GLY B 800 32.52 1.68 -24.48
CA GLY B 800 32.54 0.42 -23.73
C GLY B 800 31.94 -0.75 -24.45
N TYR B 801 32.05 -1.95 -23.83
CA TYR B 801 31.52 -3.20 -24.37
C TYR B 801 29.98 -3.15 -24.44
N ILE B 802 29.35 -2.54 -23.42
CA ILE B 802 27.91 -2.40 -23.32
C ILE B 802 27.47 -0.97 -23.68
N VAL B 803 26.77 -0.84 -24.81
CA VAL B 803 26.12 0.37 -25.29
C VAL B 803 24.72 -0.06 -25.76
N PHE B 804 23.71 0.35 -25.01
CA PHE B 804 22.33 -0.01 -25.30
C PHE B 804 21.41 1.22 -25.37
N SER B 805 20.48 1.20 -26.31
CA SER B 805 19.48 2.24 -26.49
C SER B 805 18.15 1.56 -26.78
N GLY B 806 17.06 2.15 -26.32
CA GLY B 806 15.73 1.61 -26.58
C GLY B 806 14.62 2.03 -25.65
N PRO B 807 13.40 1.54 -25.92
CA PRO B 807 12.28 1.89 -25.03
C PRO B 807 12.35 1.15 -23.68
N ARG B 808 11.88 1.81 -22.62
CA ARG B 808 11.74 1.27 -21.29
C ARG B 808 10.24 1.28 -21.01
N ARG B 809 9.69 0.15 -20.55
CA ARG B 809 8.26 0.00 -20.25
C ARG B 809 8.11 -0.59 -18.86
N ALA B 810 7.44 0.15 -17.97
CA ALA B 810 7.17 -0.27 -16.59
C ALA B 810 5.96 0.47 -16.04
N ASN B 811 5.01 -0.31 -15.50
CA ASN B 811 3.79 0.14 -14.81
C ASN B 811 2.85 1.01 -15.66
N GLY B 812 2.79 0.72 -16.96
CA GLY B 812 1.96 1.42 -17.94
C GLY B 812 2.59 2.68 -18.49
N ILE B 813 3.82 2.99 -18.03
CA ILE B 813 4.58 4.16 -18.44
C ILE B 813 5.75 3.78 -19.39
N GLN B 814 6.29 4.77 -20.11
CA GLN B 814 7.40 4.53 -21.02
C GLN B 814 8.37 5.71 -21.17
N GLY B 815 9.45 5.43 -21.87
CA GLY B 815 10.48 6.42 -22.16
C GLY B 815 11.66 5.83 -22.91
N LEU B 816 12.66 6.67 -23.14
CA LEU B 816 13.85 6.27 -23.85
C LEU B 816 14.96 6.02 -22.86
N ARG B 817 15.72 4.94 -23.08
CA ARG B 817 16.80 4.61 -22.19
C ARG B 817 18.11 4.28 -22.89
N PHE B 818 19.20 4.61 -22.21
CA PHE B 818 20.56 4.33 -22.62
C PHE B 818 21.25 3.64 -21.45
N ILE B 819 21.86 2.48 -21.70
CA ILE B 819 22.61 1.73 -20.70
C ILE B 819 24.02 1.61 -21.27
N ILE B 820 25.02 2.09 -20.52
CA ILE B 820 26.42 2.05 -20.94
C ILE B 820 27.33 1.62 -19.79
N GLN B 821 28.14 0.56 -20.06
CA GLN B 821 29.17 0.09 -19.13
C GLN B 821 30.51 0.44 -19.79
N SER B 822 31.22 1.41 -19.19
CA SER B 822 32.46 1.99 -19.71
C SER B 822 33.48 2.24 -18.60
N GLU B 823 34.79 2.25 -18.93
CA GLU B 823 35.80 2.57 -17.90
C GLU B 823 35.91 4.09 -17.69
N LYS B 824 35.29 4.87 -18.59
CA LYS B 824 35.20 6.32 -18.54
C LYS B 824 34.20 6.75 -17.44
N PRO B 825 34.35 7.94 -16.81
CA PRO B 825 33.41 8.34 -15.75
C PRO B 825 31.96 8.56 -16.23
N PRO B 826 30.93 8.37 -15.35
CA PRO B 826 29.53 8.51 -15.80
C PRO B 826 29.11 9.86 -16.39
N HIS B 827 29.61 10.98 -15.83
CA HIS B 827 29.30 12.33 -16.31
C HIS B 827 29.75 12.59 -17.75
N TYR B 828 30.84 11.92 -18.19
CA TYR B 828 31.36 12.05 -19.54
C TYR B 828 30.37 11.41 -20.51
N LEU B 829 29.94 10.16 -20.20
CA LEU B 829 28.95 9.39 -20.96
C LEU B 829 27.68 10.23 -21.13
N GLU B 830 27.26 10.91 -20.06
CA GLU B 830 26.10 11.81 -20.07
C GLU B 830 26.18 12.77 -21.27
N SER B 831 27.28 13.56 -21.35
CA SER B 831 27.52 14.54 -22.41
C SER B 831 27.70 13.93 -23.81
N ARG B 832 28.26 12.72 -23.89
CA ARG B 832 28.45 12.02 -25.16
C ARG B 832 27.13 11.47 -25.72
N VAL B 833 26.19 11.11 -24.80
CA VAL B 833 24.84 10.64 -25.15
C VAL B 833 24.06 11.86 -25.61
N GLU B 834 24.25 12.98 -24.91
CA GLU B 834 23.60 14.25 -25.23
C GLU B 834 24.04 14.78 -26.60
N ALA B 835 25.34 14.65 -26.91
CA ALA B 835 25.94 15.00 -28.20
C ALA B 835 25.31 14.15 -29.32
N PHE B 836 25.13 12.82 -29.07
CA PHE B 836 24.51 11.87 -30.01
C PHE B 836 23.06 12.26 -30.33
N LEU B 837 22.30 12.76 -29.33
CA LEU B 837 20.92 13.19 -29.51
C LEU B 837 20.82 14.34 -30.51
N ILE B 838 21.81 15.27 -30.50
CA ILE B 838 21.92 16.38 -31.45
C ILE B 838 22.16 15.80 -32.85
N THR B 839 23.22 14.97 -33.00
CA THR B 839 23.64 14.24 -34.19
C THR B 839 22.44 13.59 -34.92
N MET B 840 21.51 12.96 -34.17
CA MET B 840 20.31 12.29 -34.71
C MET B 840 19.22 13.27 -35.13
N GLU B 841 19.07 14.39 -34.37
CA GLU B 841 18.12 15.47 -34.64
C GLU B 841 18.38 16.01 -36.06
N LYS B 842 19.67 16.15 -36.39
CA LYS B 842 20.17 16.59 -37.69
C LYS B 842 19.88 15.48 -38.73
N SER B 843 20.34 14.24 -38.43
CA SER B 843 20.20 13.04 -39.27
C SER B 843 18.76 12.75 -39.71
N ILE B 844 17.78 13.03 -38.84
CA ILE B 844 16.35 12.84 -39.13
C ILE B 844 15.86 13.91 -40.14
N GLU B 845 16.21 15.20 -39.88
CA GLU B 845 15.83 16.32 -40.74
C GLU B 845 16.39 16.19 -42.16
N ASP B 846 17.62 15.63 -42.27
CA ASP B 846 18.34 15.43 -43.52
C ASP B 846 17.95 14.15 -44.27
N MET B 847 17.64 13.01 -43.58
CA MET B 847 17.30 11.75 -44.27
C MET B 847 16.10 11.89 -45.22
N THR B 848 16.09 11.07 -46.28
CA THR B 848 15.07 11.10 -47.31
C THR B 848 13.79 10.37 -46.87
N GLU B 849 12.68 10.57 -47.62
CA GLU B 849 11.41 9.88 -47.41
C GLU B 849 11.61 8.38 -47.64
N GLU B 850 12.46 8.02 -48.63
CA GLU B 850 12.83 6.65 -48.95
C GLU B 850 13.56 6.03 -47.73
N ALA B 851 14.55 6.76 -47.17
CA ALA B 851 15.34 6.34 -45.99
C ALA B 851 14.45 6.17 -44.76
N PHE B 852 13.48 7.10 -44.57
CA PHE B 852 12.52 7.11 -43.47
C PHE B 852 11.58 5.90 -43.53
N GLN B 853 11.00 5.63 -44.70
CA GLN B 853 10.09 4.51 -44.91
C GLN B 853 10.75 3.14 -44.66
N LYS B 854 12.10 3.07 -44.85
CA LYS B 854 12.90 1.87 -44.61
C LYS B 854 12.90 1.53 -43.12
N HIS B 855 12.89 2.57 -42.24
CA HIS B 855 12.81 2.41 -40.78
C HIS B 855 11.42 1.91 -40.37
N ILE B 856 10.37 2.40 -41.02
CA ILE B 856 8.98 1.99 -40.76
C ILE B 856 8.83 0.50 -41.07
N GLN B 857 9.26 0.07 -42.27
CA GLN B 857 9.21 -1.31 -42.75
C GLN B 857 10.00 -2.28 -41.89
N ALA B 858 11.19 -1.84 -41.42
CA ALA B 858 12.08 -2.62 -40.56
C ALA B 858 11.44 -2.88 -39.19
N LEU B 859 10.77 -1.86 -38.62
CA LEU B 859 10.07 -2.00 -37.34
C LEU B 859 8.85 -2.89 -37.49
N ALA B 860 8.05 -2.67 -38.57
CA ALA B 860 6.85 -3.46 -38.89
C ALA B 860 7.18 -4.96 -38.99
N ILE B 861 8.24 -5.33 -39.75
CA ILE B 861 8.70 -6.71 -39.92
C ILE B 861 9.05 -7.36 -38.58
N ARG B 862 9.82 -6.64 -37.76
CA ARG B 862 10.27 -7.05 -36.43
C ARG B 862 9.08 -7.31 -35.51
N ARG B 863 8.13 -6.35 -35.48
CA ARG B 863 6.94 -6.40 -34.66
C ARG B 863 6.01 -7.53 -35.06
N LEU B 864 6.05 -7.94 -36.35
CA LEU B 864 5.18 -8.98 -36.90
C LEU B 864 5.84 -10.37 -36.93
N ASP B 865 7.13 -10.45 -36.58
CA ASP B 865 7.89 -11.70 -36.51
C ASP B 865 7.12 -12.71 -35.69
N LYS B 866 6.50 -13.68 -36.41
CA LYS B 866 5.65 -14.75 -35.88
C LYS B 866 6.43 -15.78 -35.05
N PRO B 867 5.87 -16.26 -33.89
CA PRO B 867 6.61 -17.25 -33.06
C PRO B 867 6.75 -18.60 -33.75
N LYS B 868 7.90 -19.26 -33.55
CA LYS B 868 8.22 -20.56 -34.15
C LYS B 868 7.75 -21.75 -33.28
N LYS B 869 7.56 -21.51 -31.97
CA LYS B 869 7.08 -22.51 -30.98
C LYS B 869 5.98 -21.94 -30.06
N LEU B 870 5.21 -22.84 -29.39
CA LEU B 870 4.13 -22.53 -28.45
C LEU B 870 4.59 -21.60 -27.30
N SER B 871 5.76 -21.92 -26.70
CA SER B 871 6.36 -21.13 -25.62
C SER B 871 6.50 -19.66 -25.97
N ALA B 872 6.90 -19.37 -27.22
CA ALA B 872 7.12 -18.01 -27.68
C ALA B 872 5.82 -17.24 -27.87
N GLU B 873 4.73 -17.95 -28.27
CA GLU B 873 3.38 -17.39 -28.45
C GLU B 873 2.77 -17.16 -27.09
N SER B 874 2.89 -18.15 -26.16
CA SER B 874 2.39 -18.05 -24.79
C SER B 874 3.00 -16.85 -24.07
N ALA B 875 4.31 -16.62 -24.24
CA ALA B 875 5.07 -15.53 -23.63
C ALA B 875 4.54 -14.17 -24.08
N LYS B 876 4.17 -14.05 -25.36
CA LYS B 876 3.59 -12.83 -25.91
C LYS B 876 2.27 -12.55 -25.23
N TYR B 877 1.40 -13.59 -25.10
CA TYR B 877 0.09 -13.48 -24.45
C TYR B 877 0.23 -13.18 -22.97
N TRP B 878 1.20 -13.83 -22.29
CA TRP B 878 1.46 -13.65 -20.86
C TRP B 878 1.89 -12.22 -20.50
N GLY B 879 2.64 -11.58 -21.41
CA GLY B 879 3.09 -10.20 -21.28
C GLY B 879 1.93 -9.24 -21.27
N GLU B 880 0.90 -9.53 -22.09
CA GLU B 880 -0.36 -8.75 -22.21
C GLU B 880 -1.22 -8.91 -20.94
N ILE B 881 -1.13 -10.10 -20.32
CA ILE B 881 -1.85 -10.46 -19.10
C ILE B 881 -1.19 -9.81 -17.89
N ILE B 882 0.11 -10.04 -17.65
CA ILE B 882 0.84 -9.46 -16.52
C ILE B 882 0.77 -7.90 -16.46
N SER B 883 0.73 -7.23 -17.63
CA SER B 883 0.65 -5.76 -17.70
C SER B 883 -0.79 -5.26 -17.45
N GLN B 884 -1.77 -6.19 -17.53
CA GLN B 884 -3.22 -6.00 -17.42
C GLN B 884 -3.70 -5.10 -18.54
N GLN B 885 -3.18 -5.32 -19.77
CA GLN B 885 -3.55 -4.54 -20.96
C GLN B 885 -4.36 -5.42 -21.89
N TYR B 886 -4.04 -6.73 -21.98
CA TYR B 886 -4.78 -7.75 -22.75
C TYR B 886 -4.98 -7.40 -24.23
N ASN B 887 -4.00 -6.73 -24.84
CA ASN B 887 -4.08 -6.31 -26.24
C ASN B 887 -3.40 -7.37 -27.15
N PHE B 888 -4.10 -8.51 -27.35
CA PHE B 888 -3.62 -9.66 -28.12
C PHE B 888 -3.41 -9.37 -29.60
N ASP B 889 -4.18 -8.42 -30.17
CA ASP B 889 -4.06 -7.97 -31.57
C ASP B 889 -3.17 -6.69 -31.71
N ARG B 890 -2.33 -6.41 -30.69
CA ARG B 890 -1.45 -5.22 -30.60
C ARG B 890 -0.59 -4.97 -31.83
N ASP B 891 0.21 -5.99 -32.22
CA ASP B 891 1.14 -5.95 -33.32
C ASP B 891 0.51 -5.52 -34.63
N ASN B 892 -0.73 -5.99 -34.92
CA ASN B 892 -1.45 -5.58 -36.14
C ASN B 892 -1.84 -4.09 -36.07
N THR B 893 -2.50 -3.69 -34.98
CA THR B 893 -2.98 -2.35 -34.71
C THR B 893 -1.88 -1.29 -34.68
N GLU B 894 -0.80 -1.54 -33.92
CA GLU B 894 0.30 -0.61 -33.75
C GLU B 894 1.14 -0.43 -35.05
N VAL B 895 1.31 -1.51 -35.88
CA VAL B 895 2.02 -1.44 -37.17
C VAL B 895 1.24 -0.59 -38.20
N ALA B 896 -0.09 -0.83 -38.30
CA ALA B 896 -1.01 -0.07 -39.16
C ALA B 896 -0.91 1.43 -38.88
N TYR B 897 -0.77 1.80 -37.59
CA TYR B 897 -0.62 3.16 -37.12
C TYR B 897 0.78 3.68 -37.46
N LEU B 898 1.82 2.82 -37.28
CA LEU B 898 3.21 3.17 -37.56
C LEU B 898 3.39 3.62 -39.01
N LYS B 899 2.76 2.90 -39.95
CA LYS B 899 2.76 3.18 -41.39
C LYS B 899 2.13 4.57 -41.74
N THR B 900 1.37 5.18 -40.81
CA THR B 900 0.76 6.51 -41.01
C THR B 900 1.65 7.67 -40.48
N LEU B 901 2.73 7.35 -39.74
CA LEU B 901 3.62 8.35 -39.16
C LEU B 901 4.52 9.05 -40.18
N THR B 902 4.81 10.33 -39.93
CA THR B 902 5.65 11.16 -40.80
C THR B 902 6.90 11.64 -40.07
N LYS B 903 7.94 11.97 -40.85
CA LYS B 903 9.23 12.48 -40.38
C LYS B 903 8.97 13.70 -39.49
N GLU B 904 7.93 14.49 -39.84
CA GLU B 904 7.47 15.69 -39.14
C GLU B 904 6.97 15.33 -37.74
N ASP B 905 6.12 14.27 -37.65
CA ASP B 905 5.53 13.75 -36.41
C ASP B 905 6.62 13.35 -35.42
N ILE B 906 7.70 12.70 -35.91
CA ILE B 906 8.83 12.24 -35.10
C ILE B 906 9.69 13.43 -34.64
N ILE B 907 9.88 14.42 -35.53
CA ILE B 907 10.63 15.65 -35.21
C ILE B 907 9.96 16.41 -34.05
N LYS B 908 8.61 16.55 -34.14
CA LYS B 908 7.74 17.19 -33.15
C LYS B 908 7.90 16.50 -31.78
N PHE B 909 7.84 15.15 -31.78
CA PHE B 909 7.95 14.29 -30.59
C PHE B 909 9.28 14.49 -29.86
N TYR B 910 10.40 14.49 -30.61
CA TYR B 910 11.75 14.69 -30.05
C TYR B 910 11.91 16.07 -29.44
N LYS B 911 11.42 17.11 -30.14
CA LYS B 911 11.52 18.50 -29.71
C LYS B 911 10.69 18.80 -28.46
N GLU B 912 9.60 18.05 -28.24
CA GLU B 912 8.68 18.23 -27.12
C GLU B 912 9.02 17.41 -25.87
N MET B 913 9.65 16.23 -26.07
CA MET B 913 9.94 15.25 -25.02
C MET B 913 11.41 14.94 -24.74
N LEU B 914 12.26 14.85 -25.78
CA LEU B 914 13.64 14.38 -25.60
C LEU B 914 14.76 15.42 -25.76
N ALA B 915 14.52 16.49 -26.57
CA ALA B 915 15.51 17.54 -26.85
C ALA B 915 16.01 18.19 -25.56
N VAL B 916 17.30 18.56 -25.52
CA VAL B 916 17.94 19.20 -24.34
C VAL B 916 17.10 20.36 -23.76
N ASP B 917 16.33 21.03 -24.62
CA ASP B 917 15.48 22.17 -24.30
C ASP B 917 13.98 21.87 -24.48
N ALA B 918 13.60 20.57 -24.51
CA ALA B 918 12.20 20.14 -24.66
C ALA B 918 11.34 20.69 -23.51
N PRO B 919 10.12 21.20 -23.78
CA PRO B 919 9.28 21.74 -22.69
C PRO B 919 8.86 20.69 -21.66
N ARG B 920 8.72 19.42 -22.11
CA ARG B 920 8.30 18.28 -21.31
C ARG B 920 9.41 17.22 -21.22
N ARG B 921 10.64 17.66 -20.94
CA ARG B 921 11.76 16.73 -20.78
C ARG B 921 11.74 16.21 -19.34
N HIS B 922 11.67 14.86 -19.19
CA HIS B 922 11.61 14.14 -17.91
C HIS B 922 12.82 13.21 -17.81
N LYS B 923 13.95 13.75 -17.31
CA LYS B 923 15.20 12.99 -17.22
C LYS B 923 15.56 12.56 -15.80
N VAL B 924 15.99 11.29 -15.68
CA VAL B 924 16.48 10.65 -14.47
C VAL B 924 17.67 9.75 -14.86
N SER B 925 18.81 9.98 -14.20
CA SER B 925 20.05 9.25 -14.48
C SER B 925 20.59 8.55 -13.23
N VAL B 926 21.09 7.31 -13.41
CA VAL B 926 21.71 6.53 -12.32
C VAL B 926 23.18 6.30 -12.69
N HIS B 927 24.09 6.75 -11.80
CA HIS B 927 25.54 6.66 -11.96
C HIS B 927 26.12 5.65 -10.96
N VAL B 928 26.78 4.59 -11.49
CA VAL B 928 27.47 3.56 -10.69
C VAL B 928 28.97 3.63 -11.02
N LEU B 929 29.73 4.28 -10.14
CA LEU B 929 31.18 4.48 -10.29
C LEU B 929 31.97 3.19 -10.22
N ALA B 930 33.20 3.21 -10.77
CA ALA B 930 34.13 2.07 -10.74
C ALA B 930 34.77 1.97 -9.35
N ARG B 931 35.31 0.79 -9.01
CA ARG B 931 35.97 0.45 -7.74
C ARG B 931 37.04 1.47 -7.30
N GLU B 932 37.93 1.87 -8.22
CA GLU B 932 39.02 2.81 -7.96
C GLU B 932 38.63 4.28 -8.22
N MET B 933 37.59 4.51 -9.08
CA MET B 933 37.04 5.80 -9.53
C MET B 933 36.82 6.83 -8.41
N ASP B 934 37.08 8.12 -8.71
CA ASP B 934 36.90 9.21 -7.76
C ASP B 934 35.47 9.78 -7.80
N SER B 935 34.95 10.16 -6.61
CA SER B 935 33.62 10.74 -6.41
C SER B 935 33.65 12.27 -6.44
N LEU B 950 35.47 14.90 -32.65
CA LEU B 950 34.30 14.52 -31.86
C LEU B 950 33.24 15.61 -31.92
N SER B 951 31.95 15.20 -31.93
CA SER B 951 30.80 16.11 -31.94
C SER B 951 30.73 16.92 -30.64
N GLN B 952 30.20 18.15 -30.73
CA GLN B 952 30.11 19.06 -29.57
C GLN B 952 28.88 18.79 -28.69
N ALA B 953 29.14 18.47 -27.42
CA ALA B 953 28.14 18.19 -26.39
C ALA B 953 27.38 19.48 -25.98
N PRO B 954 26.04 19.42 -25.79
CA PRO B 954 25.31 20.64 -25.40
C PRO B 954 25.56 21.04 -23.94
N ALA B 955 25.13 22.26 -23.56
CA ALA B 955 25.26 22.78 -22.20
C ALA B 955 24.17 22.11 -21.35
N LEU B 956 24.61 21.46 -20.26
CA LEU B 956 23.70 20.75 -19.36
C LEU B 956 23.45 21.48 -18.05
N PRO B 957 22.18 21.48 -17.57
CA PRO B 957 21.87 22.15 -16.31
C PRO B 957 22.42 21.40 -15.10
N GLN B 958 22.39 22.02 -13.92
CA GLN B 958 22.86 21.36 -12.69
C GLN B 958 21.81 20.30 -12.30
N PRO B 959 22.22 19.03 -12.10
CA PRO B 959 21.22 18.01 -11.74
C PRO B 959 20.83 18.04 -10.26
N GLU B 960 19.62 17.57 -9.97
CA GLU B 960 19.13 17.44 -8.59
C GLU B 960 19.61 16.07 -8.10
N VAL B 961 20.50 16.08 -7.11
CA VAL B 961 21.06 14.86 -6.57
C VAL B 961 20.07 14.21 -5.60
N ILE B 962 19.78 12.90 -5.86
CA ILE B 962 18.87 12.09 -5.05
C ILE B 962 19.72 11.52 -3.92
N GLN B 963 19.46 11.99 -2.70
CA GLN B 963 20.15 11.53 -1.50
C GLN B 963 19.35 10.35 -0.98
N ASN B 964 18.08 10.59 -0.57
CA ASN B 964 17.15 9.59 -0.04
C ASN B 964 16.07 9.28 -1.05
N MET B 965 15.99 8.00 -1.44
CA MET B 965 15.02 7.46 -2.37
C MET B 965 13.56 7.70 -1.96
N THR B 966 13.23 7.53 -0.67
CA THR B 966 11.85 7.70 -0.17
C THR B 966 11.38 9.16 -0.19
N GLU B 967 12.21 10.09 0.27
CA GLU B 967 11.91 11.53 0.26
C GLU B 967 11.68 12.04 -1.19
N PHE B 968 12.52 11.56 -2.13
CA PHE B 968 12.43 11.86 -3.56
C PHE B 968 11.04 11.45 -4.05
N LYS B 969 10.65 10.19 -3.74
CA LYS B 969 9.34 9.58 -4.03
C LYS B 969 8.17 10.36 -3.40
N ARG B 970 8.28 10.76 -2.10
CA ARG B 970 7.26 11.53 -1.37
C ARG B 970 6.99 12.89 -2.00
N GLY B 971 8.06 13.53 -2.50
CA GLY B 971 8.05 14.84 -3.16
C GLY B 971 7.51 14.93 -4.57
N LEU B 972 7.30 13.78 -5.25
CA LEU B 972 6.75 13.80 -6.61
C LEU B 972 5.36 13.12 -6.68
N PRO B 973 4.54 13.39 -7.74
CA PRO B 973 3.27 12.67 -7.86
C PRO B 973 3.47 11.28 -8.47
N LEU B 974 2.39 10.48 -8.48
CA LEU B 974 2.43 9.14 -9.07
C LEU B 974 1.51 9.09 -10.26
N PHE B 975 1.95 8.46 -11.34
CA PHE B 975 1.17 8.34 -12.57
C PHE B 975 -0.11 7.50 -12.38
N PRO B 976 -1.17 7.64 -13.22
CA PRO B 976 -2.31 6.71 -13.12
C PRO B 976 -1.87 5.33 -13.64
N LEU B 977 -2.76 4.35 -13.56
CA LEU B 977 -2.45 3.04 -14.11
C LEU B 977 -3.22 2.88 -15.41
N VAL B 978 -2.53 2.37 -16.47
CA VAL B 978 -3.06 2.18 -17.83
C VAL B 978 -4.39 1.36 -17.85
N LYS B 979 -5.37 1.89 -18.58
CA LYS B 979 -6.69 1.31 -18.73
C LYS B 979 -6.62 0.02 -19.59
N PRO B 980 -7.18 -1.13 -19.09
CA PRO B 980 -7.11 -2.38 -19.88
C PRO B 980 -7.97 -2.39 -21.14
N HIS B 981 -7.46 -3.05 -22.21
CA HIS B 981 -8.14 -3.23 -23.49
C HIS B 981 -9.23 -4.29 -23.29
N ILE B 982 -10.50 -3.90 -23.50
CA ILE B 982 -11.67 -4.76 -23.30
C ILE B 982 -12.23 -5.28 -24.64
N ASN B 983 -12.88 -6.48 -24.61
CA ASN B 983 -13.51 -7.16 -25.75
C ASN B 983 -14.79 -6.44 -26.16
#